data_179D
# 
_entry.id   179D 
# 
_audit_conform.dict_name       mmcif_pdbx.dic 
_audit_conform.dict_version    5.392 
_audit_conform.dict_location   http://mmcif.pdb.org/dictionaries/ascii/mmcif_pdbx.dic 
# 
loop_
_database_2.database_id 
_database_2.database_code 
_database_2.pdbx_database_accession 
_database_2.pdbx_DOI 
PDB   179D         pdb_0000179d 10.2210/pdb179d/pdb 
WWPDB D_1000170175 ?            ?                   
# 
loop_
_pdbx_audit_revision_history.ordinal 
_pdbx_audit_revision_history.data_content_type 
_pdbx_audit_revision_history.major_revision 
_pdbx_audit_revision_history.minor_revision 
_pdbx_audit_revision_history.revision_date 
1 'Structure model' 1 0 1994-07-31 
2 'Structure model' 1 1 2008-03-24 
3 'Structure model' 1 2 2011-07-13 
4 'Structure model' 1 3 2022-02-16 
5 'Structure model' 1 4 2024-05-22 
# 
_pdbx_audit_revision_details.ordinal             1 
_pdbx_audit_revision_details.revision_ordinal    1 
_pdbx_audit_revision_details.data_content_type   'Structure model' 
_pdbx_audit_revision_details.provider            repository 
_pdbx_audit_revision_details.type                'Initial release' 
_pdbx_audit_revision_details.description         ? 
_pdbx_audit_revision_details.details             ? 
# 
loop_
_pdbx_audit_revision_group.ordinal 
_pdbx_audit_revision_group.revision_ordinal 
_pdbx_audit_revision_group.data_content_type 
_pdbx_audit_revision_group.group 
1 2 'Structure model' 'Version format compliance' 
2 3 'Structure model' 'Version format compliance' 
3 4 'Structure model' 'Database references'       
4 4 'Structure model' 'Derived calculations'      
5 4 'Structure model' Other                       
6 5 'Structure model' 'Data collection'           
# 
loop_
_pdbx_audit_revision_category.ordinal 
_pdbx_audit_revision_category.revision_ordinal 
_pdbx_audit_revision_category.data_content_type 
_pdbx_audit_revision_category.category 
1 4 'Structure model' database_2            
2 4 'Structure model' pdbx_database_status  
3 4 'Structure model' pdbx_struct_assembly  
4 4 'Structure model' pdbx_struct_oper_list 
5 5 'Structure model' chem_comp_atom        
6 5 'Structure model' chem_comp_bond        
# 
loop_
_pdbx_audit_revision_item.ordinal 
_pdbx_audit_revision_item.revision_ordinal 
_pdbx_audit_revision_item.data_content_type 
_pdbx_audit_revision_item.item 
1 4 'Structure model' '_database_2.pdbx_DOI'                
2 4 'Structure model' '_database_2.pdbx_database_accession' 
3 4 'Structure model' '_pdbx_database_status.process_site'  
# 
_pdbx_database_status.status_code                     REL 
_pdbx_database_status.entry_id                        179D 
_pdbx_database_status.recvd_initial_deposition_date   1994-06-15 
_pdbx_database_status.deposit_site                    ? 
_pdbx_database_status.process_site                    BNL 
_pdbx_database_status.SG_entry                        . 
_pdbx_database_status.pdb_format_compatible           Y 
_pdbx_database_status.status_code_mr                  ? 
_pdbx_database_status.status_code_sf                  ? 
_pdbx_database_status.status_code_cs                  ? 
_pdbx_database_status.status_code_nmr_data            ? 
_pdbx_database_status.methods_development_category    ? 
# 
loop_
_audit_author.name 
_audit_author.pdbx_ordinal 
'Wang, Y.'    1 
'Patel, D.J.' 2 
# 
_citation.id                        primary 
_citation.title                     
'Solution structure of the d(T-C-G-A) duplex at acidic pH. A parallel-stranded helix containing C+ .C, G.G and A.A pairs.' 
_citation.journal_abbrev            J.Mol.Biol. 
_citation.journal_volume            242 
_citation.page_first                508 
_citation.page_last                 526 
_citation.year                      1994 
_citation.journal_id_ASTM           JMOBAK 
_citation.country                   UK 
_citation.journal_id_ISSN           0022-2836 
_citation.journal_id_CSD            0070 
_citation.book_publisher            ? 
_citation.pdbx_database_id_PubMed   7932707 
_citation.pdbx_database_id_DOI      ? 
# 
loop_
_citation_author.citation_id 
_citation_author.name 
_citation_author.ordinal 
_citation_author.identifier_ORCID 
primary 'Wang, Y.'    1 ? 
primary 'Patel, D.J.' 2 ? 
# 
_entity.id                         1 
_entity.type                       polymer 
_entity.src_method                 syn 
_entity.pdbx_description           
;DNA (5'-D(*TP*CP*GP*A)-3')
;
_entity.formula_weight             1190.830 
_entity.pdbx_number_of_molecules   2 
_entity.pdbx_ec                    ? 
_entity.pdbx_mutation              ? 
_entity.pdbx_fragment              ? 
_entity.details                    ? 
# 
_entity_poly.entity_id                      1 
_entity_poly.type                           polydeoxyribonucleotide 
_entity_poly.nstd_linkage                   no 
_entity_poly.nstd_monomer                   no 
_entity_poly.pdbx_seq_one_letter_code       '(DT)(DC)(DG)(DA)' 
_entity_poly.pdbx_seq_one_letter_code_can   TCGA 
_entity_poly.pdbx_strand_id                 A,B 
_entity_poly.pdbx_target_identifier         ? 
# 
loop_
_entity_poly_seq.entity_id 
_entity_poly_seq.num 
_entity_poly_seq.mon_id 
_entity_poly_seq.hetero 
1 1 DT n 
1 2 DC n 
1 3 DG n 
1 4 DA n 
# 
loop_
_chem_comp.id 
_chem_comp.type 
_chem_comp.mon_nstd_flag 
_chem_comp.name 
_chem_comp.pdbx_synonyms 
_chem_comp.formula 
_chem_comp.formula_weight 
DA 'DNA linking' y "2'-DEOXYADENOSINE-5'-MONOPHOSPHATE" ? 'C10 H14 N5 O6 P' 331.222 
DC 'DNA linking' y "2'-DEOXYCYTIDINE-5'-MONOPHOSPHATE"  ? 'C9 H14 N3 O7 P'  307.197 
DG 'DNA linking' y "2'-DEOXYGUANOSINE-5'-MONOPHOSPHATE" ? 'C10 H14 N5 O7 P' 347.221 
DT 'DNA linking' y "THYMIDINE-5'-MONOPHOSPHATE"         ? 'C10 H15 N2 O8 P' 322.208 
# 
loop_
_pdbx_poly_seq_scheme.asym_id 
_pdbx_poly_seq_scheme.entity_id 
_pdbx_poly_seq_scheme.seq_id 
_pdbx_poly_seq_scheme.mon_id 
_pdbx_poly_seq_scheme.ndb_seq_num 
_pdbx_poly_seq_scheme.pdb_seq_num 
_pdbx_poly_seq_scheme.auth_seq_num 
_pdbx_poly_seq_scheme.pdb_mon_id 
_pdbx_poly_seq_scheme.auth_mon_id 
_pdbx_poly_seq_scheme.pdb_strand_id 
_pdbx_poly_seq_scheme.pdb_ins_code 
_pdbx_poly_seq_scheme.hetero 
A 1 1 DT 1 1 1 DT T A . n 
A 1 2 DC 2 2 2 DC C A . n 
A 1 3 DG 3 3 3 DG G A . n 
A 1 4 DA 4 4 4 DA A A . n 
B 1 1 DT 1 5 5 DT T B . n 
B 1 2 DC 2 6 6 DC C B . n 
B 1 3 DG 3 7 7 DG G B . n 
B 1 4 DA 4 8 8 DA A B . n 
# 
loop_
_software.name 
_software.classification 
_software.version 
_software.citation_id 
_software.pdbx_ordinal 
X-PLOR 'model building' . ? 1 
X-PLOR refinement       . ? 2 
X-PLOR phasing          . ? 3 
# 
_cell.entry_id           179D 
_cell.length_a           1.000 
_cell.length_b           1.000 
_cell.length_c           1.000 
_cell.angle_alpha        90.00 
_cell.angle_beta         90.00 
_cell.angle_gamma        90.00 
_cell.Z_PDB              1 
_cell.pdbx_unique_axis   ? 
# 
_symmetry.entry_id                         179D 
_symmetry.space_group_name_H-M             'P 1' 
_symmetry.pdbx_full_space_group_name_H-M   ? 
_symmetry.cell_setting                     ? 
_symmetry.Int_Tables_number                1 
# 
_exptl.entry_id          179D 
_exptl.method            'SOLUTION NMR' 
_exptl.crystals_number   ? 
# 
_struct.entry_id                  179D 
_struct.title                     
'SOLUTION STRUCTURE OF THE D(T-C-G-A) DUPLEX AT ACIDIC PH: A PARALLEL-STRANDED HELIX CONTAINING C+.C, G.G AND A.A PAIRS' 
_struct.pdbx_model_details        ? 
_struct.pdbx_CASP_flag            ? 
_struct.pdbx_model_type_details   ? 
# 
_struct_keywords.entry_id        179D 
_struct_keywords.pdbx_keywords   DNA 
_struct_keywords.text            DNA 
# 
loop_
_struct_asym.id 
_struct_asym.pdbx_blank_PDB_chainid_flag 
_struct_asym.pdbx_modified 
_struct_asym.entity_id 
_struct_asym.details 
A N N 1 ? 
B N N 1 ? 
# 
_struct_ref.id                         1 
_struct_ref.entity_id                  1 
_struct_ref.db_name                    PDB 
_struct_ref.db_code                    179D 
_struct_ref.pdbx_db_accession          179D 
_struct_ref.pdbx_db_isoform            ? 
_struct_ref.pdbx_seq_one_letter_code   ? 
_struct_ref.pdbx_align_begin           ? 
# 
loop_
_struct_ref_seq.align_id 
_struct_ref_seq.ref_id 
_struct_ref_seq.pdbx_PDB_id_code 
_struct_ref_seq.pdbx_strand_id 
_struct_ref_seq.seq_align_beg 
_struct_ref_seq.pdbx_seq_align_beg_ins_code 
_struct_ref_seq.seq_align_end 
_struct_ref_seq.pdbx_seq_align_end_ins_code 
_struct_ref_seq.pdbx_db_accession 
_struct_ref_seq.db_align_beg 
_struct_ref_seq.pdbx_db_align_beg_ins_code 
_struct_ref_seq.db_align_end 
_struct_ref_seq.pdbx_db_align_end_ins_code 
_struct_ref_seq.pdbx_auth_seq_align_beg 
_struct_ref_seq.pdbx_auth_seq_align_end 
1 1 179D A 1 ? 4 ? 179D 1 ? 4 ? 1 4 
2 1 179D B 1 ? 4 ? 179D 5 ? 8 ? 5 8 
# 
_pdbx_struct_assembly.id                   1 
_pdbx_struct_assembly.details              author_defined_assembly 
_pdbx_struct_assembly.method_details       ? 
_pdbx_struct_assembly.oligomeric_details   dimeric 
_pdbx_struct_assembly.oligomeric_count     2 
# 
_pdbx_struct_assembly_gen.assembly_id       1 
_pdbx_struct_assembly_gen.oper_expression   1 
_pdbx_struct_assembly_gen.asym_id_list      A,B 
# 
_pdbx_struct_oper_list.id                   1 
_pdbx_struct_oper_list.type                 'identity operation' 
_pdbx_struct_oper_list.name                 1_555 
_pdbx_struct_oper_list.symmetry_operation   x,y,z 
_pdbx_struct_oper_list.matrix[1][1]         1.0000000000 
_pdbx_struct_oper_list.matrix[1][2]         0.0000000000 
_pdbx_struct_oper_list.matrix[1][3]         0.0000000000 
_pdbx_struct_oper_list.vector[1]            0.0000000000 
_pdbx_struct_oper_list.matrix[2][1]         0.0000000000 
_pdbx_struct_oper_list.matrix[2][2]         1.0000000000 
_pdbx_struct_oper_list.matrix[2][3]         0.0000000000 
_pdbx_struct_oper_list.vector[2]            0.0000000000 
_pdbx_struct_oper_list.matrix[3][1]         0.0000000000 
_pdbx_struct_oper_list.matrix[3][2]         0.0000000000 
_pdbx_struct_oper_list.matrix[3][3]         1.0000000000 
_pdbx_struct_oper_list.vector[3]            0.0000000000 
# 
_struct_biol.id   1 
# 
loop_
_struct_conn.id 
_struct_conn.conn_type_id 
_struct_conn.pdbx_leaving_atom_flag 
_struct_conn.pdbx_PDB_id 
_struct_conn.ptnr1_label_asym_id 
_struct_conn.ptnr1_label_comp_id 
_struct_conn.ptnr1_label_seq_id 
_struct_conn.ptnr1_label_atom_id 
_struct_conn.pdbx_ptnr1_label_alt_id 
_struct_conn.pdbx_ptnr1_PDB_ins_code 
_struct_conn.pdbx_ptnr1_standard_comp_id 
_struct_conn.ptnr1_symmetry 
_struct_conn.ptnr2_label_asym_id 
_struct_conn.ptnr2_label_comp_id 
_struct_conn.ptnr2_label_seq_id 
_struct_conn.ptnr2_label_atom_id 
_struct_conn.pdbx_ptnr2_label_alt_id 
_struct_conn.pdbx_ptnr2_PDB_ins_code 
_struct_conn.ptnr1_auth_asym_id 
_struct_conn.ptnr1_auth_comp_id 
_struct_conn.ptnr1_auth_seq_id 
_struct_conn.ptnr2_auth_asym_id 
_struct_conn.ptnr2_auth_comp_id 
_struct_conn.ptnr2_auth_seq_id 
_struct_conn.ptnr2_symmetry 
_struct_conn.pdbx_ptnr3_label_atom_id 
_struct_conn.pdbx_ptnr3_label_seq_id 
_struct_conn.pdbx_ptnr3_label_comp_id 
_struct_conn.pdbx_ptnr3_label_asym_id 
_struct_conn.pdbx_ptnr3_label_alt_id 
_struct_conn.pdbx_ptnr3_PDB_ins_code 
_struct_conn.details 
_struct_conn.pdbx_dist_value 
_struct_conn.pdbx_value_order 
_struct_conn.pdbx_role 
hydrog1 hydrog ? ? A DC 2 N4 ? ? ? 1_555 B DC 2 O2 ? ? A DC 2 B DC 6 1_555 ? ? ? ? ? ? TYPE_15_PAIR ? ? ? 
hydrog2 hydrog ? ? A DC 2 O2 ? ? ? 1_555 B DC 2 N4 ? ? A DC 2 B DC 6 1_555 ? ? ? ? ? ? TYPE_15_PAIR ? ? ? 
hydrog3 hydrog ? ? A DG 3 N2 ? ? ? 1_555 B DC 2 O2 ? ? A DG 3 B DC 6 1_555 ? ? ? ? ? ? 'DG-DC PAIR' ? ? ? 
hydrog4 hydrog ? ? A DG 3 N2 ? ? ? 1_555 B DG 3 N3 ? ? A DG 3 B DG 7 1_555 ? ? ? ? ? ? TYPE_4_PAIR  ? ? ? 
hydrog5 hydrog ? ? A DG 3 N3 ? ? ? 1_555 B DG 3 N2 ? ? A DG 3 B DG 7 1_555 ? ? ? ? ? ? TYPE_4_PAIR  ? ? ? 
hydrog6 hydrog ? ? A DA 4 N6 ? ? ? 1_555 B DA 4 N7 ? ? A DA 4 B DA 8 1_555 ? ? ? ? ? ? TYPE_2_PAIR  ? ? ? 
hydrog7 hydrog ? ? A DA 4 N7 ? ? ? 1_555 B DA 4 N6 ? ? A DA 4 B DA 8 1_555 ? ? ? ? ? ? TYPE_2_PAIR  ? ? ? 
# 
_struct_conn_type.id          hydrog 
_struct_conn_type.criteria    ? 
_struct_conn_type.reference   ? 
# 
loop_
_pdbx_validate_close_contact.id 
_pdbx_validate_close_contact.PDB_model_num 
_pdbx_validate_close_contact.auth_atom_id_1 
_pdbx_validate_close_contact.auth_asym_id_1 
_pdbx_validate_close_contact.auth_comp_id_1 
_pdbx_validate_close_contact.auth_seq_id_1 
_pdbx_validate_close_contact.PDB_ins_code_1 
_pdbx_validate_close_contact.label_alt_id_1 
_pdbx_validate_close_contact.auth_atom_id_2 
_pdbx_validate_close_contact.auth_asym_id_2 
_pdbx_validate_close_contact.auth_comp_id_2 
_pdbx_validate_close_contact.auth_seq_id_2 
_pdbx_validate_close_contact.PDB_ins_code_2 
_pdbx_validate_close_contact.label_alt_id_2 
_pdbx_validate_close_contact.dist 
1 2 "HO5'" A DT 1 ? ? OP1 A DC 2 ? ? 1.54 
2 6 "HO5'" A DT 1 ? ? OP1 A DC 2 ? ? 1.49 
3 6 "HO5'" B DT 5 ? ? OP1 B DC 6 ? ? 1.54 
# 
loop_
_pdbx_validate_rmsd_bond.id 
_pdbx_validate_rmsd_bond.PDB_model_num 
_pdbx_validate_rmsd_bond.auth_atom_id_1 
_pdbx_validate_rmsd_bond.auth_asym_id_1 
_pdbx_validate_rmsd_bond.auth_comp_id_1 
_pdbx_validate_rmsd_bond.auth_seq_id_1 
_pdbx_validate_rmsd_bond.PDB_ins_code_1 
_pdbx_validate_rmsd_bond.label_alt_id_1 
_pdbx_validate_rmsd_bond.auth_atom_id_2 
_pdbx_validate_rmsd_bond.auth_asym_id_2 
_pdbx_validate_rmsd_bond.auth_comp_id_2 
_pdbx_validate_rmsd_bond.auth_seq_id_2 
_pdbx_validate_rmsd_bond.PDB_ins_code_2 
_pdbx_validate_rmsd_bond.label_alt_id_2 
_pdbx_validate_rmsd_bond.bond_value 
_pdbx_validate_rmsd_bond.bond_target_value 
_pdbx_validate_rmsd_bond.bond_deviation 
_pdbx_validate_rmsd_bond.bond_standard_deviation 
_pdbx_validate_rmsd_bond.linker_flag 
1  1 "C5'" A DG 3 ? ? "C4'" A DG 3 ? ? 1.563 1.512 0.051 0.007 N 
2  1 "C5'" B DG 7 ? ? "C4'" B DG 7 ? ? 1.563 1.512 0.051 0.007 N 
3  2 C5    A DT 1 ? ? C7    A DT 1 ? ? 1.534 1.496 0.038 0.006 N 
4  2 "C5'" A DG 3 ? ? "C4'" A DG 3 ? ? 1.562 1.512 0.050 0.007 N 
5  2 C5    B DT 5 ? ? C7    B DT 5 ? ? 1.534 1.496 0.038 0.006 N 
6  2 "C5'" B DG 7 ? ? "C4'" B DG 7 ? ? 1.561 1.512 0.049 0.007 N 
7  3 C5    A DT 1 ? ? C7    A DT 1 ? ? 1.535 1.496 0.039 0.006 N 
8  3 "C5'" A DG 3 ? ? "C4'" A DG 3 ? ? 1.556 1.512 0.044 0.007 N 
9  3 C5    B DT 5 ? ? C7    B DT 5 ? ? 1.534 1.496 0.038 0.006 N 
10 3 "C5'" B DG 7 ? ? "C4'" B DG 7 ? ? 1.556 1.512 0.044 0.007 N 
11 4 C5    A DT 1 ? ? C7    A DT 1 ? ? 1.535 1.496 0.039 0.006 N 
12 4 "C5'" A DG 3 ? ? "C4'" A DG 3 ? ? 1.558 1.512 0.046 0.007 N 
13 4 C5    B DT 5 ? ? C7    B DT 5 ? ? 1.535 1.496 0.039 0.006 N 
14 4 "C5'" B DG 7 ? ? "C4'" B DG 7 ? ? 1.557 1.512 0.045 0.007 N 
15 5 C5    A DT 1 ? ? C7    A DT 1 ? ? 1.535 1.496 0.039 0.006 N 
16 5 "C5'" A DG 3 ? ? "C4'" A DG 3 ? ? 1.564 1.512 0.052 0.007 N 
17 5 C5    B DT 5 ? ? C7    B DT 5 ? ? 1.533 1.496 0.037 0.006 N 
18 5 "C5'" B DG 7 ? ? "C4'" B DG 7 ? ? 1.562 1.512 0.050 0.007 N 
19 6 "C5'" A DG 3 ? ? "C4'" A DG 3 ? ? 1.567 1.512 0.055 0.007 N 
20 6 "C5'" B DG 7 ? ? "C4'" B DG 7 ? ? 1.566 1.512 0.054 0.007 N 
# 
loop_
_pdbx_validate_rmsd_angle.id 
_pdbx_validate_rmsd_angle.PDB_model_num 
_pdbx_validate_rmsd_angle.auth_atom_id_1 
_pdbx_validate_rmsd_angle.auth_asym_id_1 
_pdbx_validate_rmsd_angle.auth_comp_id_1 
_pdbx_validate_rmsd_angle.auth_seq_id_1 
_pdbx_validate_rmsd_angle.PDB_ins_code_1 
_pdbx_validate_rmsd_angle.label_alt_id_1 
_pdbx_validate_rmsd_angle.auth_atom_id_2 
_pdbx_validate_rmsd_angle.auth_asym_id_2 
_pdbx_validate_rmsd_angle.auth_comp_id_2 
_pdbx_validate_rmsd_angle.auth_seq_id_2 
_pdbx_validate_rmsd_angle.PDB_ins_code_2 
_pdbx_validate_rmsd_angle.label_alt_id_2 
_pdbx_validate_rmsd_angle.auth_atom_id_3 
_pdbx_validate_rmsd_angle.auth_asym_id_3 
_pdbx_validate_rmsd_angle.auth_comp_id_3 
_pdbx_validate_rmsd_angle.auth_seq_id_3 
_pdbx_validate_rmsd_angle.PDB_ins_code_3 
_pdbx_validate_rmsd_angle.label_alt_id_3 
_pdbx_validate_rmsd_angle.angle_value 
_pdbx_validate_rmsd_angle.angle_target_value 
_pdbx_validate_rmsd_angle.angle_deviation 
_pdbx_validate_rmsd_angle.angle_standard_deviation 
_pdbx_validate_rmsd_angle.linker_flag 
1  1 C6    A DT 1 ? ? C5    A DT 1 ? ? C7    A DT 1 ? ? 119.13 122.90 -3.77 0.60 N 
2  1 "C3'" A DC 2 ? ? "C2'" A DC 2 ? ? "C1'" A DC 2 ? ? 96.41  102.40 -5.99 0.80 N 
3  1 "O4'" A DG 3 ? ? "C1'" A DG 3 ? ? N9    A DG 3 ? ? 112.57 108.30 4.27  0.30 N 
4  1 N3    B DT 5 ? ? C2    B DT 5 ? ? O2    B DT 5 ? ? 118.69 122.30 -3.61 0.60 N 
5  1 C6    B DT 5 ? ? C5    B DT 5 ? ? C7    B DT 5 ? ? 119.14 122.90 -3.76 0.60 N 
6  1 "C3'" B DC 6 ? ? "C2'" B DC 6 ? ? "C1'" B DC 6 ? ? 97.52  102.40 -4.88 0.80 N 
7  1 "O4'" B DC 6 ? ? "C1'" B DC 6 ? ? N1    B DC 6 ? ? 103.80 108.00 -4.20 0.70 N 
8  1 "O4'" B DG 7 ? ? "C1'" B DG 7 ? ? N9    B DG 7 ? ? 112.57 108.30 4.27  0.30 N 
9  2 C6    A DT 1 ? ? C5    A DT 1 ? ? C7    A DT 1 ? ? 118.95 122.90 -3.95 0.60 N 
10 2 "C3'" A DC 2 ? ? "C2'" A DC 2 ? ? "C1'" A DC 2 ? ? 96.35  102.40 -6.05 0.80 N 
11 2 "O4'" A DC 2 ? ? "C1'" A DC 2 ? ? N1    A DC 2 ? ? 103.54 108.00 -4.46 0.70 N 
12 2 "O4'" A DG 3 ? ? "C1'" A DG 3 ? ? N9    A DG 3 ? ? 112.32 108.30 4.02  0.30 N 
13 2 C6    B DT 5 ? ? C5    B DT 5 ? ? C7    B DT 5 ? ? 118.86 122.90 -4.04 0.60 N 
14 2 "C3'" B DC 6 ? ? "C2'" B DC 6 ? ? "C1'" B DC 6 ? ? 97.40  102.40 -5.00 0.80 N 
15 2 "O4'" B DC 6 ? ? "C1'" B DC 6 ? ? N1    B DC 6 ? ? 103.50 108.00 -4.50 0.70 N 
16 2 "O4'" B DG 7 ? ? "C1'" B DG 7 ? ? N9    B DG 7 ? ? 112.23 108.30 3.93  0.30 N 
17 3 C2    A DC 2 ? ? N3    A DC 2 ? ? C4    A DC 2 ? ? 122.92 119.90 3.02  0.50 N 
18 3 "C3'" A DC 2 ? ? "O3'" A DC 2 ? ? P     A DG 3 ? ? 128.80 119.70 9.10  1.20 Y 
19 3 "O4'" A DG 3 ? ? "C1'" A DG 3 ? ? N9    A DG 3 ? ? 112.29 108.30 3.99  0.30 N 
20 3 "C3'" B DC 6 ? ? "O3'" B DC 6 ? ? P     B DG 7 ? ? 128.03 119.70 8.33  1.20 Y 
21 3 "O4'" B DG 7 ? ? "C1'" B DG 7 ? ? N9    B DG 7 ? ? 112.43 108.30 4.13  0.30 N 
22 4 C6    A DT 1 ? ? C5    A DT 1 ? ? C7    A DT 1 ? ? 119.30 122.90 -3.60 0.60 N 
23 4 N1    A DC 2 ? ? C2    A DC 2 ? ? O2    A DC 2 ? ? 122.55 118.90 3.65  0.60 N 
24 4 "C3'" A DC 2 ? ? "O3'" A DC 2 ? ? P     A DG 3 ? ? 127.80 119.70 8.10  1.20 Y 
25 4 "O4'" A DG 3 ? ? "C1'" A DG 3 ? ? N9    A DG 3 ? ? 112.27 108.30 3.97  0.30 N 
26 4 N3    B DT 5 ? ? C2    B DT 5 ? ? O2    B DT 5 ? ? 118.68 122.30 -3.62 0.60 N 
27 4 "C3'" B DC 6 ? ? "O3'" B DC 6 ? ? P     B DG 7 ? ? 127.66 119.70 7.96  1.20 Y 
28 4 "O4'" B DG 7 ? ? "C1'" B DG 7 ? ? N9    B DG 7 ? ? 112.37 108.30 4.07  0.30 N 
29 5 "O4'" A DT 1 ? ? "C1'" A DT 1 ? ? N1    A DT 1 ? ? 110.61 108.30 2.31  0.30 N 
30 5 "C3'" A DC 2 ? ? "C2'" A DC 2 ? ? "C1'" A DC 2 ? ? 96.04  102.40 -6.36 0.80 N 
31 5 "O4'" A DC 2 ? ? "C1'" A DC 2 ? ? N1    A DC 2 ? ? 103.57 108.00 -4.43 0.70 N 
32 5 "O4'" A DG 3 ? ? "C1'" A DG 3 ? ? N9    A DG 3 ? ? 112.60 108.30 4.30  0.30 N 
33 5 "O4'" B DT 5 ? ? "C1'" B DT 5 ? ? N1    B DT 5 ? ? 110.69 108.30 2.39  0.30 N 
34 5 "C3'" B DC 6 ? ? "C2'" B DC 6 ? ? "C1'" B DC 6 ? ? 97.42  102.40 -4.98 0.80 N 
35 5 "O4'" B DC 6 ? ? "C1'" B DC 6 ? ? N1    B DC 6 ? ? 103.51 108.00 -4.49 0.70 N 
36 5 "O4'" B DG 7 ? ? "C1'" B DG 7 ? ? N9    B DG 7 ? ? 112.64 108.30 4.34  0.30 N 
37 6 "O4'" A DT 1 ? ? "C1'" A DT 1 ? ? N1    A DT 1 ? ? 110.23 108.30 1.93  0.30 N 
38 6 N3    A DT 1 ? ? C2    A DT 1 ? ? O2    A DT 1 ? ? 118.67 122.30 -3.63 0.60 N 
39 6 C6    A DT 1 ? ? C5    A DT 1 ? ? C7    A DT 1 ? ? 119.01 122.90 -3.89 0.60 N 
40 6 "C3'" A DC 2 ? ? "C2'" A DC 2 ? ? "C1'" A DC 2 ? ? 96.30  102.40 -6.10 0.80 N 
41 6 "O4'" A DG 3 ? ? "C1'" A DG 3 ? ? N9    A DG 3 ? ? 112.65 108.30 4.35  0.30 N 
42 6 "O4'" B DT 5 ? ? "C1'" B DT 5 ? ? N1    B DT 5 ? ? 110.25 108.30 1.95  0.30 N 
43 6 N3    B DT 5 ? ? C2    B DT 5 ? ? O2    B DT 5 ? ? 118.59 122.30 -3.71 0.60 N 
44 6 C6    B DT 5 ? ? C5    B DT 5 ? ? C7    B DT 5 ? ? 118.98 122.90 -3.92 0.60 N 
45 6 "O4'" B DC 6 ? ? "C1'" B DC 6 ? ? N1    B DC 6 ? ? 103.24 108.00 -4.76 0.70 N 
46 6 "O4'" B DG 7 ? ? "C1'" B DG 7 ? ? N9    B DG 7 ? ? 112.79 108.30 4.49  0.30 N 
# 
_pdbx_nmr_ensemble.entry_id                             179D 
_pdbx_nmr_ensemble.conformers_calculated_total_number   ? 
_pdbx_nmr_ensemble.conformers_submitted_total_number    6 
_pdbx_nmr_ensemble.conformer_selection_criteria         ? 
# 
loop_
_chem_comp_atom.comp_id 
_chem_comp_atom.atom_id 
_chem_comp_atom.type_symbol 
_chem_comp_atom.pdbx_aromatic_flag 
_chem_comp_atom.pdbx_stereo_config 
_chem_comp_atom.pdbx_ordinal 
DA OP3    O N N 1   
DA P      P N N 2   
DA OP1    O N N 3   
DA OP2    O N N 4   
DA "O5'"  O N N 5   
DA "C5'"  C N N 6   
DA "C4'"  C N R 7   
DA "O4'"  O N N 8   
DA "C3'"  C N S 9   
DA "O3'"  O N N 10  
DA "C2'"  C N N 11  
DA "C1'"  C N R 12  
DA N9     N Y N 13  
DA C8     C Y N 14  
DA N7     N Y N 15  
DA C5     C Y N 16  
DA C6     C Y N 17  
DA N6     N N N 18  
DA N1     N Y N 19  
DA C2     C Y N 20  
DA N3     N Y N 21  
DA C4     C Y N 22  
DA HOP3   H N N 23  
DA HOP2   H N N 24  
DA "H5'"  H N N 25  
DA "H5''" H N N 26  
DA "H4'"  H N N 27  
DA "H3'"  H N N 28  
DA "HO3'" H N N 29  
DA "H2'"  H N N 30  
DA "H2''" H N N 31  
DA "H1'"  H N N 32  
DA H8     H N N 33  
DA H61    H N N 34  
DA H62    H N N 35  
DA H2     H N N 36  
DC OP3    O N N 37  
DC P      P N N 38  
DC OP1    O N N 39  
DC OP2    O N N 40  
DC "O5'"  O N N 41  
DC "C5'"  C N N 42  
DC "C4'"  C N R 43  
DC "O4'"  O N N 44  
DC "C3'"  C N S 45  
DC "O3'"  O N N 46  
DC "C2'"  C N N 47  
DC "C1'"  C N R 48  
DC N1     N N N 49  
DC C2     C N N 50  
DC O2     O N N 51  
DC N3     N N N 52  
DC C4     C N N 53  
DC N4     N N N 54  
DC C5     C N N 55  
DC C6     C N N 56  
DC HOP3   H N N 57  
DC HOP2   H N N 58  
DC "H5'"  H N N 59  
DC "H5''" H N N 60  
DC "H4'"  H N N 61  
DC "H3'"  H N N 62  
DC "HO3'" H N N 63  
DC "H2'"  H N N 64  
DC "H2''" H N N 65  
DC "H1'"  H N N 66  
DC H41    H N N 67  
DC H42    H N N 68  
DC H5     H N N 69  
DC H6     H N N 70  
DG OP3    O N N 71  
DG P      P N N 72  
DG OP1    O N N 73  
DG OP2    O N N 74  
DG "O5'"  O N N 75  
DG "C5'"  C N N 76  
DG "C4'"  C N R 77  
DG "O4'"  O N N 78  
DG "C3'"  C N S 79  
DG "O3'"  O N N 80  
DG "C2'"  C N N 81  
DG "C1'"  C N R 82  
DG N9     N Y N 83  
DG C8     C Y N 84  
DG N7     N Y N 85  
DG C5     C Y N 86  
DG C6     C N N 87  
DG O6     O N N 88  
DG N1     N N N 89  
DG C2     C N N 90  
DG N2     N N N 91  
DG N3     N N N 92  
DG C4     C Y N 93  
DG HOP3   H N N 94  
DG HOP2   H N N 95  
DG "H5'"  H N N 96  
DG "H5''" H N N 97  
DG "H4'"  H N N 98  
DG "H3'"  H N N 99  
DG "HO3'" H N N 100 
DG "H2'"  H N N 101 
DG "H2''" H N N 102 
DG "H1'"  H N N 103 
DG H8     H N N 104 
DG H1     H N N 105 
DG H21    H N N 106 
DG H22    H N N 107 
DT OP3    O N N 108 
DT P      P N N 109 
DT OP1    O N N 110 
DT OP2    O N N 111 
DT "O5'"  O N N 112 
DT "C5'"  C N N 113 
DT "C4'"  C N R 114 
DT "O4'"  O N N 115 
DT "C3'"  C N S 116 
DT "O3'"  O N N 117 
DT "C2'"  C N N 118 
DT "C1'"  C N R 119 
DT N1     N N N 120 
DT C2     C N N 121 
DT O2     O N N 122 
DT N3     N N N 123 
DT C4     C N N 124 
DT O4     O N N 125 
DT C5     C N N 126 
DT C7     C N N 127 
DT C6     C N N 128 
DT HOP3   H N N 129 
DT HOP2   H N N 130 
DT "H5'"  H N N 131 
DT "H5''" H N N 132 
DT "H4'"  H N N 133 
DT "H3'"  H N N 134 
DT "HO3'" H N N 135 
DT "H2'"  H N N 136 
DT "H2''" H N N 137 
DT "H1'"  H N N 138 
DT H3     H N N 139 
DT H71    H N N 140 
DT H72    H N N 141 
DT H73    H N N 142 
DT H6     H N N 143 
# 
loop_
_chem_comp_bond.comp_id 
_chem_comp_bond.atom_id_1 
_chem_comp_bond.atom_id_2 
_chem_comp_bond.value_order 
_chem_comp_bond.pdbx_aromatic_flag 
_chem_comp_bond.pdbx_stereo_config 
_chem_comp_bond.pdbx_ordinal 
DA OP3   P      sing N N 1   
DA OP3   HOP3   sing N N 2   
DA P     OP1    doub N N 3   
DA P     OP2    sing N N 4   
DA P     "O5'"  sing N N 5   
DA OP2   HOP2   sing N N 6   
DA "O5'" "C5'"  sing N N 7   
DA "C5'" "C4'"  sing N N 8   
DA "C5'" "H5'"  sing N N 9   
DA "C5'" "H5''" sing N N 10  
DA "C4'" "O4'"  sing N N 11  
DA "C4'" "C3'"  sing N N 12  
DA "C4'" "H4'"  sing N N 13  
DA "O4'" "C1'"  sing N N 14  
DA "C3'" "O3'"  sing N N 15  
DA "C3'" "C2'"  sing N N 16  
DA "C3'" "H3'"  sing N N 17  
DA "O3'" "HO3'" sing N N 18  
DA "C2'" "C1'"  sing N N 19  
DA "C2'" "H2'"  sing N N 20  
DA "C2'" "H2''" sing N N 21  
DA "C1'" N9     sing N N 22  
DA "C1'" "H1'"  sing N N 23  
DA N9    C8     sing Y N 24  
DA N9    C4     sing Y N 25  
DA C8    N7     doub Y N 26  
DA C8    H8     sing N N 27  
DA N7    C5     sing Y N 28  
DA C5    C6     sing Y N 29  
DA C5    C4     doub Y N 30  
DA C6    N6     sing N N 31  
DA C6    N1     doub Y N 32  
DA N6    H61    sing N N 33  
DA N6    H62    sing N N 34  
DA N1    C2     sing Y N 35  
DA C2    N3     doub Y N 36  
DA C2    H2     sing N N 37  
DA N3    C4     sing Y N 38  
DC OP3   P      sing N N 39  
DC OP3   HOP3   sing N N 40  
DC P     OP1    doub N N 41  
DC P     OP2    sing N N 42  
DC P     "O5'"  sing N N 43  
DC OP2   HOP2   sing N N 44  
DC "O5'" "C5'"  sing N N 45  
DC "C5'" "C4'"  sing N N 46  
DC "C5'" "H5'"  sing N N 47  
DC "C5'" "H5''" sing N N 48  
DC "C4'" "O4'"  sing N N 49  
DC "C4'" "C3'"  sing N N 50  
DC "C4'" "H4'"  sing N N 51  
DC "O4'" "C1'"  sing N N 52  
DC "C3'" "O3'"  sing N N 53  
DC "C3'" "C2'"  sing N N 54  
DC "C3'" "H3'"  sing N N 55  
DC "O3'" "HO3'" sing N N 56  
DC "C2'" "C1'"  sing N N 57  
DC "C2'" "H2'"  sing N N 58  
DC "C2'" "H2''" sing N N 59  
DC "C1'" N1     sing N N 60  
DC "C1'" "H1'"  sing N N 61  
DC N1    C2     sing N N 62  
DC N1    C6     sing N N 63  
DC C2    O2     doub N N 64  
DC C2    N3     sing N N 65  
DC N3    C4     doub N N 66  
DC C4    N4     sing N N 67  
DC C4    C5     sing N N 68  
DC N4    H41    sing N N 69  
DC N4    H42    sing N N 70  
DC C5    C6     doub N N 71  
DC C5    H5     sing N N 72  
DC C6    H6     sing N N 73  
DG OP3   P      sing N N 74  
DG OP3   HOP3   sing N N 75  
DG P     OP1    doub N N 76  
DG P     OP2    sing N N 77  
DG P     "O5'"  sing N N 78  
DG OP2   HOP2   sing N N 79  
DG "O5'" "C5'"  sing N N 80  
DG "C5'" "C4'"  sing N N 81  
DG "C5'" "H5'"  sing N N 82  
DG "C5'" "H5''" sing N N 83  
DG "C4'" "O4'"  sing N N 84  
DG "C4'" "C3'"  sing N N 85  
DG "C4'" "H4'"  sing N N 86  
DG "O4'" "C1'"  sing N N 87  
DG "C3'" "O3'"  sing N N 88  
DG "C3'" "C2'"  sing N N 89  
DG "C3'" "H3'"  sing N N 90  
DG "O3'" "HO3'" sing N N 91  
DG "C2'" "C1'"  sing N N 92  
DG "C2'" "H2'"  sing N N 93  
DG "C2'" "H2''" sing N N 94  
DG "C1'" N9     sing N N 95  
DG "C1'" "H1'"  sing N N 96  
DG N9    C8     sing Y N 97  
DG N9    C4     sing Y N 98  
DG C8    N7     doub Y N 99  
DG C8    H8     sing N N 100 
DG N7    C5     sing Y N 101 
DG C5    C6     sing N N 102 
DG C5    C4     doub Y N 103 
DG C6    O6     doub N N 104 
DG C6    N1     sing N N 105 
DG N1    C2     sing N N 106 
DG N1    H1     sing N N 107 
DG C2    N2     sing N N 108 
DG C2    N3     doub N N 109 
DG N2    H21    sing N N 110 
DG N2    H22    sing N N 111 
DG N3    C4     sing N N 112 
DT OP3   P      sing N N 113 
DT OP3   HOP3   sing N N 114 
DT P     OP1    doub N N 115 
DT P     OP2    sing N N 116 
DT P     "O5'"  sing N N 117 
DT OP2   HOP2   sing N N 118 
DT "O5'" "C5'"  sing N N 119 
DT "C5'" "C4'"  sing N N 120 
DT "C5'" "H5'"  sing N N 121 
DT "C5'" "H5''" sing N N 122 
DT "C4'" "O4'"  sing N N 123 
DT "C4'" "C3'"  sing N N 124 
DT "C4'" "H4'"  sing N N 125 
DT "O4'" "C1'"  sing N N 126 
DT "C3'" "O3'"  sing N N 127 
DT "C3'" "C2'"  sing N N 128 
DT "C3'" "H3'"  sing N N 129 
DT "O3'" "HO3'" sing N N 130 
DT "C2'" "C1'"  sing N N 131 
DT "C2'" "H2'"  sing N N 132 
DT "C2'" "H2''" sing N N 133 
DT "C1'" N1     sing N N 134 
DT "C1'" "H1'"  sing N N 135 
DT N1    C2     sing N N 136 
DT N1    C6     sing N N 137 
DT C2    O2     doub N N 138 
DT C2    N3     sing N N 139 
DT N3    C4     sing N N 140 
DT N3    H3     sing N N 141 
DT C4    O4     doub N N 142 
DT C4    C5     sing N N 143 
DT C5    C7     sing N N 144 
DT C5    C6     doub N N 145 
DT C7    H71    sing N N 146 
DT C7    H72    sing N N 147 
DT C7    H73    sing N N 148 
DT C6    H6     sing N N 149 
# 
loop_
_ndb_struct_conf_na.entry_id 
_ndb_struct_conf_na.feature 
179D 'double helix'         
179D 'parallel strands'     
179D 'mismatched base pair' 
# 
loop_
_ndb_struct_na_base_pair.model_number 
_ndb_struct_na_base_pair.i_label_asym_id 
_ndb_struct_na_base_pair.i_label_comp_id 
_ndb_struct_na_base_pair.i_label_seq_id 
_ndb_struct_na_base_pair.i_symmetry 
_ndb_struct_na_base_pair.j_label_asym_id 
_ndb_struct_na_base_pair.j_label_comp_id 
_ndb_struct_na_base_pair.j_label_seq_id 
_ndb_struct_na_base_pair.j_symmetry 
_ndb_struct_na_base_pair.shear 
_ndb_struct_na_base_pair.stretch 
_ndb_struct_na_base_pair.stagger 
_ndb_struct_na_base_pair.buckle 
_ndb_struct_na_base_pair.propeller 
_ndb_struct_na_base_pair.opening 
_ndb_struct_na_base_pair.pair_number 
_ndb_struct_na_base_pair.pair_name 
_ndb_struct_na_base_pair.i_auth_asym_id 
_ndb_struct_na_base_pair.i_auth_seq_id 
_ndb_struct_na_base_pair.i_PDB_ins_code 
_ndb_struct_na_base_pair.j_auth_asym_id 
_ndb_struct_na_base_pair.j_auth_seq_id 
_ndb_struct_na_base_pair.j_PDB_ins_code 
_ndb_struct_na_base_pair.hbond_type_28 
_ndb_struct_na_base_pair.hbond_type_12 
1 A DC 2 1_555 B DC 2 1_555 -1.726 -1.423 -0.630 6.648  35.545 -179.522 1 A_DC2:DC6_B A 2 ? B 6 ? 15 2  
1 A DG 3 1_555 B DG 3 1_555 -3.637 -7.857 -0.033 21.624 -6.393 -179.741 2 A_DG3:DG7_B A 3 ? B 7 ? 4  12 
1 A DA 4 1_555 B DA 4 1_555 -6.414 4.916  0.017  -7.817 17.896 -179.779 3 A_DA4:DA8_B A 4 ? B 8 ? 2  8  
# 
loop_
_ndb_struct_na_base_pair_step.model_number 
_ndb_struct_na_base_pair_step.i_label_asym_id_1 
_ndb_struct_na_base_pair_step.i_label_comp_id_1 
_ndb_struct_na_base_pair_step.i_label_seq_id_1 
_ndb_struct_na_base_pair_step.i_symmetry_1 
_ndb_struct_na_base_pair_step.j_label_asym_id_1 
_ndb_struct_na_base_pair_step.j_label_comp_id_1 
_ndb_struct_na_base_pair_step.j_label_seq_id_1 
_ndb_struct_na_base_pair_step.j_symmetry_1 
_ndb_struct_na_base_pair_step.i_label_asym_id_2 
_ndb_struct_na_base_pair_step.i_label_comp_id_2 
_ndb_struct_na_base_pair_step.i_label_seq_id_2 
_ndb_struct_na_base_pair_step.i_symmetry_2 
_ndb_struct_na_base_pair_step.j_label_asym_id_2 
_ndb_struct_na_base_pair_step.j_label_comp_id_2 
_ndb_struct_na_base_pair_step.j_label_seq_id_2 
_ndb_struct_na_base_pair_step.j_symmetry_2 
_ndb_struct_na_base_pair_step.shift 
_ndb_struct_na_base_pair_step.slide 
_ndb_struct_na_base_pair_step.rise 
_ndb_struct_na_base_pair_step.tilt 
_ndb_struct_na_base_pair_step.roll 
_ndb_struct_na_base_pair_step.twist 
_ndb_struct_na_base_pair_step.x_displacement 
_ndb_struct_na_base_pair_step.y_displacement 
_ndb_struct_na_base_pair_step.helical_rise 
_ndb_struct_na_base_pair_step.inclination 
_ndb_struct_na_base_pair_step.tip 
_ndb_struct_na_base_pair_step.helical_twist 
_ndb_struct_na_base_pair_step.step_number 
_ndb_struct_na_base_pair_step.step_name 
_ndb_struct_na_base_pair_step.i_auth_asym_id_1 
_ndb_struct_na_base_pair_step.i_auth_seq_id_1 
_ndb_struct_na_base_pair_step.i_PDB_ins_code_1 
_ndb_struct_na_base_pair_step.j_auth_asym_id_1 
_ndb_struct_na_base_pair_step.j_auth_seq_id_1 
_ndb_struct_na_base_pair_step.j_PDB_ins_code_1 
_ndb_struct_na_base_pair_step.i_auth_asym_id_2 
_ndb_struct_na_base_pair_step.i_auth_seq_id_2 
_ndb_struct_na_base_pair_step.i_PDB_ins_code_2 
_ndb_struct_na_base_pair_step.j_auth_asym_id_2 
_ndb_struct_na_base_pair_step.j_auth_seq_id_2 
_ndb_struct_na_base_pair_step.j_PDB_ins_code_2 
1 A DC 2 1_555 B DC 2 1_555 A DG 3 1_555 B DG 3 1_555 0.091  -0.201 1.998 4.985 2.568 50.029 -0.348 0.111 1.986 3.025  -5.873 
50.322 1 AA_DC2DG3:DG7DC6_BB A 2 ? B 6 ? A 3 ? B 7 ? 
1 A DG 3 1_555 B DG 3 1_555 A DA 4 1_555 B DA 4 1_555 -0.015 -0.004 4.109 0.059 0.229 -9.057 -0.633 0.075 4.108 -1.452 0.376  
-9.061 2 AA_DG3DA4:DA8DG7_BB A 3 ? B 7 ? A 4 ? B 8 ? 
# 
_atom_sites.entry_id                    179D 
_atom_sites.fract_transf_matrix[1][1]   1.000000 
_atom_sites.fract_transf_matrix[1][2]   0.000000 
_atom_sites.fract_transf_matrix[1][3]   0.000000 
_atom_sites.fract_transf_matrix[2][1]   0.000000 
_atom_sites.fract_transf_matrix[2][2]   1.000000 
_atom_sites.fract_transf_matrix[2][3]   0.000000 
_atom_sites.fract_transf_matrix[3][1]   0.000000 
_atom_sites.fract_transf_matrix[3][2]   0.000000 
_atom_sites.fract_transf_matrix[3][3]   1.000000 
_atom_sites.fract_transf_vector[1]      0.00000 
_atom_sites.fract_transf_vector[2]      0.00000 
_atom_sites.fract_transf_vector[3]      0.00000 
# 
loop_
_atom_type.symbol 
C 
H 
N 
O 
P 
# 
loop_
_atom_site.group_PDB 
_atom_site.id 
_atom_site.type_symbol 
_atom_site.label_atom_id 
_atom_site.label_alt_id 
_atom_site.label_comp_id 
_atom_site.label_asym_id 
_atom_site.label_entity_id 
_atom_site.label_seq_id 
_atom_site.pdbx_PDB_ins_code 
_atom_site.Cartn_x 
_atom_site.Cartn_y 
_atom_site.Cartn_z 
_atom_site.occupancy 
_atom_site.B_iso_or_equiv 
_atom_site.pdbx_formal_charge 
_atom_site.auth_seq_id 
_atom_site.auth_comp_id 
_atom_site.auth_asym_id 
_atom_site.auth_atom_id 
_atom_site.pdbx_PDB_model_num 
ATOM 1    O "O5'"  . DT A 1 1 ? 7.571  -5.039 -3.253 1.00 1.13 ? 1 DT A "O5'"  1 
ATOM 2    C "C5'"  . DT A 1 1 ? 7.922  -3.870 -2.511 1.00 0.93 ? 1 DT A "C5'"  1 
ATOM 3    C "C4'"  . DT A 1 1 ? 6.640  -3.081 -2.251 1.00 0.57 ? 1 DT A "C4'"  1 
ATOM 4    O "O4'"  . DT A 1 1 ? 5.797  -3.911 -1.437 1.00 0.49 ? 1 DT A "O4'"  1 
ATOM 5    C "C3'"  . DT A 1 1 ? 6.759  -1.746 -1.465 1.00 0.51 ? 1 DT A "C3'"  1 
ATOM 6    O "O3'"  . DT A 1 1 ? 6.423  -0.638 -2.317 1.00 0.47 ? 1 DT A "O3'"  1 
ATOM 7    C "C2'"  . DT A 1 1 ? 5.702  -1.858 -0.334 1.00 0.41 ? 1 DT A "C2'"  1 
ATOM 8    C "C1'"  . DT A 1 1 ? 4.871  -3.077 -0.731 1.00 0.25 ? 1 DT A "C1'"  1 
ATOM 9    N N1     . DT A 1 1 ? 4.359  -3.837 0.433  1.00 0.31 ? 1 DT A N1     1 
ATOM 10   C C2     . DT A 1 1 ? 2.991  -4.017 0.546  1.00 0.20 ? 1 DT A C2     1 
ATOM 11   O O2     . DT A 1 1 ? 2.168  -3.558 -0.235 1.00 0.32 ? 1 DT A O2     1 
ATOM 12   N N3     . DT A 1 1 ? 2.553  -4.744 1.605  1.00 0.28 ? 1 DT A N3     1 
ATOM 13   C C4     . DT A 1 1 ? 3.333  -5.312 2.581  1.00 0.54 ? 1 DT A C4     1 
ATOM 14   O O4     . DT A 1 1 ? 2.805  -5.945 3.490  1.00 0.65 ? 1 DT A O4     1 
ATOM 15   C C5     . DT A 1 1 ? 4.754  -5.080 2.405  1.00 0.71 ? 1 DT A C5     1 
ATOM 16   C C7     . DT A 1 1 ? 5.753  -5.646 3.415  1.00 1.07 ? 1 DT A C7     1 
ATOM 17   C C6     . DT A 1 1 ? 5.214  -4.365 1.358  1.00 0.57 ? 1 DT A C6     1 
ATOM 18   H "H5'"  . DT A 1 1 ? 8.624  -3.287 -3.107 1.00 1.01 ? 1 DT A "H5'"  1 
ATOM 19   H "H5''" . DT A 1 1 ? 8.395  -4.198 -1.585 1.00 1.05 ? 1 DT A "H5''" 1 
ATOM 20   H "H4'"  . DT A 1 1 ? 6.276  -2.905 -3.263 1.00 0.60 ? 1 DT A "H4'"  1 
ATOM 21   H "H3'"  . DT A 1 1 ? 7.741  -1.609 -1.013 1.00 0.75 ? 1 DT A "H3'"  1 
ATOM 22   H "H2'"  . DT A 1 1 ? 6.183  -2.037 0.629  1.00 0.61 ? 1 DT A "H2'"  1 
ATOM 23   H "H2''" . DT A 1 1 ? 5.058  -0.982 -0.282 1.00 0.47 ? 1 DT A "H2''" 1 
ATOM 24   H "H1'"  . DT A 1 1 ? 3.993  -2.787 -1.309 1.00 0.27 ? 1 DT A "H1'"  1 
ATOM 25   H H3     . DT A 1 1 ? 1.553  -4.869 1.640  1.00 0.22 ? 1 DT A H3     1 
ATOM 26   H H71    . DT A 1 1 ? 6.313  -4.826 3.866  1.00 1.16 ? 1 DT A H71    1 
ATOM 27   H H72    . DT A 1 1 ? 5.221  -6.190 4.196  1.00 1.17 ? 1 DT A H72    1 
ATOM 28   H H73    . DT A 1 1 ? 6.442  -6.323 2.910  1.00 1.20 ? 1 DT A H73    1 
ATOM 29   H H6     . DT A 1 1 ? 6.282  -4.193 1.230  1.00 0.71 ? 1 DT A H6     1 
ATOM 30   H "HO5'" . DT A 1 1 ? 6.706  -5.318 -2.943 1.00 1.03 ? 1 DT A "HO5'" 1 
ATOM 31   P P      . DC A 1 2 ? 7.591  0.420  -2.678 1.00 0.61 ? 2 DC A P      1 
ATOM 32   O OP1    . DC A 1 2 ? 8.594  -0.297 -3.495 1.00 1.15 ? 2 DC A OP1    1 
ATOM 33   O OP2    . DC A 1 2 ? 8.010  1.047  -1.408 1.00 1.11 ? 2 DC A OP2    1 
ATOM 34   O "O5'"  . DC A 1 2 ? 6.949  1.578  -3.594 1.00 0.43 ? 2 DC A "O5'"  1 
ATOM 35   C "C5'"  . DC A 1 2 ? 6.231  1.318  -4.804 1.00 0.38 ? 2 DC A "C5'"  1 
ATOM 36   C "C4'"  . DC A 1 2 ? 4.796  1.832  -4.653 1.00 0.28 ? 2 DC A "C4'"  1 
ATOM 37   O "O4'"  . DC A 1 2 ? 4.168  1.225  -3.520 1.00 0.27 ? 2 DC A "O4'"  1 
ATOM 38   C "C3'"  . DC A 1 2 ? 4.563  3.353  -4.460 1.00 0.26 ? 2 DC A "C3'"  1 
ATOM 39   O "O3'"  . DC A 1 2 ? 3.557  3.686  -5.426 1.00 0.30 ? 2 DC A "O3'"  1 
ATOM 40   C "C2'"  . DC A 1 2 ? 4.053  3.532  -3.005 1.00 0.23 ? 2 DC A "C2'"  1 
ATOM 41   C "C1'"  . DC A 1 2 ? 3.309  2.193  -2.918 1.00 0.22 ? 2 DC A "C1'"  1 
ATOM 42   N N1     . DC A 1 2 ? 3.022  1.636  -1.573 1.00 0.22 ? 2 DC A N1     1 
ATOM 43   C C2     . DC A 1 2 ? 1.843  0.918  -1.466 1.00 0.24 ? 2 DC A C2     1 
ATOM 44   O O2     . DC A 1 2 ? 1.072  0.788  -2.405 1.00 0.30 ? 2 DC A O2     1 
ATOM 45   N N3     . DC A 1 2 ? 1.565  0.359  -0.246 1.00 0.22 ? 2 DC A N3     1 
ATOM 46   C C4     . DC A 1 2 ? 2.391  0.496  0.837  1.00 0.24 ? 2 DC A C4     1 
ATOM 47   N N4     . DC A 1 2 ? 2.027  -0.084 1.975  1.00 0.26 ? 2 DC A N4     1 
ATOM 48   C C5     . DC A 1 2 ? 3.602  1.243  0.716  1.00 0.27 ? 2 DC A C5     1 
ATOM 49   C C6     . DC A 1 2 ? 3.873  1.788  -0.495 1.00 0.24 ? 2 DC A C6     1 
ATOM 50   H H3     . DC A 1 2 ? 0.711  -0.179 -0.208 1.00 0.25 ? 2 DC A H3     1 
ATOM 51   H "H5'"  . DC A 1 2 ? 6.192  0.244  -4.990 1.00 0.49 ? 2 DC A "H5'"  1 
ATOM 52   H "H5''" . DC A 1 2 ? 6.728  1.768  -5.664 1.00 0.50 ? 2 DC A "H5''" 1 
ATOM 53   H "H4'"  . DC A 1 2 ? 4.261  1.544  -5.558 1.00 0.39 ? 2 DC A "H4'"  1 
ATOM 54   H "H3'"  . DC A 1 2 ? 5.474  3.922  -4.650 1.00 0.33 ? 2 DC A "H3'"  1 
ATOM 55   H "H2'"  . DC A 1 2 ? 4.851  3.707  -2.283 1.00 0.28 ? 2 DC A "H2'"  1 
ATOM 56   H "H2''" . DC A 1 2 ? 3.389  4.384  -2.859 1.00 0.27 ? 2 DC A "H2''" 1 
ATOM 57   H "H1'"  . DC A 1 2 ? 2.419  2.261  -3.542 1.00 0.26 ? 2 DC A "H1'"  1 
ATOM 58   H H41    . DC A 1 2 ? 1.092  -0.464 2.050  1.00 0.27 ? 2 DC A H41    1 
ATOM 59   H H42    . DC A 1 2 ? 2.668  -0.156 2.749  1.00 0.31 ? 2 DC A H42    1 
ATOM 60   H H5     . DC A 1 2 ? 4.266  1.363  1.571  1.00 0.32 ? 2 DC A H5     1 
ATOM 61   H H6     . DC A 1 2 ? 4.797  2.355  -0.618 1.00 0.27 ? 2 DC A H6     1 
ATOM 62   P P      . DG A 1 3 ? 2.960  5.160  -5.676 1.00 0.30 ? 3 DG A P      1 
ATOM 63   O OP1    . DG A 1 3 ? 2.483  5.224  -7.076 1.00 0.37 ? 3 DG A OP1    1 
ATOM 64   O OP2    . DG A 1 3 ? 3.943  6.155  -5.189 1.00 0.39 ? 3 DG A OP2    1 
ATOM 65   O "O5'"  . DG A 1 3 ? 1.681  5.183  -4.685 1.00 0.25 ? 3 DG A "O5'"  1 
ATOM 66   C "C5'"  . DG A 1 3 ? 0.531  4.333  -4.870 1.00 0.22 ? 3 DG A "C5'"  1 
ATOM 67   C "C4'"  . DG A 1 3 ? -0.392 4.327  -3.609 1.00 0.17 ? 3 DG A "C4'"  1 
ATOM 68   O "O4'"  . DG A 1 3 ? 0.281  3.823  -2.432 1.00 0.19 ? 3 DG A "O4'"  1 
ATOM 69   C "C3'"  . DG A 1 3 ? -0.911 5.722  -3.169 1.00 0.19 ? 3 DG A "C3'"  1 
ATOM 70   O "O3'"  . DG A 1 3 ? -2.301 5.539  -2.945 1.00 0.22 ? 3 DG A "O3'"  1 
ATOM 71   C "C2'"  . DG A 1 3 ? -0.274 5.999  -1.796 1.00 0.18 ? 3 DG A "C2'"  1 
ATOM 72   C "C1'"  . DG A 1 3 ? -0.169 4.566  -1.286 1.00 0.16 ? 3 DG A "C1'"  1 
ATOM 73   N N9     . DG A 1 3 ? 0.770  4.483  -0.155 1.00 0.17 ? 3 DG A N9     1 
ATOM 74   C C8     . DG A 1 3 ? 1.934  5.174  0.056  1.00 0.19 ? 3 DG A C8     1 
ATOM 75   N N7     . DG A 1 3 ? 2.511  4.897  1.193  1.00 0.22 ? 3 DG A N7     1 
ATOM 76   C C5     . DG A 1 3 ? 1.669  3.951  1.772  1.00 0.20 ? 3 DG A C5     1 
ATOM 77   C C6     . DG A 1 3 ? 1.771  3.272  3.018  1.00 0.24 ? 3 DG A C6     1 
ATOM 78   O O6     . DG A 1 3 ? 2.634  3.356  3.886  1.00 0.31 ? 3 DG A O6     1 
ATOM 79   N N1     . DG A 1 3 ? 0.715  2.411  3.210  1.00 0.22 ? 3 DG A N1     1 
ATOM 80   C C2     . DG A 1 3 ? -0.314 2.209  2.327  1.00 0.19 ? 3 DG A C2     1 
ATOM 81   N N2     . DG A 1 3 ? -1.217 1.313  2.705  1.00 0.20 ? 3 DG A N2     1 
ATOM 82   N N3     . DG A 1 3 ? -0.429 2.835  1.154  1.00 0.17 ? 3 DG A N3     1 
ATOM 83   C C4     . DG A 1 3 ? 0.602  3.692  0.949  1.00 0.17 ? 3 DG A C4     1 
ATOM 84   H "H5'"  . DG A 1 3 ? 0.878  3.325  -5.100 1.00 0.25 ? 3 DG A "H5'"  1 
ATOM 85   H "H5''" . DG A 1 3 ? 0.004  4.642  -5.773 1.00 0.27 ? 3 DG A "H5''" 1 
ATOM 86   H "H4'"  . DG A 1 3 ? -1.291 3.751  -3.831 1.00 0.17 ? 3 DG A "H4'"  1 
ATOM 87   H "H3'"  . DG A 1 3 ? -0.709 6.514  -3.890 1.00 0.24 ? 3 DG A "H3'"  1 
ATOM 88   H "H2'"  . DG A 1 3 ? 0.692  6.499  -1.864 1.00 0.21 ? 3 DG A "H2'"  1 
ATOM 89   H "H2''" . DG A 1 3 ? -0.898 6.607  -1.140 1.00 0.20 ? 3 DG A "H2''" 1 
ATOM 90   H "H1'"  . DG A 1 3 ? -1.135 4.260  -0.885 1.00 0.19 ? 3 DG A "H1'"  1 
ATOM 91   H H8     . DG A 1 3 ? 2.326  5.881  -0.676 1.00 0.19 ? 3 DG A H8     1 
ATOM 92   H H1     . DG A 1 3 ? 0.729  1.917  4.086  1.00 0.25 ? 3 DG A H1     1 
ATOM 93   H H21    . DG A 1 3 ? -1.231 0.966  3.650  1.00 0.28 ? 3 DG A H21    1 
ATOM 94   H H22    . DG A 1 3 ? -1.894 0.970  2.047  1.00 0.19 ? 3 DG A H22    1 
ATOM 95   P P      . DA A 1 4 ? -3.369 6.726  -3.047 1.00 0.27 ? 4 DA A P      1 
ATOM 96   O OP1    . DA A 1 4 ? -2.945 7.701  -4.078 1.00 0.32 ? 4 DA A OP1    1 
ATOM 97   O OP2    . DA A 1 4 ? -3.674 7.166  -1.665 1.00 0.39 ? 4 DA A OP2    1 
ATOM 98   O "O5'"  . DA A 1 4 ? -4.582 5.842  -3.615 1.00 0.28 ? 4 DA A "O5'"  1 
ATOM 99   C "C5'"  . DA A 1 4 ? -4.376 4.980  -4.749 1.00 0.25 ? 4 DA A "C5'"  1 
ATOM 100  C "C4'"  . DA A 1 4 ? -5.309 3.787  -4.724 1.00 0.25 ? 4 DA A "C4'"  1 
ATOM 101  O "O4'"  . DA A 1 4 ? -5.041 2.900  -3.634 1.00 0.25 ? 4 DA A "O4'"  1 
ATOM 102  C "C3'"  . DA A 1 4 ? -6.828 4.068  -4.692 1.00 0.32 ? 4 DA A "C3'"  1 
ATOM 103  O "O3'"  . DA A 1 4 ? -7.560 3.103  -5.459 1.00 0.42 ? 4 DA A "O3'"  1 
ATOM 104  C "C2'"  . DA A 1 4 ? -7.164 3.907  -3.185 1.00 0.29 ? 4 DA A "C2'"  1 
ATOM 105  C "C1'"  . DA A 1 4 ? -6.225 2.759  -2.839 1.00 0.23 ? 4 DA A "C1'"  1 
ATOM 106  N N9     . DA A 1 4 ? -5.786 2.921  -1.448 1.00 0.17 ? 4 DA A N9     1 
ATOM 107  C C8     . DA A 1 4 ? -4.784 3.705  -0.970 1.00 0.19 ? 4 DA A C8     1 
ATOM 108  N N7     . DA A 1 4 ? -4.589 3.614  0.320  1.00 0.20 ? 4 DA A N7     1 
ATOM 109  C C5     . DA A 1 4 ? -5.561 2.687  0.712  1.00 0.15 ? 4 DA A C5     1 
ATOM 110  C C6     . DA A 1 4 ? -5.918 2.124  1.949  1.00 0.18 ? 4 DA A C6     1 
ATOM 111  N N6     . DA A 1 4 ? -5.284 2.397  3.089  1.00 0.22 ? 4 DA A N6     1 
ATOM 112  N N1     . DA A 1 4 ? -6.934 1.243  1.951  1.00 0.23 ? 4 DA A N1     1 
ATOM 113  C C2     . DA A 1 4 ? -7.550 0.941  0.806  1.00 0.27 ? 4 DA A C2     1 
ATOM 114  N N3     . DA A 1 4 ? -7.302 1.396  -0.402 1.00 0.25 ? 4 DA A N3     1 
ATOM 115  C C4     . DA A 1 4 ? -6.286 2.273  -0.371 1.00 0.17 ? 4 DA A C4     1 
ATOM 116  H "H5'"  . DA A 1 4 ? -3.372 4.563  -4.822 1.00 0.27 ? 4 DA A "H5'"  1 
ATOM 117  H "H5''" . DA A 1 4 ? -4.381 5.510  -5.702 1.00 0.31 ? 4 DA A "H5''" 1 
ATOM 118  H "H4'"  . DA A 1 4 ? -5.004 3.286  -5.642 1.00 0.32 ? 4 DA A "H4'"  1 
ATOM 119  H "H3'"  . DA A 1 4 ? -6.971 5.074  -5.088 1.00 0.36 ? 4 DA A "H3'"  1 
ATOM 120  H "HO3'" . DA A 1 4 ? -8.493 3.324  -5.401 1.00 0.52 ? 4 DA A "HO3'" 1 
ATOM 121  H "H2'"  . DA A 1 4 ? -6.952 4.795  -2.589 1.00 0.30 ? 4 DA A "H2'"  1 
ATOM 122  H "H2''" . DA A 1 4 ? -8.165 3.553  -2.942 1.00 0.35 ? 4 DA A "H2''" 1 
ATOM 123  H "H1'"  . DA A 1 4 ? -6.694 1.782  -2.962 1.00 0.31 ? 4 DA A "H1'"  1 
ATOM 124  H H8     . DA A 1 4 ? -4.245 4.343  -1.672 1.00 0.25 ? 4 DA A H8     1 
ATOM 125  H H61    . DA A 1 4 ? -5.647 2.104  3.988  1.00 0.30 ? 4 DA A H61    1 
ATOM 126  H H62    . DA A 1 4 ? -4.421 2.898  3.064  1.00 0.23 ? 4 DA A H62    1 
ATOM 127  H H2     . DA A 1 4 ? -8.385 0.240  0.794  1.00 0.36 ? 4 DA A H2     1 
ATOM 128  O "O5'"  . DT B 1 1 ? 5.253  -7.800 -2.575 1.00 0.80 ? 5 DT B "O5'"  1 
ATOM 129  C "C5'"  . DT B 1 1 ? 3.859  -7.963 -2.845 1.00 0.63 ? 5 DT B "C5'"  1 
ATOM 130  C "C4'"  . DT B 1 1 ? 3.120  -6.789 -2.208 1.00 0.42 ? 5 DT B "C4'"  1 
ATOM 131  O "O4'"  . DT B 1 1 ? 3.583  -5.597 -2.864 1.00 0.38 ? 5 DT B "O4'"  1 
ATOM 132  C "C3'"  . DT B 1 1 ? 1.572  -6.747 -2.347 1.00 0.37 ? 5 DT B "C3'"  1 
ATOM 133  O "O3'"  . DT B 1 1 ? 0.963  -6.889 -1.051 1.00 0.38 ? 5 DT B "O3'"  1 
ATOM 134  C "C2'"  . DT B 1 1 ? 1.268  -5.321 -2.888 1.00 0.30 ? 5 DT B "C2'"  1 
ATOM 135  C "C1'"  . DT B 1 1 ? 2.592  -4.575 -2.720 1.00 0.26 ? 5 DT B "C1'"  1 
ATOM 136  N N1     . DT B 1 1 ? 2.819  -3.557 -3.771 1.00 0.25 ? 5 DT B N1     1 
ATOM 137  C C2     . DT B 1 1 ? 3.025  -2.244 -3.376 1.00 0.22 ? 5 DT B C2     1 
ATOM 138  O O2     . DT B 1 1 ? 2.991  -1.862 -2.214 1.00 0.29 ? 5 DT B O2     1 
ATOM 139  N N3     . DT B 1 1 ? 3.262  -1.336 -4.354 1.00 0.25 ? 5 DT B N3     1 
ATOM 140  C C4     . DT B 1 1 ? 3.314  -1.591 -5.705 1.00 0.38 ? 5 DT B C4     1 
ATOM 141  O O4     . DT B 1 1 ? 3.538  -0.675 -6.489 1.00 0.46 ? 5 DT B O4     1 
ATOM 142  C C5     . DT B 1 1 ? 3.088  -2.984 -6.049 1.00 0.45 ? 5 DT B C5     1 
ATOM 143  C C7     . DT B 1 1 ? 3.108  -3.423 -7.514 1.00 0.67 ? 5 DT B C7     1 
ATOM 144  C C6     . DT B 1 1 ? 2.852  -3.902 -5.091 1.00 0.38 ? 5 DT B C6     1 
ATOM 145  H "H5'"  . DT B 1 1 ? 3.538  -8.910 -2.407 1.00 0.68 ? 5 DT B "H5'"  1 
ATOM 146  H "H5''" . DT B 1 1 ? 3.733  -7.987 -3.927 1.00 0.70 ? 5 DT B "H5''" 1 
ATOM 147  H "H4'"  . DT B 1 1 ? 3.411  -6.882 -1.162 1.00 0.45 ? 5 DT B "H4'"  1 
ATOM 148  H "H3'"  . DT B 1 1 ? 1.190  -7.478 -3.059 1.00 0.48 ? 5 DT B "H3'"  1 
ATOM 149  H "H2'"  . DT B 1 1 ? 0.992  -5.354 -3.942 1.00 0.39 ? 5 DT B "H2'"  1 
ATOM 150  H "H2''" . DT B 1 1 ? 0.493  -4.815 -2.312 1.00 0.33 ? 5 DT B "H2''" 1 
ATOM 151  H "H1'"  . DT B 1 1 ? 2.630  -4.040 -1.771 1.00 0.30 ? 5 DT B "H1'"  1 
ATOM 152  H H3     . DT B 1 1 ? 3.425  -0.398 -4.016 1.00 0.24 ? 5 DT B H3     1 
ATOM 153  H H71    . DT B 1 1 ? 2.140  -3.851 -7.775 1.00 0.74 ? 5 DT B H71    1 
ATOM 154  H H72    . DT B 1 1 ? 3.305  -2.564 -8.156 1.00 0.74 ? 5 DT B H72    1 
ATOM 155  H H73    . DT B 1 1 ? 3.888  -4.171 -7.662 1.00 0.76 ? 5 DT B H73    1 
ATOM 156  H H6     . DT B 1 1 ? 2.681  -4.946 -5.354 1.00 0.45 ? 5 DT B H6     1 
ATOM 157  H "HO5'" . DT B 1 1 ? 5.432  -6.858 -2.590 1.00 0.72 ? 5 DT B "HO5'" 1 
ATOM 158  P P      . DC B 1 2 ? -0.218 -7.966 -0.816 1.00 0.52 ? 6 DC B P      1 
ATOM 159  O OP1    . DC B 1 2 ? 0.380  -9.309 -0.955 1.00 1.08 ? 6 DC B OP1    1 
ATOM 160  O OP2    . DC B 1 2 ? -1.331 -7.573 -1.706 1.00 1.18 ? 6 DC B OP2    1 
ATOM 161  O "O5'"  . DC B 1 2 ? -0.748 -7.807 0.702  1.00 0.45 ? 6 DC B "O5'"  1 
ATOM 162  C "C5'"  . DC B 1 2 ? 0.071  -7.590 1.857  1.00 0.39 ? 6 DC B "C5'"  1 
ATOM 163  C "C4'"  . DC B 1 2 ? -0.366 -6.281 2.536  1.00 0.30 ? 6 DC B "C4'"  1 
ATOM 164  O "O4'"  . DC B 1 2 ? -0.262 -5.186 1.625  1.00 0.28 ? 6 DC B "O4'"  1 
ATOM 165  C "C3'"  . DC B 1 2 ? -1.805 -6.181 3.104  1.00 0.25 ? 6 DC B "C3'"  1 
ATOM 166  O "O3'"  . DC B 1 2 ? -1.619 -5.771 4.469  1.00 0.28 ? 6 DC B "O3'"  1 
ATOM 167  C "C2'"  . DC B 1 2 ? -2.528 -5.107 2.246  1.00 0.24 ? 6 DC B "C2'"  1 
ATOM 168  C "C1'"  . DC B 1 2 ? -1.303 -4.253 1.920  1.00 0.24 ? 6 DC B "C1'"  1 
ATOM 169  N N1     . DC B 1 2 ? -1.368 -3.404 0.712  1.00 0.19 ? 6 DC B N1     1 
ATOM 170  C C2     . DC B 1 2 ? -0.825 -2.139 0.820  1.00 0.23 ? 6 DC B C2     1 
ATOM 171  O O2     . DC B 1 2 ? -0.370 -1.726 1.881  1.00 0.34 ? 6 DC B O2     1 
ATOM 172  N N3     . DC B 1 2 ? -0.794 -1.348 -0.273 1.00 0.23 ? 6 DC B N3     1 
ATOM 173  C C4     . DC B 1 2 ? -1.270 -1.766 -1.436 1.00 0.23 ? 6 DC B C4     1 
ATOM 174  N N4     . DC B 1 2 ? -1.170 -0.966 -2.490 1.00 0.31 ? 6 DC B N4     1 
ATOM 175  C C5     . DC B 1 2 ? -1.840 -3.051 -1.570 1.00 0.22 ? 6 DC B C5     1 
ATOM 176  C C6     . DC B 1 2 ? -1.876 -3.848 -0.478 1.00 0.19 ? 6 DC B C6     1 
ATOM 177  H "H5'"  . DC B 1 2 ? 1.118  -7.500 1.570  1.00 0.42 ? 6 DC B "H5'"  1 
ATOM 178  H "H5''" . DC B 1 2 ? 0.003  -8.425 2.554  1.00 0.43 ? 6 DC B "H5''" 1 
ATOM 179  H "H4'"  . DC B 1 2 ? 0.310  -6.114 3.375  1.00 0.35 ? 6 DC B "H4'"  1 
ATOM 180  H "H3'"  . DC B 1 2 ? -2.313 -7.145 3.061  1.00 0.33 ? 6 DC B "H3'"  1 
ATOM 181  H "H2'"  . DC B 1 2 ? -3.056 -5.507 1.381  1.00 0.29 ? 6 DC B "H2'"  1 
ATOM 182  H "H2''" . DC B 1 2 ? -3.295 -4.545 2.779  1.00 0.28 ? 6 DC B "H2''" 1 
ATOM 183  H "H1'"  . DC B 1 2 ? -0.990 -3.663 2.781  1.00 0.27 ? 6 DC B "H1'"  1 
ATOM 184  H H41    . DC B 1 2 ? -0.731 -0.054 -2.368 1.00 0.34 ? 6 DC B H41    1 
ATOM 185  H H42    . DC B 1 2 ? -1.494 -1.241 -3.402 1.00 0.38 ? 6 DC B H42    1 
ATOM 186  H H5     . DC B 1 2 ? -2.207 -3.316 -2.561 1.00 0.27 ? 6 DC B H5     1 
ATOM 187  H H6     . DC B 1 2 ? -2.326 -4.839 -0.548 1.00 0.22 ? 6 DC B H6     1 
ATOM 188  P P      . DG B 1 3 ? -2.780 -5.452 5.545  1.00 0.24 ? 7 DG B P      1 
ATOM 189  O OP1    . DG B 1 3 ? -2.204 -5.630 6.898  1.00 0.34 ? 7 DG B OP1    1 
ATOM 190  O OP2    . DG B 1 3 ? -4.004 -6.194 5.166  1.00 0.31 ? 7 DG B OP2    1 
ATOM 191  O "O5'"  . DG B 1 3 ? -3.041 -3.875 5.291  1.00 0.22 ? 7 DG B "O5'"  1 
ATOM 192  C "C5'"  . DG B 1 3 ? -2.046 -2.867 5.556  1.00 0.22 ? 7 DG B "C5'"  1 
ATOM 193  C "C4'"  . DG B 1 3 ? -2.436 -1.491 4.924  1.00 0.19 ? 7 DG B "C4'"  1 
ATOM 194  O "O4'"  . DG B 1 3 ? -2.558 -1.561 3.484  1.00 0.21 ? 7 DG B "O4'"  1 
ATOM 195  C "C3'"  . DG B 1 3 ? -3.807 -0.925 5.378  1.00 0.22 ? 7 DG B "C3'"  1 
ATOM 196  O "O3'"  . DG B 1 3 ? -3.549 0.434  5.694  1.00 0.26 ? 7 DG B "O3'"  1 
ATOM 197  C "C2'"  . DG B 1 3 ? -4.703 -0.923 4.127  1.00 0.19 ? 7 DG B "C2'"  1 
ATOM 198  C "C1'"  . DG B 1 3 ? -3.631 -0.707 3.060  1.00 0.18 ? 7 DG B "C1'"  1 
ATOM 199  N N9     . DG B 1 3 ? -4.142 -1.061 1.728  1.00 0.16 ? 7 DG B N9     1 
ATOM 200  C C8     . DG B 1 3 ? -5.006 -2.061 1.367  1.00 0.18 ? 7 DG B C8     1 
ATOM 201  N N7     . DG B 1 3 ? -5.297 -2.076 0.096  1.00 0.20 ? 7 DG B N7     1 
ATOM 202  C C5     . DG B 1 3 ? -4.569 -1.006 -0.423 1.00 0.18 ? 7 DG B C5     1 
ATOM 203  C C6     . DG B 1 3 ? -4.478 -0.519 -1.756 1.00 0.22 ? 7 DG B C6     1 
ATOM 204  O O6     . DG B 1 3 ? -5.022 -0.928 -2.777 1.00 0.28 ? 7 DG B O6     1 
ATOM 205  N N1     . DG B 1 3 ? -3.641 0.568  -1.838 1.00 0.21 ? 7 DG B N1     1 
ATOM 206  C C2     . DG B 1 3 ? -2.962 1.128  -0.786 1.00 0.18 ? 7 DG B C2     1 
ATOM 207  N N2     . DG B 1 3 ? -2.191 2.160  -1.100 1.00 0.22 ? 7 DG B N2     1 
ATOM 208  N N3     . DG B 1 3 ? -3.031 0.688  0.474  1.00 0.16 ? 7 DG B N3     1 
ATOM 209  C C4     . DG B 1 3 ? -3.858 -0.383 0.572  1.00 0.16 ? 7 DG B C4     1 
ATOM 210  H "H5'"  . DG B 1 3 ? -1.088 -3.213 5.171  1.00 0.26 ? 7 DG B "H5'"  1 
ATOM 211  H "H5''" . DG B 1 3 ? -1.886 -2.799 6.633  1.00 0.28 ? 7 DG B "H5''" 1 
ATOM 212  H "H4'"  . DG B 1 3 ? -1.705 -0.743 5.229  1.00 0.18 ? 7 DG B "H4'"  1 
ATOM 213  H "H3'"  . DG B 1 3 ? -4.255 -1.469 6.208  1.00 0.27 ? 7 DG B "H3'"  1 
ATOM 214  H "H2'"  . DG B 1 3 ? -5.254 -1.853 3.990  1.00 0.19 ? 7 DG B "H2'"  1 
ATOM 215  H "H2''" . DG B 1 3 ? -5.436 -0.117 4.115  1.00 0.22 ? 7 DG B "H2''" 1 
ATOM 216  H "H1'"  . DG B 1 3 ? -3.388 0.354  3.009  1.00 0.19 ? 7 DG B "H1'"  1 
ATOM 217  H H8     . DG B 1 3 ? -5.398 -2.776 2.092  1.00 0.19 ? 7 DG B H8     1 
ATOM 218  H H1     . DG B 1 3 ? -3.554 0.962  -2.756 1.00 0.24 ? 7 DG B H1     1 
ATOM 219  H H21    . DG B 1 3 ? -2.261 2.601  -2.002 1.00 0.32 ? 7 DG B H21    1 
ATOM 220  H H22    . DG B 1 3 ? -1.524 2.508  -0.436 1.00 0.20 ? 7 DG B H22    1 
ATOM 221  P P      . DA B 1 4 ? -4.432 1.289  6.714  1.00 0.29 ? 8 DA B P      1 
ATOM 222  O OP1    . DA B 1 4 ? -4.953 0.414  7.789  1.00 0.35 ? 8 DA B OP1    1 
ATOM 223  O OP2    . DA B 1 4 ? -5.345 2.133  5.910  1.00 0.38 ? 8 DA B OP2    1 
ATOM 224  O "O5'"  . DA B 1 4 ? -3.235 2.189  7.297  1.00 0.29 ? 8 DA B "O5'"  1 
ATOM 225  C "C5'"  . DA B 1 4 ? -2.025 1.565  7.765  1.00 0.27 ? 8 DA B "C5'"  1 
ATOM 226  C "C4'"  . DA B 1 4 ? -0.830 2.484  7.622  1.00 0.27 ? 8 DA B "C4'"  1 
ATOM 227  O "O4'"  . DA B 1 4 ? -0.504 2.756  6.256  1.00 0.30 ? 8 DA B "O4'"  1 
ATOM 228  C "C3'"  . DA B 1 4 ? -0.888 3.851  8.337  1.00 0.30 ? 8 DA B "C3'"  1 
ATOM 229  O "O3'"  . DA B 1 4 ? 0.396  4.236  8.848  1.00 0.41 ? 8 DA B "O3'"  1 
ATOM 230  C "C2'"  . DA B 1 4 ? -1.306 4.808  7.190  1.00 0.26 ? 8 DA B "C2'"  1 
ATOM 231  C "C1'"  . DA B 1 4 ? -0.536 4.174  6.039  1.00 0.25 ? 8 DA B "C1'"  1 
ATOM 232  N N9     . DA B 1 4 ? -1.305 4.366  4.805  1.00 0.22 ? 8 DA B N9     1 
ATOM 233  C C8     . DA B 1 4 ? -2.344 3.623  4.339  1.00 0.25 ? 8 DA B C8     1 
ATOM 234  N N7     . DA B 1 4 ? -2.810 4.004  3.178  1.00 0.26 ? 8 DA B N7     1 
ATOM 235  C C5     . DA B 1 4 ? -1.996 5.100  2.867  1.00 0.21 ? 8 DA B C5     1 
ATOM 236  C C6     . DA B 1 4 ? -1.941 5.983  1.774  1.00 0.22 ? 8 DA B C6     1 
ATOM 237  N N6     . DA B 1 4 ? -2.737 5.885  0.711  1.00 0.24 ? 8 DA B N6     1 
ATOM 238  N N1     . DA B 1 4 ? -1.004 6.948  1.817  1.00 0.25 ? 8 DA B N1     1 
ATOM 239  C C2     . DA B 1 4 ? -0.184 7.029  2.865  1.00 0.25 ? 8 DA B C2     1 
ATOM 240  N N3     . DA B 1 4 ? -0.141 6.264  3.934  1.00 0.23 ? 8 DA B N3     1 
ATOM 241  C C4     . DA B 1 4 ? -1.086 5.313  3.863  1.00 0.21 ? 8 DA B C4     1 
ATOM 242  H "H5'"  . DA B 1 4 ? -1.756 0.652  7.235  1.00 0.28 ? 8 DA B "H5'"  1 
ATOM 243  H "H5''" . DA B 1 4 ? -2.119 1.133  8.761  1.00 0.33 ? 8 DA B "H5''" 1 
ATOM 244  H "H4'"  . DA B 1 4 ? -0.046 1.840  8.020  1.00 0.29 ? 8 DA B "H4'"  1 
ATOM 245  H "H3'"  . DA B 1 4 ? -1.618 3.753  9.142  1.00 0.34 ? 8 DA B "H3'"  1 
ATOM 246  H "HO3'" . DA B 1 4 ? 0.300  5.089  9.278  1.00 0.52 ? 8 DA B "HO3'" 1 
ATOM 247  H "H2'"  . DA B 1 4 ? -2.379 4.824  6.997  1.00 0.26 ? 8 DA B "H2'"  1 
ATOM 248  H "H2''" . DA B 1 4 ? -0.947 5.836  7.253  1.00 0.32 ? 8 DA B "H2''" 1 
ATOM 249  H "H1'"  . DA B 1 4 ? 0.461  4.598  5.917  1.00 0.31 ? 8 DA B "H1'"  1 
ATOM 250  H H8     . DA B 1 4 ? -2.711 2.802  4.956  1.00 0.28 ? 8 DA B H8     1 
ATOM 251  H H61    . DA B 1 4 ? -2.784 6.611  0.009  1.00 0.30 ? 8 DA B H61    1 
ATOM 252  H H62    . DA B 1 4 ? -3.300 5.067  0.590  1.00 0.23 ? 8 DA B H62    1 
ATOM 253  H H2     . DA B 1 4 ? 0.568  7.815  2.922  1.00 0.30 ? 8 DA B H2     1 
ATOM 254  O "O5'"  . DT A 1 1 ? 9.174  -2.662 -2.867 1.00 0.83 ? 1 DT A "O5'"  2 
ATOM 255  C "C5'"  . DT A 1 1 ? 8.281  -3.537 -2.164 1.00 0.69 ? 1 DT A "C5'"  2 
ATOM 256  C "C4'"  . DT A 1 1 ? 6.864  -2.947 -2.050 1.00 0.49 ? 1 DT A "C4'"  2 
ATOM 257  O "O4'"  . DT A 1 1 ? 6.030  -3.845 -1.292 1.00 0.39 ? 1 DT A "O4'"  2 
ATOM 258  C "C3'"  . DT A 1 1 ? 6.781  -1.607 -1.262 1.00 0.43 ? 1 DT A "C3'"  2 
ATOM 259  O "O3'"  . DT A 1 1 ? 6.442  -0.491 -2.110 1.00 0.41 ? 1 DT A "O3'"  2 
ATOM 260  C "C2'"  . DT A 1 1 ? 5.662  -1.832 -0.211 1.00 0.31 ? 1 DT A "C2'"  2 
ATOM 261  C "C1'"  . DT A 1 1 ? 4.963  -3.099 -0.687 1.00 0.23 ? 1 DT A "C1'"  2 
ATOM 262  N N1     . DT A 1 1 ? 4.412  -3.860 0.464  1.00 0.25 ? 1 DT A N1     2 
ATOM 263  C C2     . DT A 1 1 ? 3.041  -4.034 0.548  1.00 0.22 ? 1 DT A C2     2 
ATOM 264  O O2     . DT A 1 1 ? 2.236  -3.573 -0.250 1.00 0.27 ? 1 DT A O2     2 
ATOM 265  N N3     . DT A 1 1 ? 2.581  -4.758 1.603  1.00 0.26 ? 1 DT A N3     2 
ATOM 266  C C4     . DT A 1 1 ? 3.339  -5.331 2.593  1.00 0.36 ? 1 DT A C4     2 
ATOM 267  O O4     . DT A 1 1 ? 2.791  -5.961 3.494  1.00 0.44 ? 1 DT A O4     2 
ATOM 268  C C5     . DT A 1 1 ? 4.766  -5.105 2.447  1.00 0.41 ? 1 DT A C5     2 
ATOM 269  C C7     . DT A 1 1 ? 5.754  -5.678 3.471  1.00 0.57 ? 1 DT A C7     2 
ATOM 270  C C6     . DT A 1 1 ? 5.244  -4.391 1.407  1.00 0.36 ? 1 DT A C6     2 
ATOM 271  H "H5'"  . DT A 1 1 ? 8.702  -3.797 -1.192 1.00 0.70 ? 1 DT A "H5'"  2 
ATOM 272  H "H5''" . DT A 1 1 ? 8.210  -4.463 -2.736 1.00 0.77 ? 1 DT A "H5''" 2 
ATOM 273  H "H4'"  . DT A 1 1 ? 6.569  -2.815 -3.090 1.00 0.55 ? 1 DT A "H4'"  2 
ATOM 274  H "H3'"  . DT A 1 1 ? 7.717  -1.414 -0.738 1.00 0.57 ? 1 DT A "H3'"  2 
ATOM 275  H "H2'"  . DT A 1 1 ? 6.093  -2.022 0.772  1.00 0.43 ? 1 DT A "H2'"  2 
ATOM 276  H "H2''" . DT A 1 1 ? 4.941  -1.014 -0.178 1.00 0.34 ? 1 DT A "H2''" 2 
ATOM 277  H "H1'"  . DT A 1 1 ? 4.121  -2.881 -1.344 1.00 0.27 ? 1 DT A "H1'"  2 
ATOM 278  H H3     . DT A 1 1 ? 1.579  -4.878 1.622  1.00 0.28 ? 1 DT A H3     2 
ATOM 279  H H71    . DT A 1 1 ? 6.325  -4.864 3.920  1.00 0.68 ? 1 DT A H71    2 
ATOM 280  H H72    . DT A 1 1 ? 6.442  -6.362 2.971  1.00 0.61 ? 1 DT A H72    2 
ATOM 281  H H73    . DT A 1 1 ? 5.224  -6.217 4.256  1.00 0.62 ? 1 DT A H73    2 
ATOM 282  H H6     . DT A 1 1 ? 6.315  -4.215 1.300  1.00 0.43 ? 1 DT A H6     2 
ATOM 283  H "HO5'" . DT A 1 1 ? 8.761  -1.801 -2.960 1.00 0.77 ? 1 DT A "HO5'" 2 
ATOM 284  P P      . DC A 1 2 ? 7.630  0.492  -2.596 1.00 0.56 ? 2 DC A P      2 
ATOM 285  O OP1    . DC A 1 2 ? 8.528  -0.347 -3.419 1.00 0.81 ? 2 DC A OP1    2 
ATOM 286  O OP2    . DC A 1 2 ? 8.174  1.162  -1.393 1.00 0.76 ? 2 DC A OP2    2 
ATOM 287  O "O5'"  . DC A 1 2 ? 6.990  1.629  -3.536 1.00 0.41 ? 2 DC A "O5'"  2 
ATOM 288  C "C5'"  . DC A 1 2 ? 6.284  1.343  -4.750 1.00 0.38 ? 2 DC A "C5'"  2 
ATOM 289  C "C4'"  . DC A 1 2 ? 4.839  1.842  -4.630 1.00 0.26 ? 2 DC A "C4'"  2 
ATOM 290  O "O4'"  . DC A 1 2 ? 4.208  1.235  -3.503 1.00 0.22 ? 2 DC A "O4'"  2 
ATOM 291  C "C3'"  . DC A 1 2 ? 4.583  3.363  -4.454 1.00 0.22 ? 2 DC A "C3'"  2 
ATOM 292  O "O3'"  . DC A 1 2 ? 3.584  3.684  -5.434 1.00 0.32 ? 2 DC A "O3'"  2 
ATOM 293  C "C2'"  . DC A 1 2 ? 4.050  3.545  -3.009 1.00 0.22 ? 2 DC A "C2'"  2 
ATOM 294  C "C1'"  . DC A 1 2 ? 3.332  2.193  -2.921 1.00 0.19 ? 2 DC A "C1'"  2 
ATOM 295  N N1     . DC A 1 2 ? 3.052  1.634  -1.577 1.00 0.17 ? 2 DC A N1     2 
ATOM 296  C C2     . DC A 1 2 ? 1.878  0.916  -1.467 1.00 0.20 ? 2 DC A C2     2 
ATOM 297  O O2     . DC A 1 2 ? 1.105  0.787  -2.406 1.00 0.27 ? 2 DC A O2     2 
ATOM 298  N N3     . DC A 1 2 ? 1.607  0.353  -0.248 1.00 0.22 ? 2 DC A N3     2 
ATOM 299  C C4     . DC A 1 2 ? 2.438  0.490  0.831  1.00 0.22 ? 2 DC A C4     2 
ATOM 300  N N4     . DC A 1 2 ? 2.081  -0.096 1.969  1.00 0.26 ? 2 DC A N4     2 
ATOM 301  C C5     . DC A 1 2 ? 3.646  1.239  0.706  1.00 0.23 ? 2 DC A C5     2 
ATOM 302  C C6     . DC A 1 2 ? 3.908  1.786  -0.505 1.00 0.20 ? 2 DC A C6     2 
ATOM 303  H H3     . DC A 1 2 ? 0.756  -0.191 -0.206 1.00 0.27 ? 2 DC A H3     2 
ATOM 304  H "H5'"  . DC A 1 2 ? 6.256  0.266  -4.914 1.00 0.48 ? 2 DC A "H5'"  2 
ATOM 305  H "H5''" . DC A 1 2 ? 6.789  1.783  -5.610 1.00 0.47 ? 2 DC A "H5''" 2 
ATOM 306  H "H4'"  . DC A 1 2 ? 4.323  1.540  -5.540 1.00 0.40 ? 2 DC A "H4'"  2 
ATOM 307  H "H3'"  . DC A 1 2 ? 5.490  3.939  -4.636 1.00 0.26 ? 2 DC A "H3'"  2 
ATOM 308  H "H2'"  . DC A 1 2 ? 4.830  3.740  -2.273 1.00 0.28 ? 2 DC A "H2'"  2 
ATOM 309  H "H2''" . DC A 1 2 ? 3.366  4.385  -2.882 1.00 0.30 ? 2 DC A "H2''" 2 
ATOM 310  H "H1'"  . DC A 1 2 ? 2.443  2.237  -3.552 1.00 0.29 ? 2 DC A "H1'"  2 
ATOM 311  H H41    . DC A 1 2 ? 1.146  -0.476 2.048  1.00 0.28 ? 2 DC A H41    2 
ATOM 312  H H42    . DC A 1 2 ? 2.727  -0.174 2.737  1.00 0.32 ? 2 DC A H42    2 
ATOM 313  H H5     . DC A 1 2 ? 4.317  1.360  1.556  1.00 0.28 ? 2 DC A H5     2 
ATOM 314  H H6     . DC A 1 2 ? 4.831  2.353  -0.630 1.00 0.24 ? 2 DC A H6     2 
ATOM 315  P P      . DG A 1 3 ? 2.971  5.154  -5.681 1.00 0.38 ? 3 DG A P      2 
ATOM 316  O OP1    . DG A 1 3 ? 2.495  5.219  -7.080 1.00 0.57 ? 3 DG A OP1    2 
ATOM 317  O OP2    . DG A 1 3 ? 3.943  6.157  -5.188 1.00 0.50 ? 3 DG A OP2    2 
ATOM 318  O "O5'"  . DG A 1 3 ? 1.690  5.160  -4.691 1.00 0.29 ? 3 DG A "O5'"  2 
ATOM 319  C "C5'"  . DG A 1 3 ? 0.550  4.299  -4.885 1.00 0.26 ? 3 DG A "C5'"  2 
ATOM 320  C "C4'"  . DG A 1 3 ? -0.381 4.287  -3.632 1.00 0.19 ? 3 DG A "C4'"  2 
ATOM 321  O "O4'"  . DG A 1 3 ? 0.292  3.796  -2.448 1.00 0.20 ? 3 DG A "O4'"  2 
ATOM 322  C "C3'"  . DG A 1 3 ? -0.913 5.681  -3.200 1.00 0.20 ? 3 DG A "C3'"  2 
ATOM 323  O "O3'"  . DG A 1 3 ? -2.304 5.499  -2.983 1.00 0.25 ? 3 DG A "O3'"  2 
ATOM 324  C "C2'"  . DG A 1 3 ? -0.294 5.969  -1.823 1.00 0.18 ? 3 DG A "C2'"  2 
ATOM 325  C "C1'"  . DG A 1 3 ? -0.170 4.538  -1.308 1.00 0.17 ? 3 DG A "C1'"  2 
ATOM 326  N N9     . DG A 1 3 ? 0.771  4.471  -0.179 1.00 0.16 ? 3 DG A N9     2 
ATOM 327  C C8     . DG A 1 3 ? 1.926  5.181  0.031  1.00 0.18 ? 3 DG A C8     2 
ATOM 328  N N7     . DG A 1 3 ? 2.508  4.913  1.167  1.00 0.19 ? 3 DG A N7     2 
ATOM 329  C C5     . DG A 1 3 ? 1.679  3.954  1.748  1.00 0.16 ? 3 DG A C5     2 
ATOM 330  C C6     . DG A 1 3 ? 1.791  3.277  2.993  1.00 0.17 ? 3 DG A C6     2 
ATOM 331  O O6     . DG A 1 3 ? 2.655  3.372  3.860  1.00 0.22 ? 3 DG A O6     2 
ATOM 332  N N1     . DG A 1 3 ? 0.751  2.401  3.183  1.00 0.17 ? 3 DG A N1     2 
ATOM 333  C C2     . DG A 1 3 ? -0.279 2.181  2.302  1.00 0.17 ? 3 DG A C2     2 
ATOM 334  N N2     . DG A 1 3 ? -1.168 1.274  2.682  1.00 0.22 ? 3 DG A N2     2 
ATOM 335  N N3     . DG A 1 3 ? -0.404 2.805  1.128  1.00 0.16 ? 3 DG A N3     2 
ATOM 336  C C4     . DG A 1 3 ? 0.617  3.679  0.925  1.00 0.14 ? 3 DG A C4     2 
ATOM 337  H "H5'"  . DG A 1 3 ? 0.905  3.295  -5.115 1.00 0.30 ? 3 DG A "H5'"  2 
ATOM 338  H "H5''" . DG A 1 3 ? 0.025  4.605  -5.791 1.00 0.29 ? 3 DG A "H5''" 2 
ATOM 339  H "H4'"  . DG A 1 3 ? -1.269 3.695  -3.855 1.00 0.21 ? 3 DG A "H4'"  2 
ATOM 340  H "H3'"  . DG A 1 3 ? -0.712 6.472  -3.923 1.00 0.22 ? 3 DG A "H3'"  2 
ATOM 341  H "H2'"  . DG A 1 3 ? 0.665  6.485  -1.884 1.00 0.21 ? 3 DG A "H2'"  2 
ATOM 342  H "H2''" . DG A 1 3 ? -0.930 6.569  -1.173 1.00 0.22 ? 3 DG A "H2''" 2 
ATOM 343  H "H1'"  . DG A 1 3 ? -1.132 4.218  -0.907 1.00 0.19 ? 3 DG A "H1'"  2 
ATOM 344  H H8     . DG A 1 3 ? 2.310  5.895  -0.698 1.00 0.22 ? 3 DG A H8     2 
ATOM 345  H H1     . DG A 1 3 ? 0.773  1.905  4.057  1.00 0.20 ? 3 DG A H1     2 
ATOM 346  H H21    . DG A 1 3 ? -1.182 0.936  3.631  1.00 0.31 ? 3 DG A H21    2 
ATOM 347  H H22    . DG A 1 3 ? -1.833 0.910  2.024  1.00 0.20 ? 3 DG A H22    2 
ATOM 348  P P      . DA A 1 4 ? -3.368 6.684  -3.123 1.00 0.34 ? 4 DA A P      2 
ATOM 349  O OP1    . DA A 1 4 ? -2.948 7.617  -4.194 1.00 0.44 ? 4 DA A OP1    2 
ATOM 350  O OP2    . DA A 1 4 ? -3.673 7.174  -1.759 1.00 0.47 ? 4 DA A OP2    2 
ATOM 351  O "O5'"  . DA A 1 4 ? -4.580 5.779  -3.658 1.00 0.37 ? 4 DA A "O5'"  2 
ATOM 352  C "C5'"  . DA A 1 4 ? -4.364 4.904  -4.777 1.00 0.35 ? 4 DA A "C5'"  2 
ATOM 353  C "C4'"  . DA A 1 4 ? -5.275 3.700  -4.728 1.00 0.37 ? 4 DA A "C4'"  2 
ATOM 354  O "O4'"  . DA A 1 4 ? -5.012 2.823  -3.630 1.00 0.39 ? 4 DA A "O4'"  2 
ATOM 355  C "C3'"  . DA A 1 4 ? -6.792 3.943  -4.723 1.00 0.43 ? 4 DA A "C3'"  2 
ATOM 356  O "O3'"  . DA A 1 4 ? -7.404 2.916  -5.517 1.00 0.58 ? 4 DA A "O3'"  2 
ATOM 357  C "C2'"  . DA A 1 4 ? -7.162 3.786  -3.222 1.00 0.39 ? 4 DA A "C2'"  2 
ATOM 358  C "C1'"  . DA A 1 4 ? -6.208 2.662  -2.849 1.00 0.36 ? 4 DA A "C1'"  2 
ATOM 359  N N9     . DA A 1 4 ? -5.778 2.844  -1.456 1.00 0.29 ? 4 DA A N9     2 
ATOM 360  C C8     . DA A 1 4 ? -4.774 3.632  -0.989 1.00 0.23 ? 4 DA A C8     2 
ATOM 361  N N7     . DA A 1 4 ? -4.577 3.556  0.302  1.00 0.22 ? 4 DA A N7     2 
ATOM 362  C C5     . DA A 1 4 ? -5.550 2.635  0.707  1.00 0.24 ? 4 DA A C5     2 
ATOM 363  C C6     . DA A 1 4 ? -5.907 2.087  1.953  1.00 0.29 ? 4 DA A C6     2 
ATOM 364  N N6     . DA A 1 4 ? -5.272 2.367  3.091  1.00 0.29 ? 4 DA A N6     2 
ATOM 365  N N1     . DA A 1 4 ? -6.927 1.210  1.964  1.00 0.37 ? 4 DA A N1     2 
ATOM 366  C C2     . DA A 1 4 ? -7.545 0.896  0.826  1.00 0.42 ? 4 DA A C2     2 
ATOM 367  N N3     . DA A 1 4 ? -7.298 1.336  -0.389 1.00 0.39 ? 4 DA A N3     2 
ATOM 368  C C4     . DA A 1 4 ? -6.279 2.210  -0.369 1.00 0.29 ? 4 DA A C4     2 
ATOM 369  H "H5'"  . DA A 1 4 ? -3.354 4.499  -4.848 1.00 0.33 ? 4 DA A "H5'"  2 
ATOM 370  H "H5''" . DA A 1 4 ? -4.381 5.423  -5.736 1.00 0.40 ? 4 DA A "H5''" 2 
ATOM 371  H "H4'"  . DA A 1 4 ? -4.966 3.190  -5.640 1.00 0.39 ? 4 DA A "H4'"  2 
ATOM 372  H "H3'"  . DA A 1 4 ? -6.967 4.938  -5.131 1.00 0.50 ? 4 DA A "H3'"  2 
ATOM 373  H "HO3'" . DA A 1 4 ? -8.346 3.090  -5.577 1.00 0.95 ? 4 DA A "HO3'" 2 
ATOM 374  H "H2'"  . DA A 1 4 ? -6.974 4.674  -2.619 1.00 0.40 ? 4 DA A "H2'"  2 
ATOM 375  H "H2''" . DA A 1 4 ? -8.164 3.419  -2.998 1.00 0.48 ? 4 DA A "H2''" 2 
ATOM 376  H "H1'"  . DA A 1 4 ? -6.656 1.675  -2.966 1.00 0.42 ? 4 DA A "H1'"  2 
ATOM 377  H H8     . DA A 1 4 ? -4.240 4.257  -1.704 1.00 0.26 ? 4 DA A H8     2 
ATOM 378  H H61    . DA A 1 4 ? -5.627 2.056  3.985  1.00 0.38 ? 4 DA A H61    2 
ATOM 379  H H62    . DA A 1 4 ? -4.420 2.888  3.068  1.00 0.26 ? 4 DA A H62    2 
ATOM 380  H H2     . DA A 1 4 ? -8.382 0.199  0.824  1.00 0.50 ? 4 DA A H2     2 
ATOM 381  O "O5'"  . DT B 1 1 ? 2.613  -9.295 -2.549 1.00 0.85 ? 5 DT B "O5'"  2 
ATOM 382  C "C5'"  . DT B 1 1 ? 3.193  -8.118 -3.135 1.00 0.70 ? 5 DT B "C5'"  2 
ATOM 383  C "C4'"  . DT B 1 1 ? 2.768  -6.839 -2.390 1.00 0.51 ? 5 DT B "C4'"  2 
ATOM 384  O "O4'"  . DT B 1 1 ? 3.340  -5.689 -3.042 1.00 0.42 ? 5 DT B "O4'"  2 
ATOM 385  C "C3'"  . DT B 1 1 ? 1.237  -6.558 -2.407 1.00 0.46 ? 5 DT B "C3'"  2 
ATOM 386  O "O3'"  . DT B 1 1 ? 0.647  -6.690 -1.097 1.00 0.50 ? 5 DT B "O3'"  2 
ATOM 387  C "C2'"  . DT B 1 1 ? 1.112  -5.090 -2.894 1.00 0.34 ? 5 DT B "C2'"  2 
ATOM 388  C "C1'"  . DT B 1 1 ? 2.525  -4.539 -2.767 1.00 0.28 ? 5 DT B "C1'"  2 
ATOM 389  N N1     . DT B 1 1 ? 2.776  -3.493 -3.790 1.00 0.23 ? 5 DT B N1     2 
ATOM 390  C C2     . DT B 1 1 ? 3.041  -2.202 -3.366 1.00 0.19 ? 5 DT B C2     2 
ATOM 391  O O2     . DT B 1 1 ? 3.056  -1.849 -2.194 1.00 0.25 ? 5 DT B O2     2 
ATOM 392  N N3     . DT B 1 1 ? 3.287  -1.279 -4.332 1.00 0.18 ? 5 DT B N3     2 
ATOM 393  C C4     . DT B 1 1 ? 3.298  -1.501 -5.691 1.00 0.24 ? 5 DT B C4     2 
ATOM 394  O O4     . DT B 1 1 ? 3.539  -0.575 -6.460 1.00 0.29 ? 5 DT B O4     2 
ATOM 395  C C5     . DT B 1 1 ? 3.008  -2.875 -6.065 1.00 0.29 ? 5 DT B C5     2 
ATOM 396  C C7     . DT B 1 1 ? 2.978  -3.293 -7.541 1.00 0.43 ? 5 DT B C7     2 
ATOM 397  C C6     . DT B 1 1 ? 2.761  -3.804 -5.120 1.00 0.28 ? 5 DT B C6     2 
ATOM 398  H "H5'"  . DT B 1 1 ? 2.966  -8.072 -4.200 1.00 0.71 ? 5 DT B "H5'"  2 
ATOM 399  H "H5''" . DT B 1 1 ? 4.276  -8.206 -3.047 1.00 0.77 ? 5 DT B "H5''" 2 
ATOM 400  H "H4'"  . DT B 1 1 ? 3.125  -7.016 -1.375 1.00 0.57 ? 5 DT B "H4'"  2 
ATOM 401  H "H3'"  . DT B 1 1 ? 0.738  -7.205 -3.129 1.00 0.59 ? 5 DT B "H3'"  2 
ATOM 402  H "H2'"  . DT B 1 1 ? 0.815  -5.054 -3.942 1.00 0.43 ? 5 DT B "H2'"  2 
ATOM 403  H "H2''" . DT B 1 1 ? 0.441  -4.490 -2.281 1.00 0.39 ? 5 DT B "H2''" 2 
ATOM 404  H "H1'"  . DT B 1 1 ? 2.698  -4.070 -1.799 1.00 0.33 ? 5 DT B "H1'"  2 
ATOM 405  H H3     . DT B 1 1 ? 3.489  -0.354 -3.977 1.00 0.19 ? 5 DT B H3     2 
ATOM 406  H H71    . DT B 1 1 ? 1.995  -3.695 -7.785 1.00 0.52 ? 5 DT B H71    2 
ATOM 407  H H72    . DT B 1 1 ? 3.732  -4.060 -7.717 1.00 0.47 ? 5 DT B H72    2 
ATOM 408  H H73    . DT B 1 1 ? 3.184  -2.437 -8.185 1.00 0.48 ? 5 DT B H73    2 
ATOM 409  H H6     . DT B 1 1 ? 2.534  -4.834 -5.399 1.00 0.35 ? 5 DT B H6     2 
ATOM 410  H "HO5'" . DT B 1 1 ? 1.901  -9.027 -1.964 1.00 0.78 ? 5 DT B "HO5'" 2 
ATOM 411  P P      . DC B 1 2 ? -0.447 -7.844 -0.849 1.00 0.41 ? 6 DC B P      2 
ATOM 412  O OP1    . DC B 1 2 ? 0.235  -9.114 -1.190 1.00 0.68 ? 6 DC B OP1    2 
ATOM 413  O OP2    . DC B 1 2 ? -1.661 -7.446 -1.600 1.00 0.95 ? 6 DC B OP2    2 
ATOM 414  O "O5'"  . DC B 1 2 ? -0.845 -7.876 0.715  1.00 0.44 ? 6 DC B "O5'"  2 
ATOM 415  C "C5'"  . DC B 1 2 ? 0.034  -7.649 1.828  1.00 0.36 ? 6 DC B "C5'"  2 
ATOM 416  C "C4'"  . DC B 1 2 ? -0.352 -6.329 2.521  1.00 0.29 ? 6 DC B "C4'"  2 
ATOM 417  O "O4'"  . DC B 1 2 ? -0.244 -5.229 1.618  1.00 0.27 ? 6 DC B "O4'"  2 
ATOM 418  C "C3'"  . DC B 1 2 ? -1.775 -6.199 3.131  1.00 0.27 ? 6 DC B "C3'"  2 
ATOM 419  O "O3'"  . DC B 1 2 ? -1.571 -5.782 4.491  1.00 0.29 ? 6 DC B "O3'"  2 
ATOM 420  C "C2'"  . DC B 1 2 ? -2.497 -5.117 2.282  1.00 0.27 ? 6 DC B "C2'"  2 
ATOM 421  C "C1'"  . DC B 1 2 ? -1.265 -4.281 1.939  1.00 0.24 ? 6 DC B "C1'"  2 
ATOM 422  N N1     . DC B 1 2 ? -1.334 -3.427 0.734  1.00 0.24 ? 6 DC B N1     2 
ATOM 423  C C2     . DC B 1 2 ? -0.766 -2.173 0.839  1.00 0.25 ? 6 DC B C2     2 
ATOM 424  O O2     . DC B 1 2 ? -0.291 -1.771 1.897  1.00 0.32 ? 6 DC B O2     2 
ATOM 425  N N3     . DC B 1 2 ? -0.731 -1.382 -0.253 1.00 0.25 ? 6 DC B N3     2 
ATOM 426  C C4     . DC B 1 2 ? -1.229 -1.786 -1.409 1.00 0.24 ? 6 DC B C4     2 
ATOM 427  N N4     . DC B 1 2 ? -1.118 -0.988 -2.464 1.00 0.26 ? 6 DC B N4     2 
ATOM 428  C C5     . DC B 1 2 ? -1.826 -3.059 -1.541 1.00 0.24 ? 6 DC B C5     2 
ATOM 429  C C6     . DC B 1 2 ? -1.868 -3.859 -0.449 1.00 0.24 ? 6 DC B C6     2 
ATOM 430  H "H5'"  . DC B 1 2 ? 1.067  -7.582 1.486  1.00 0.42 ? 6 DC B "H5'"  2 
ATOM 431  H "H5''" . DC B 1 2 ? -0.013 -8.479 2.532  1.00 0.47 ? 6 DC B "H5''" 2 
ATOM 432  H "H4'"  . DC B 1 2 ? 0.346  -6.187 3.346  1.00 0.34 ? 6 DC B "H4'"  2 
ATOM 433  H "H3'"  . DC B 1 2 ? -2.297 -7.155 3.102  1.00 0.32 ? 6 DC B "H3'"  2 
ATOM 434  H "H2'"  . DC B 1 2 ? -3.047 -5.510 1.426  1.00 0.31 ? 6 DC B "H2'"  2 
ATOM 435  H "H2''" . DC B 1 2 ? -3.243 -4.543 2.831  1.00 0.31 ? 6 DC B "H2''" 2 
ATOM 436  H "H1'"  . DC B 1 2 ? -0.925 -3.701 2.796  1.00 0.26 ? 6 DC B "H1'"  2 
ATOM 437  H H41    . DC B 1 2 ? -0.685 -0.075 -2.342 1.00 0.26 ? 6 DC B H41    2 
ATOM 438  H H42    . DC B 1 2 ? -1.428 -1.265 -3.380 1.00 0.31 ? 6 DC B H42    2 
ATOM 439  H H5     . DC B 1 2 ? -2.210 -3.308 -2.530 1.00 0.30 ? 6 DC B H5     2 
ATOM 440  H H6     . DC B 1 2 ? -2.338 -4.839 -0.512 1.00 0.25 ? 6 DC B H6     2 
ATOM 441  P P      . DG B 1 3 ? -2.734 -5.457 5.567  1.00 0.31 ? 7 DG B P      2 
ATOM 442  O OP1    . DG B 1 3 ? -2.163 -5.624 6.923  1.00 0.47 ? 7 DG B OP1    2 
ATOM 443  O OP2    . DG B 1 3 ? -3.958 -6.200 5.188  1.00 0.45 ? 7 DG B OP2    2 
ATOM 444  O "O5'"  . DG B 1 3 ? -2.995 -3.882 5.303  1.00 0.23 ? 7 DG B "O5'"  2 
ATOM 445  C "C5'"  . DG B 1 3 ? -2.001 -2.871 5.566  1.00 0.24 ? 7 DG B "C5'"  2 
ATOM 446  C "C4'"  . DG B 1 3 ? -2.395 -1.500 4.932  1.00 0.19 ? 7 DG B "C4'"  2 
ATOM 447  O "O4'"  . DG B 1 3 ? -2.520 -1.575 3.493  1.00 0.18 ? 7 DG B "O4'"  2 
ATOM 448  C "C3'"  . DG B 1 3 ? -3.767 -0.937 5.388  1.00 0.20 ? 7 DG B "C3'"  2 
ATOM 449  O "O3'"  . DG B 1 3 ? -3.522 0.424  5.706  1.00 0.30 ? 7 DG B "O3'"  2 
ATOM 450  C "C2'"  . DG B 1 3 ? -4.666 -0.935 4.139  1.00 0.17 ? 7 DG B "C2'"  2 
ATOM 451  C "C1'"  . DG B 1 3 ? -3.597 -0.725 3.070  1.00 0.15 ? 7 DG B "C1'"  2 
ATOM 452  N N9     . DG B 1 3 ? -4.111 -1.095 1.743  1.00 0.13 ? 7 DG B N9     2 
ATOM 453  C C8     . DG B 1 3 ? -4.977 -2.099 1.394  1.00 0.17 ? 7 DG B C8     2 
ATOM 454  N N7     . DG B 1 3 ? -5.269 -2.126 0.124  1.00 0.21 ? 7 DG B N7     2 
ATOM 455  C C5     . DG B 1 3 ? -4.540 -1.063 -0.407 1.00 0.17 ? 7 DG B C5     2 
ATOM 456  C C6     . DG B 1 3 ? -4.450 -0.589 -1.744 1.00 0.21 ? 7 DG B C6     2 
ATOM 457  O O6     . DG B 1 3 ? -4.995 -1.010 -2.760 1.00 0.29 ? 7 DG B O6     2 
ATOM 458  N N1     . DG B 1 3 ? -3.612 0.494  -1.837 1.00 0.18 ? 7 DG B N1     2 
ATOM 459  C C2     . DG B 1 3 ? -2.931 1.068  -0.793 1.00 0.16 ? 7 DG B C2     2 
ATOM 460  N N2     . DG B 1 3 ? -2.160 2.097  -1.117 1.00 0.21 ? 7 DG B N2     2 
ATOM 461  N N3     . DG B 1 3 ? -2.999 0.641  0.471  1.00 0.14 ? 7 DG B N3     2 
ATOM 462  C C4     . DG B 1 3 ? -3.827 -0.431 0.580  1.00 0.13 ? 7 DG B C4     2 
ATOM 463  H "H5'"  . DG B 1 3 ? -1.041 -3.216 5.184  1.00 0.28 ? 7 DG B "H5'"  2 
ATOM 464  H "H5''" . DG B 1 3 ? -1.843 -2.804 6.643  1.00 0.28 ? 7 DG B "H5''" 2 
ATOM 465  H "H4'"  . DG B 1 3 ? -1.659 -0.752 5.227  1.00 0.23 ? 7 DG B "H4'"  2 
ATOM 466  H "H3'"  . DG B 1 3 ? -4.211 -1.483 6.222  1.00 0.24 ? 7 DG B "H3'"  2 
ATOM 467  H "H2'"  . DG B 1 3 ? -5.221 -1.863 4.009  1.00 0.17 ? 7 DG B "H2'"  2 
ATOM 468  H "H2''" . DG B 1 3 ? -5.398 -0.127 4.128  1.00 0.22 ? 7 DG B "H2''" 2 
ATOM 469  H "H1'"  . DG B 1 3 ? -3.354 0.336  3.007  1.00 0.19 ? 7 DG B "H1'"  2 
ATOM 470  H H8     . DG B 1 3 ? -5.372 -2.806 2.122  1.00 0.19 ? 7 DG B H8     2 
ATOM 471  H H1     . DG B 1 3 ? -3.524 0.878  -2.761 1.00 0.20 ? 7 DG B H1     2 
ATOM 472  H H21    . DG B 1 3 ? -2.242 2.535  -2.020 1.00 0.27 ? 7 DG B H21    2 
ATOM 473  H H22    . DG B 1 3 ? -1.482 2.444  -0.465 1.00 0.23 ? 7 DG B H22    2 
ATOM 474  P P      . DA B 1 4 ? -4.392 1.260  6.754  1.00 0.35 ? 8 DA B P      2 
ATOM 475  O OP1    . DA B 1 4 ? -4.858 0.375  7.845  1.00 0.46 ? 8 DA B OP1    2 
ATOM 476  O OP2    . DA B 1 4 ? -5.350 2.085  5.980  1.00 0.45 ? 8 DA B OP2    2 
ATOM 477  O "O5'"  . DA B 1 4 ? -3.199 2.184  7.295  1.00 0.38 ? 8 DA B "O5'"  2 
ATOM 478  C "C5'"  . DA B 1 4 ? -1.980 1.567  7.744  1.00 0.38 ? 8 DA B "C5'"  2 
ATOM 479  C "C4'"  . DA B 1 4 ? -0.791 2.482  7.564  1.00 0.39 ? 8 DA B "C4'"  2 
ATOM 480  O "O4'"  . DA B 1 4 ? -0.480 2.761  6.195  1.00 0.40 ? 8 DA B "O4'"  2 
ATOM 481  C "C3'"  . DA B 1 4 ? -0.812 3.841  8.278  1.00 0.41 ? 8 DA B "C3'"  2 
ATOM 482  O "O3'"  . DA B 1 4 ? 0.520  4.118  8.734  1.00 0.51 ? 8 DA B "O3'"  2 
ATOM 483  C "C2'"  . DA B 1 4 ? -1.233 4.821  7.149  1.00 0.35 ? 8 DA B "C2'"  2 
ATOM 484  C "C1'"  . DA B 1 4 ? -0.495 4.182  5.982  1.00 0.33 ? 8 DA B "C1'"  2 
ATOM 485  N N9     . DA B 1 4 ? -1.283 4.373  4.758  1.00 0.28 ? 8 DA B N9     2 
ATOM 486  C C8     . DA B 1 4 ? -2.316 3.617  4.304  1.00 0.27 ? 8 DA B C8     2 
ATOM 487  N N7     . DA B 1 4 ? -2.800 3.989  3.147  1.00 0.24 ? 8 DA B N7     2 
ATOM 488  C C5     . DA B 1 4 ? -2.004 5.095  2.826  1.00 0.21 ? 8 DA B C5     2 
ATOM 489  C C6     . DA B 1 4 ? -1.969 5.978  1.730  1.00 0.24 ? 8 DA B C6     2 
ATOM 490  N N6     . DA B 1 4 ? -2.769 5.868  0.669  1.00 0.25 ? 8 DA B N6     2 
ATOM 491  N N1     . DA B 1 4 ? -1.046 6.955  1.764  1.00 0.31 ? 8 DA B N1     2 
ATOM 492  C C2     . DA B 1 4 ? -0.217 7.049  2.803  1.00 0.35 ? 8 DA B C2     2 
ATOM 493  N N3     . DA B 1 4 ? -0.153 6.286  3.872  1.00 0.33 ? 8 DA B N3     2 
ATOM 494  C C4     . DA B 1 4 ? -1.085 5.322  3.813  1.00 0.26 ? 8 DA B C4     2 
ATOM 495  H "H5'"  . DA B 1 4 ? -1.718 0.647  7.219  1.00 0.37 ? 8 DA B "H5'"  2 
ATOM 496  H "H5''" . DA B 1 4 ? -2.055 1.145  8.746  1.00 0.42 ? 8 DA B "H5''" 2 
ATOM 497  H "H4'"  . DA B 1 4 ? 0.001  1.845  7.957  1.00 0.41 ? 8 DA B "H4'"  2 
ATOM 498  H "H3'"  . DA B 1 4 ? -1.521 3.768  9.103  1.00 0.47 ? 8 DA B "H3'"  2 
ATOM 499  H "HO3'" . DA B 1 4 ? 0.511  4.934  9.242  1.00 0.91 ? 8 DA B "HO3'" 2 
ATOM 500  H "H2'"  . DA B 1 4 ? -2.306 4.855  6.961  1.00 0.36 ? 8 DA B "H2'"  2 
ATOM 501  H "H2''" . DA B 1 4 ? -0.859 5.842  7.220  1.00 0.41 ? 8 DA B "H2''" 2 
ATOM 502  H "H1'"  . DA B 1 4 ? 0.504  4.596  5.841  1.00 0.38 ? 8 DA B "H1'"  2 
ATOM 503  H H8     . DA B 1 4 ? -2.663 2.795  4.931  1.00 0.32 ? 8 DA B H8     2 
ATOM 504  H H61    . DA B 1 4 ? -2.805 6.586  -0.042 1.00 0.33 ? 8 DA B H61    2 
ATOM 505  H H62    . DA B 1 4 ? -3.344 5.057  0.562  1.00 0.23 ? 8 DA B H62    2 
ATOM 506  H H2     . DA B 1 4 ? 0.524  7.848  2.850  1.00 0.44 ? 8 DA B H2     2 
ATOM 507  O "O5'"  . DT A 1 1 ? 8.752  -3.653 -0.401 1.00 0.45 ? 1 DT A "O5'"  3 
ATOM 508  C "C5'"  . DT A 1 1 ? 8.401  -3.472 -1.774 1.00 0.42 ? 1 DT A "C5'"  3 
ATOM 509  C "C4'"  . DT A 1 1 ? 6.970  -2.932 -1.887 1.00 0.29 ? 1 DT A "C4'"  3 
ATOM 510  O "O4'"  . DT A 1 1 ? 6.086  -3.840 -1.201 1.00 0.25 ? 1 DT A "O4'"  3 
ATOM 511  C "C3'"  . DT A 1 1 ? 6.789  -1.575 -1.164 1.00 0.24 ? 1 DT A "C3'"  3 
ATOM 512  O "O3'"  . DT A 1 1 ? 6.483  -0.499 -2.072 1.00 0.26 ? 1 DT A "O3'"  3 
ATOM 513  C "C2'"  . DT A 1 1 ? 5.646  -1.832 -0.154 1.00 0.24 ? 1 DT A "C2'"  3 
ATOM 514  C "C1'"  . DT A 1 1 ? 4.980  -3.108 -0.655 1.00 0.20 ? 1 DT A "C1'"  3 
ATOM 515  N N1     . DT A 1 1 ? 4.396  -3.879 0.477  1.00 0.21 ? 1 DT A N1     3 
ATOM 516  C C2     . DT A 1 1 ? 3.023  -4.073 0.521  1.00 0.21 ? 1 DT A C2     3 
ATOM 517  O O2     . DT A 1 1 ? 2.235  -3.619 -0.299 1.00 0.24 ? 1 DT A O2     3 
ATOM 518  N N3     . DT A 1 1 ? 2.538  -4.807 1.563  1.00 0.24 ? 1 DT A N3     3 
ATOM 519  C C4     . DT A 1 1 ? 3.281  -5.371 2.574  1.00 0.29 ? 1 DT A C4     3 
ATOM 520  O O4     . DT A 1 1 ? 2.718  -6.011 3.456  1.00 0.36 ? 1 DT A O4     3 
ATOM 521  C C5     . DT A 1 1 ? 4.710  -5.128 2.470  1.00 0.32 ? 1 DT A C5     3 
ATOM 522  C C7     . DT A 1 1 ? 5.662  -5.697 3.531  1.00 0.45 ? 1 DT A C7     3 
ATOM 523  C C6     . DT A 1 1 ? 5.209  -4.402 1.444  1.00 0.27 ? 1 DT A C6     3 
ATOM 524  H "H5'"  . DT A 1 1 ? 8.459  -4.440 -2.272 1.00 0.49 ? 1 DT A "H5'"  3 
ATOM 525  H "H5''" . DT A 1 1 ? 9.109  -2.787 -2.240 1.00 0.48 ? 1 DT A "H5''" 3 
ATOM 526  H "H4'"  . DT A 1 1 ? 6.759  -2.841 -2.953 1.00 0.33 ? 1 DT A "H4'"  3 
ATOM 527  H "H3'"  . DT A 1 1 ? 7.689  -1.334 -0.600 1.00 0.30 ? 1 DT A "H3'"  3 
ATOM 528  H "H2'"  . DT A 1 1 ? 6.064  -2.045 0.830  1.00 0.30 ? 1 DT A "H2'"  3 
ATOM 529  H "H2''" . DT A 1 1 ? 4.906  -1.032 -0.129 1.00 0.28 ? 1 DT A "H2''" 3 
ATOM 530  H "H1'"  . DT A 1 1 ? 4.181  -2.894 -1.367 1.00 0.23 ? 1 DT A "H1'"  3 
ATOM 531  H H3     . DT A 1 1 ? 1.536  -4.941 1.559  1.00 0.23 ? 1 DT A H3     3 
ATOM 532  H H71    . DT A 1 1 ? 6.381  -6.371 3.064  1.00 0.53 ? 1 DT A H71    3 
ATOM 533  H H72    . DT A 1 1 ? 5.094  -6.251 4.278  1.00 0.55 ? 1 DT A H72    3 
ATOM 534  H H73    . DT A 1 1 ? 6.200  -4.886 4.025  1.00 0.53 ? 1 DT A H73    3 
ATOM 535  H H6     . DT A 1 1 ? 6.276  -4.205 1.355  1.00 0.32 ? 1 DT A H6     3 
ATOM 536  H "HO5'" . DT A 1 1 ? 8.014  -4.128 -0.013 1.00 0.51 ? 1 DT A "HO5'" 3 
ATOM 537  P P      . DC A 1 2 ? 7.695  0.297  -2.793 1.00 0.26 ? 2 DC A P      3 
ATOM 538  O OP1    . DC A 1 2 ? 8.257  -0.604 -3.825 1.00 0.44 ? 2 DC A OP1    3 
ATOM 539  O OP2    . DC A 1 2 ? 8.585  0.807  -1.729 1.00 0.46 ? 2 DC A OP2    3 
ATOM 540  O "O5'"  . DC A 1 2 ? 7.053  1.573  -3.539 1.00 0.29 ? 2 DC A "O5'"  3 
ATOM 541  C "C5'"  . DC A 1 2 ? 6.279  1.495  -4.747 1.00 0.29 ? 2 DC A "C5'"  3 
ATOM 542  C "C4'"  . DC A 1 2 ? 4.887  2.102  -4.535 1.00 0.26 ? 2 DC A "C4'"  3 
ATOM 543  O "O4'"  . DC A 1 2 ? 4.288  1.423  -3.431 1.00 0.27 ? 2 DC A "O4'"  3 
ATOM 544  C "C3'"  . DC A 1 2 ? 4.861  3.607  -4.135 1.00 0.29 ? 2 DC A "C3'"  3 
ATOM 545  O "O3'"  . DC A 1 2 ? 4.295  4.497  -5.117 1.00 0.35 ? 2 DC A "O3'"  3 
ATOM 546  C "C2'"  . DC A 1 2 ? 4.095  3.687  -2.792 1.00 0.29 ? 2 DC A "C2'"  3 
ATOM 547  C "C1'"  . DC A 1 2 ? 3.382  2.330  -2.820 1.00 0.25 ? 2 DC A "C1'"  3 
ATOM 548  N N1     . DC A 1 2 ? 3.067  1.701  -1.507 1.00 0.23 ? 2 DC A N1     3 
ATOM 549  C C2     . DC A 1 2 ? 1.879  0.992  -1.446 1.00 0.23 ? 2 DC A C2     3 
ATOM 550  O O2     . DC A 1 2 ? 1.116  0.908  -2.399 1.00 0.28 ? 2 DC A O2     3 
ATOM 551  N N3     . DC A 1 2 ? 1.584  0.386  -0.253 1.00 0.23 ? 2 DC A N3     3 
ATOM 552  C C4     . DC A 1 2 ? 2.399  0.464  0.843  1.00 0.25 ? 2 DC A C4     3 
ATOM 553  N N4     . DC A 1 2 ? 2.018  -0.155 1.953  1.00 0.27 ? 2 DC A N4     3 
ATOM 554  C C5     . DC A 1 2 ? 3.618  1.196  0.770  1.00 0.26 ? 2 DC A C5     3 
ATOM 555  C C6     . DC A 1 2 ? 3.906  1.788  -0.414 1.00 0.24 ? 2 DC A C6     3 
ATOM 556  H H3     . DC A 1 2 ? 0.726  -0.146 -0.240 1.00 0.26 ? 2 DC A H3     3 
ATOM 557  H "H5'"  . DC A 1 2 ? 6.157  0.452  -5.043 1.00 0.36 ? 2 DC A "H5'"  3 
ATOM 558  H "H5''" . DC A 1 2 ? 6.805  2.002  -5.556 1.00 0.38 ? 2 DC A "H5''" 3 
ATOM 559  H "H4'"  . DC A 1 2 ? 4.332  1.944  -5.460 1.00 0.31 ? 2 DC A "H4'"  3 
ATOM 560  H "H3'"  . DC A 1 2 ? 5.890  3.928  -3.977 1.00 0.37 ? 2 DC A "H3'"  3 
ATOM 561  H "H2'"  . DC A 1 2 ? 4.744  3.859  -1.932 1.00 0.35 ? 2 DC A "H2'"  3 
ATOM 562  H "H2''" . DC A 1 2 ? 3.402  4.526  -2.739 1.00 0.32 ? 2 DC A "H2''" 3 
ATOM 563  H "H1'"  . DC A 1 2 ? 2.501  2.415  -3.457 1.00 0.30 ? 2 DC A "H1'"  3 
ATOM 564  H H41    . DC A 1 2 ? 1.083  -0.536 2.004  1.00 0.26 ? 2 DC A H41    3 
ATOM 565  H H42    . DC A 1 2 ? 2.648  -0.256 2.734  1.00 0.32 ? 2 DC A H42    3 
ATOM 566  H H5     . DC A 1 2 ? 4.274  1.268  1.637  1.00 0.32 ? 2 DC A H5     3 
ATOM 567  H H6     . DC A 1 2 ? 4.850  2.333  -0.480 1.00 0.28 ? 2 DC A H6     3 
ATOM 568  P P      . DG A 1 3 ? 2.877  4.391  -5.879 1.00 0.32 ? 3 DG A P      3 
ATOM 569  O OP1    . DG A 1 3 ? 2.724  3.010  -6.391 1.00 0.40 ? 3 DG A OP1    3 
ATOM 570  O OP2    . DG A 1 3 ? 2.818  5.522  -6.831 1.00 0.47 ? 3 DG A OP2    3 
ATOM 571  O "O5'"  . DG A 1 3 ? 1.757  4.640  -4.734 1.00 0.31 ? 3 DG A "O5'"  3 
ATOM 572  C "C5'"  . DG A 1 3 ? 0.479  3.983  -4.818 1.00 0.25 ? 3 DG A "C5'"  3 
ATOM 573  C "C4'"  . DG A 1 3 ? -0.421 4.173  -3.563 1.00 0.17 ? 3 DG A "C4'"  3 
ATOM 574  O "O4'"  . DG A 1 3 ? 0.226  3.727  -2.351 1.00 0.21 ? 3 DG A "O4'"  3 
ATOM 575  C "C3'"  . DG A 1 3 ? -0.872 5.614  -3.228 1.00 0.18 ? 3 DG A "C3'"  3 
ATOM 576  O "O3'"  . DG A 1 3 ? -2.271 5.470  -3.066 1.00 0.25 ? 3 DG A "O3'"  3 
ATOM 577  C "C2'"  . DG A 1 3 ? -0.300 5.949  -1.843 1.00 0.18 ? 3 DG A "C2'"  3 
ATOM 578  C "C1'"  . DG A 1 3 ? -0.214 4.544  -1.253 1.00 0.16 ? 3 DG A "C1'"  3 
ATOM 579  N N9     . DG A 1 3 ? 0.720  4.499  -0.112 1.00 0.18 ? 3 DG A N9     3 
ATOM 580  C C8     . DG A 1 3 ? 1.856  5.233  0.114  1.00 0.24 ? 3 DG A C8     3 
ATOM 581  N N7     . DG A 1 3 ? 2.438  4.969  1.255  1.00 0.27 ? 3 DG A N7     3 
ATOM 582  C C5     . DG A 1 3 ? 1.625  3.988  1.822  1.00 0.22 ? 3 DG A C5     3 
ATOM 583  C C6     . DG A 1 3 ? 1.740  3.301  3.065  1.00 0.23 ? 3 DG A C6     3 
ATOM 584  O O6     . DG A 1 3 ? 2.591  3.409  3.942  1.00 0.31 ? 3 DG A O6     3 
ATOM 585  N N1     . DG A 1 3 ? 0.715  2.402  3.239  1.00 0.20 ? 3 DG A N1     3 
ATOM 586  C C2     . DG A 1 3 ? -0.299 2.173  2.343  1.00 0.18 ? 3 DG A C2     3 
ATOM 587  N N2     . DG A 1 3 ? -1.186 1.254  2.685  1.00 0.24 ? 3 DG A N2     3 
ATOM 588  N N3     . DG A 1 3 ? -0.423 2.807  1.178  1.00 0.17 ? 3 DG A N3     3 
ATOM 589  C C4     . DG A 1 3 ? 0.577  3.699  0.987  1.00 0.17 ? 3 DG A C4     3 
ATOM 590  H "H5'"  . DG A 1 3 ? 0.693  2.923  -4.955 1.00 0.29 ? 3 DG A "H5'"  3 
ATOM 591  H "H5''" . DG A 1 3 ? -0.020 4.297  -5.734 1.00 0.28 ? 3 DG A "H5''" 3 
ATOM 592  H "H4'"  . DG A 1 3 ? -1.355 3.651  -3.769 1.00 0.18 ? 3 DG A "H4'"  3 
ATOM 593  H "H3'"  . DG A 1 3 ? -0.611 6.350  -3.989 1.00 0.23 ? 3 DG A "H3'"  3 
ATOM 594  H "H2'"  . DG A 1 3 ? 0.662  6.457  -1.909 1.00 0.21 ? 3 DG A "H2'"  3 
ATOM 595  H "H2''" . DG A 1 3 ? -0.949 6.580  -1.237 1.00 0.24 ? 3 DG A "H2''" 3 
ATOM 596  H "H1'"  . DG A 1 3 ? -1.190 4.271  -0.853 1.00 0.17 ? 3 DG A "H1'"  3 
ATOM 597  H H8     . DG A 1 3 ? 2.232  5.963  -0.602 1.00 0.27 ? 3 DG A H8     3 
ATOM 598  H H1     . DG A 1 3 ? 0.736  1.893  4.105  1.00 0.24 ? 3 DG A H1     3 
ATOM 599  H H21    . DG A 1 3 ? -1.192 0.842  3.604  1.00 0.36 ? 3 DG A H21    3 
ATOM 600  H H22    . DG A 1 3 ? -1.865 0.959  2.009  1.00 0.21 ? 3 DG A H22    3 
ATOM 601  P P      . DA A 1 4 ? -3.318 6.673  -3.098 1.00 0.29 ? 4 DA A P      3 
ATOM 602  O OP1    . DA A 1 4 ? -2.951 7.632  -4.163 1.00 0.41 ? 4 DA A OP1    3 
ATOM 603  O OP2    . DA A 1 4 ? -3.524 7.125  -1.703 1.00 0.35 ? 4 DA A OP2    3 
ATOM 604  O "O5'"  . DA A 1 4 ? -4.565 5.787  -3.580 1.00 0.32 ? 4 DA A "O5'"  3 
ATOM 605  C "C5'"  . DA A 1 4 ? -4.404 4.910  -4.711 1.00 0.34 ? 4 DA A "C5'"  3 
ATOM 606  C "C4'"  . DA A 1 4 ? -5.355 3.735  -4.678 1.00 0.34 ? 4 DA A "C4'"  3 
ATOM 607  O "O4'"  . DA A 1 4 ? -5.099 2.815  -3.614 1.00 0.34 ? 4 DA A "O4'"  3 
ATOM 608  C "C3'"  . DA A 1 4 ? -6.863 4.050  -4.633 1.00 0.36 ? 4 DA A "C3'"  3 
ATOM 609  O "O3'"  . DA A 1 4 ? -7.631 3.142  -5.430 1.00 0.45 ? 4 DA A "O3'"  3 
ATOM 610  C "C2'"  . DA A 1 4 ? -7.196 3.855  -3.132 1.00 0.33 ? 4 DA A "C2'"  3 
ATOM 611  C "C1'"  . DA A 1 4 ? -6.270 2.697  -2.794 1.00 0.30 ? 4 DA A "C1'"  3 
ATOM 612  N N9     . DA A 1 4 ? -5.819 2.873  -1.409 1.00 0.23 ? 4 DA A N9     3 
ATOM 613  C C8     . DA A 1 4 ? -4.804 3.648  -0.952 1.00 0.23 ? 4 DA A C8     3 
ATOM 614  N N7     . DA A 1 4 ? -4.603 3.577  0.337  1.00 0.20 ? 4 DA A N7     3 
ATOM 615  C C5     . DA A 1 4 ? -5.585 2.670  0.754  1.00 0.17 ? 4 DA A C5     3 
ATOM 616  C C6     . DA A 1 4 ? -5.941 2.136  2.003  1.00 0.19 ? 4 DA A C6     3 
ATOM 617  N N6     . DA A 1 4 ? -5.298 2.424  3.133  1.00 0.19 ? 4 DA A N6     3 
ATOM 618  N N1     . DA A 1 4 ? -6.970 1.271  2.027  1.00 0.28 ? 4 DA A N1     3 
ATOM 619  C C2     . DA A 1 4 ? -7.595 0.956  0.892  1.00 0.32 ? 4 DA A C2     3 
ATOM 620  N N3     . DA A 1 4 ? -7.350 1.384  -0.326 1.00 0.31 ? 4 DA A N3     3 
ATOM 621  C C4     . DA A 1 4 ? -6.320 2.248  -0.315 1.00 0.22 ? 4 DA A C4     3 
ATOM 622  H "H5'"  . DA A 1 4 ? -3.408 4.473  -4.791 1.00 0.33 ? 4 DA A "H5'"  3 
ATOM 623  H "H5''" . DA A 1 4 ? -4.406 5.437  -5.666 1.00 0.39 ? 4 DA A "H5''" 3 
ATOM 624  H "H4'"  . DA A 1 4 ? -5.066 3.255  -5.612 1.00 0.37 ? 4 DA A "H4'"  3 
ATOM 625  H "H3'"  . DA A 1 4 ? -6.978 5.071  -4.992 1.00 0.42 ? 4 DA A "H3'"  3 
ATOM 626  H "HO3'" . DA A 1 4 ? -7.415 2.253  -5.142 1.00 0.57 ? 4 DA A "HO3'" 3 
ATOM 627  H "H2'"  . DA A 1 4 ? -6.974 4.728  -2.519 1.00 0.33 ? 4 DA A "H2'"  3 
ATOM 628  H "H2''" . DA A 1 4 ? -8.199 3.496  -2.899 1.00 0.35 ? 4 DA A "H2''" 3 
ATOM 629  H "H1'"  . DA A 1 4 ? -6.754 1.726  -2.893 1.00 0.35 ? 4 DA A "H1'"  3 
ATOM 630  H H8     . DA A 1 4 ? -4.263 4.267  -1.668 1.00 0.27 ? 4 DA A H8     3 
ATOM 631  H H61    . DA A 1 4 ? -5.647 2.148  4.043  1.00 0.28 ? 4 DA A H61    3 
ATOM 632  H H62    . DA A 1 4 ? -4.431 2.919  3.094  1.00 0.16 ? 4 DA A H62    3 
ATOM 633  H H2     . DA A 1 4 ? -8.439 0.267  0.902  1.00 0.41 ? 4 DA A H2     3 
ATOM 634  O "O5'"  . DT B 1 1 ? 2.489  -7.764 -4.849 1.00 0.37 ? 5 DT B "O5'"  3 
ATOM 635  C "C5'"  . DT B 1 1 ? 2.948  -8.042 -3.523 1.00 0.37 ? 5 DT B "C5'"  3 
ATOM 636  C "C4'"  . DT B 1 1 ? 2.664  -6.851 -2.600 1.00 0.30 ? 5 DT B "C4'"  3 
ATOM 637  O "O4'"  . DT B 1 1 ? 3.279  -5.678 -3.170 1.00 0.27 ? 5 DT B "O4'"  3 
ATOM 638  C "C3'"  . DT B 1 1 ? 1.154  -6.514 -2.519 1.00 0.25 ? 5 DT B "C3'"  3 
ATOM 639  O "O3'"  . DT B 1 1 ? 0.611  -6.706 -1.198 1.00 0.27 ? 5 DT B "O3'"  3 
ATOM 640  C "C2'"  . DT B 1 1 ? 1.077  -5.031 -2.962 1.00 0.22 ? 5 DT B "C2'"  3 
ATOM 641  C "C1'"  . DT B 1 1 ? 2.506  -4.521 -2.829 1.00 0.21 ? 5 DT B "C1'"  3 
ATOM 642  N N1     . DT B 1 1 ? 2.775  -3.443 -3.816 1.00 0.21 ? 5 DT B N1     3 
ATOM 643  C C2     . DT B 1 1 ? 3.074  -2.165 -3.361 1.00 0.20 ? 5 DT B C2     3 
ATOM 644  O O2     . DT B 1 1 ? 3.103  -1.847 -2.178 1.00 0.21 ? 5 DT B O2     3 
ATOM 645  N N3     . DT B 1 1 ? 3.337  -1.221 -4.304 1.00 0.25 ? 5 DT B N3     3 
ATOM 646  C C4     . DT B 1 1 ? 3.334  -1.409 -5.668 1.00 0.32 ? 5 DT B C4     3 
ATOM 647  O O4     . DT B 1 1 ? 3.591  -0.470 -6.415 1.00 0.39 ? 5 DT B O4     3 
ATOM 648  C C5     . DT B 1 1 ? 3.010  -2.764 -6.080 1.00 0.32 ? 5 DT B C5     3 
ATOM 649  C C7     . DT B 1 1 ? 2.968  -3.123 -7.570 1.00 0.44 ? 5 DT B C7     3 
ATOM 650  C C6     . DT B 1 1 ? 2.746  -3.718 -5.157 1.00 0.27 ? 5 DT B C6     3 
ATOM 651  H "H5'"  . DT B 1 1 ? 4.025  -8.212 -3.564 1.00 0.42 ? 5 DT B "H5'"  3 
ATOM 652  H "H5''" . DT B 1 1 ? 2.459  -8.942 -3.153 1.00 0.43 ? 5 DT B "H5''" 3 
ATOM 653  H "H4'"  . DT B 1 1 ? 3.058  -7.120 -1.619 1.00 0.35 ? 5 DT B "H4'"  3 
ATOM 654  H "H3'"  . DT B 1 1 ? 0.600  -7.109 -3.245 1.00 0.26 ? 5 DT B "H3'"  3 
ATOM 655  H "H2'"  . DT B 1 1 ? 0.801  -4.973 -4.017 1.00 0.29 ? 5 DT B "H2'"  3 
ATOM 656  H "H2''" . DT B 1 1 ? 0.426  -4.425 -2.332 1.00 0.25 ? 5 DT B "H2''" 3 
ATOM 657  H "H1'"  . DT B 1 1 ? 2.700  -4.120 -1.834 1.00 0.22 ? 5 DT B "H1'"  3 
ATOM 658  H H3     . DT B 1 1 ? 3.561  -0.306 -3.935 1.00 0.27 ? 5 DT B H3     3 
ATOM 659  H H71    . DT B 1 1 ? 3.695  -3.903 -7.791 1.00 0.54 ? 5 DT B H71    3 
ATOM 660  H H72    . DT B 1 1 ? 3.205  -2.244 -8.170 1.00 0.52 ? 5 DT B H72    3 
ATOM 661  H H73    . DT B 1 1 ? 1.973  -3.476 -7.844 1.00 0.51 ? 5 DT B H73    3 
ATOM 662  H H6     . DT B 1 1 ? 2.494  -4.737 -5.450 1.00 0.30 ? 5 DT B H6     3 
ATOM 663  H "HO5'" . DT B 1 1 ? 2.825  -6.888 -5.051 1.00 0.42 ? 5 DT B "HO5'" 3 
ATOM 664  P P      . DC B 1 2 ? -0.032 -8.121 -0.753 1.00 0.34 ? 6 DC B P      3 
ATOM 665  O OP1    . DC B 1 2 ? 1.085  -9.054 -0.489 1.00 0.50 ? 6 DC B OP1    3 
ATOM 666  O OP2    . DC B 1 2 ? -1.048 -8.484 -1.764 1.00 0.59 ? 6 DC B OP2    3 
ATOM 667  O "O5'"  . DC B 1 2 ? -0.806 -7.848 0.638  1.00 0.35 ? 6 DC B "O5'"  3 
ATOM 668  C "C5'"  . DC B 1 2 ? -0.161 -7.622 1.904  1.00 0.35 ? 6 DC B "C5'"  3 
ATOM 669  C "C4'"  . DC B 1 2 ? -0.684 -6.335 2.560  1.00 0.27 ? 6 DC B "C4'"  3 
ATOM 670  O "O4'"  . DC B 1 2 ? -0.472 -5.279 1.623  1.00 0.29 ? 6 DC B "O4'"  3 
ATOM 671  C "C3'"  . DC B 1 2 ? -2.215 -6.304 2.859  1.00 0.30 ? 6 DC B "C3'"  3 
ATOM 672  O "O3'"  . DC B 1 2 ? -2.593 -6.330 4.256  1.00 0.34 ? 6 DC B "O3'"  3 
ATOM 673  C "C2'"  . DC B 1 2 ? -2.756 -5.040 2.144  1.00 0.27 ? 6 DC B "C2'"  3 
ATOM 674  C "C1'"  . DC B 1 2 ? -1.450 -4.279 1.888  1.00 0.22 ? 6 DC B "C1'"  3 
ATOM 675  N N1     . DC B 1 2 ? -1.422 -3.413 0.687  1.00 0.19 ? 6 DC B N1     3 
ATOM 676  C C2     . DC B 1 2 ? -0.832 -2.169 0.825  1.00 0.21 ? 6 DC B C2     3 
ATOM 677  O O2     . DC B 1 2 ? -0.384 -1.793 1.900  1.00 0.27 ? 6 DC B O2     3 
ATOM 678  N N3     . DC B 1 2 ? -0.742 -1.367 -0.256 1.00 0.22 ? 6 DC B N3     3 
ATOM 679  C C4     . DC B 1 2 ? -1.205 -1.752 -1.437 1.00 0.23 ? 6 DC B C4     3 
ATOM 680  N N4     . DC B 1 2 ? -1.059 -0.945 -2.480 1.00 0.27 ? 6 DC B N4     3 
ATOM 681  C C5     . DC B 1 2 ? -1.817 -3.016 -1.604 1.00 0.24 ? 6 DC B C5     3 
ATOM 682  C C6     . DC B 1 2 ? -1.912 -3.821 -0.524 1.00 0.21 ? 6 DC B C6     3 
ATOM 683  H "H5'"  . DC B 1 2 ? 0.915  -7.519 1.764  1.00 0.40 ? 6 DC B "H5'"  3 
ATOM 684  H "H5''" . DC B 1 2 ? -0.332 -8.478 2.556  1.00 0.51 ? 6 DC B "H5''" 3 
ATOM 685  H "H4'"  . DC B 1 2 ? -0.117 -6.185 3.478  1.00 0.33 ? 6 DC B "H4'"  3 
ATOM 686  H "H3'"  . DC B 1 2 ? -2.656 -7.185 2.392  1.00 0.39 ? 6 DC B "H3'"  3 
ATOM 687  H "H2'"  . DC B 1 2 ? -3.332 -5.247 1.242  1.00 0.34 ? 6 DC B "H2'"  3 
ATOM 688  H "H2''" . DC B 1 2 ? -3.456 -4.472 2.758  1.00 0.30 ? 6 DC B "H2''" 3 
ATOM 689  H "H1'"  . DC B 1 2 ? -1.147 -3.710 2.765  1.00 0.25 ? 6 DC B "H1'"  3 
ATOM 690  H H41    . DC B 1 2 ? -0.627 -0.032 -2.343 1.00 0.29 ? 6 DC B H41    3 
ATOM 691  H H42    . DC B 1 2 ? -1.339 -1.217 -3.408 1.00 0.32 ? 6 DC B H42    3 
ATOM 692  H H5     . DC B 1 2 ? -2.172 -3.257 -2.607 1.00 0.30 ? 6 DC B H5     3 
ATOM 693  H H6     . DC B 1 2 ? -2.385 -4.799 -0.619 1.00 0.26 ? 6 DC B H6     3 
ATOM 694  P P      . DG B 1 3 ? -2.033 -5.402 5.457  1.00 0.31 ? 7 DG B P      3 
ATOM 695  O OP1    . DG B 1 3 ? -0.555 -5.395 5.366  1.00 0.40 ? 7 DG B OP1    3 
ATOM 696  O OP2    . DG B 1 3 ? -2.676 -5.839 6.716  1.00 0.45 ? 7 DG B OP2    3 
ATOM 697  O "O5'"  . DG B 1 3 ? -2.580 -3.921 5.106  1.00 0.27 ? 7 DG B "O5'"  3 
ATOM 698  C "C5'"  . DG B 1 3 ? -1.785 -2.765 5.424  1.00 0.24 ? 7 DG B "C5'"  3 
ATOM 699  C "C4'"  . DG B 1 3 ? -2.348 -1.428 4.860  1.00 0.18 ? 7 DG B "C4'"  3 
ATOM 700  O "O4'"  . DG B 1 3 ? -2.525 -1.467 3.429  1.00 0.19 ? 7 DG B "O4'"  3 
ATOM 701  C "C3'"  . DG B 1 3 ? -3.728 -0.965 5.379  1.00 0.21 ? 7 DG B "C3'"  3 
ATOM 702  O "O3'"  . DG B 1 3 ? -3.478 0.374  5.760  1.00 0.27 ? 7 DG B "O3'"  3 
ATOM 703  C "C2'"  . DG B 1 3 ? -4.664 -0.906 4.161  1.00 0.18 ? 7 DG B "C2'"  3 
ATOM 704  C "C1'"  . DG B 1 3 ? -3.643 -0.646 3.059  1.00 0.16 ? 7 DG B "C1'"  3 
ATOM 705  N N9     . DG B 1 3 ? -4.184 -0.998 1.733  1.00 0.16 ? 7 DG B N9     3 
ATOM 706  C C8     . DG B 1 3 ? -5.087 -1.970 1.388  1.00 0.20 ? 7 DG B C8     3 
ATOM 707  N N7     . DG B 1 3 ? -5.383 -1.991 0.116  1.00 0.24 ? 7 DG B N7     3 
ATOM 708  C C5     . DG B 1 3 ? -4.617 -0.956 -0.419 1.00 0.20 ? 7 DG B C5     3 
ATOM 709  C C6     . DG B 1 3 ? -4.511 -0.487 -1.760 1.00 0.23 ? 7 DG B C6     3 
ATOM 710  O O6     . DG B 1 3 ? -5.073 -0.884 -2.775 1.00 0.29 ? 7 DG B O6     3 
ATOM 711  N N1     . DG B 1 3 ? -3.631 0.566  -1.853 1.00 0.20 ? 7 DG B N1     3 
ATOM 712  C C2     . DG B 1 3 ? -2.934 1.112  -0.807 1.00 0.16 ? 7 DG B C2     3 
ATOM 713  N N2     . DG B 1 3 ? -2.125 2.113  -1.108 1.00 0.20 ? 7 DG B N2     3 
ATOM 714  N N3     . DG B 1 3 ? -3.017 0.689  0.453  1.00 0.15 ? 7 DG B N3     3 
ATOM 715  C C4     . DG B 1 3 ? -3.882 -0.349 0.568  1.00 0.15 ? 7 DG B C4     3 
ATOM 716  H "H5'"  . DG B 1 3 ? -0.796 -2.950 5.006  1.00 0.29 ? 7 DG B "H5'"  3 
ATOM 717  H "H5''" . DG B 1 3 ? -1.636 -2.724 6.504  1.00 0.30 ? 7 DG B "H5''" 3 
ATOM 718  H "H4'"  . DG B 1 3 ? -1.667 -0.643 5.190  1.00 0.20 ? 7 DG B "H4'"  3 
ATOM 719  H "H3'"  . DG B 1 3 ? -4.123 -1.572 6.194  1.00 0.26 ? 7 DG B "H3'"  3 
ATOM 720  H "H2'"  . DG B 1 3 ? -5.224 -1.832 4.029  1.00 0.19 ? 7 DG B "H2'"  3 
ATOM 721  H "H2''" . DG B 1 3 ? -5.397 -0.100 4.204  1.00 0.23 ? 7 DG B "H2''" 3 
ATOM 722  H "H1'"  . DG B 1 3 ? -3.425 0.421  3.024  1.00 0.16 ? 7 DG B "H1'"  3 
ATOM 723  H H8     . DG B 1 3 ? -5.511 -2.658 2.118  1.00 0.23 ? 7 DG B H8     3 
ATOM 724  H H1     . DG B 1 3 ? -3.524 0.947  -2.775 1.00 0.23 ? 7 DG B H1     3 
ATOM 725  H H21    . DG B 1 3 ? -2.122 2.539  -2.020 1.00 0.29 ? 7 DG B H21    3 
ATOM 726  H H22    . DG B 1 3 ? -1.498 2.452  -0.405 1.00 0.19 ? 7 DG B H22    3 
ATOM 727  P P      . DA B 1 4 ? -4.408 1.244  6.716  1.00 0.25 ? 8 DA B P      3 
ATOM 728  O OP1    . DA B 1 4 ? -4.900 0.414  7.837  1.00 0.38 ? 8 DA B OP1    3 
ATOM 729  O OP2    . DA B 1 4 ? -5.350 1.999  5.857  1.00 0.31 ? 8 DA B OP2    3 
ATOM 730  O "O5'"  . DA B 1 4 ? -3.241 2.214  7.237  1.00 0.27 ? 8 DA B "O5'"  3 
ATOM 731  C "C5'"  . DA B 1 4 ? -2.016 1.633  7.720  1.00 0.31 ? 8 DA B "C5'"  3 
ATOM 732  C "C4'"  . DA B 1 4 ? -0.833 2.566  7.582  1.00 0.33 ? 8 DA B "C4'"  3 
ATOM 733  O "O4'"  . DA B 1 4 ? -0.464 2.831  6.225  1.00 0.35 ? 8 DA B "O4'"  3 
ATOM 734  C "C3'"  . DA B 1 4 ? -0.928 3.934  8.286  1.00 0.38 ? 8 DA B "C3'"  3 
ATOM 735  O "O3'"  . DA B 1 4 ? 0.318  4.337  8.860  1.00 0.51 ? 8 DA B "O3'"  3 
ATOM 736  C "C2'"  . DA B 1 4 ? -1.309 4.881  7.118  1.00 0.32 ? 8 DA B "C2'"  3 
ATOM 737  C "C1'"  . DA B 1 4 ? -0.524 4.243  5.983  1.00 0.32 ? 8 DA B "C1'"  3 
ATOM 738  N N9     . DA B 1 4 ? -1.301 4.414  4.749  1.00 0.26 ? 8 DA B N9     3 
ATOM 739  C C8     . DA B 1 4 ? -2.330 3.650  4.296  1.00 0.22 ? 8 DA B C8     3 
ATOM 740  N N7     . DA B 1 4 ? -2.810 4.017  3.138  1.00 0.21 ? 8 DA B N7     3 
ATOM 741  C C5     . DA B 1 4 ? -2.021 5.128  2.814  1.00 0.21 ? 8 DA B C5     3 
ATOM 742  C C6     . DA B 1 4 ? -1.990 6.006  1.717  1.00 0.26 ? 8 DA B C6     3 
ATOM 743  N N6     . DA B 1 4 ? -2.792 5.887  0.662  1.00 0.24 ? 8 DA B N6     3 
ATOM 744  N N1     . DA B 1 4 ? -1.073 6.989  1.748  1.00 0.35 ? 8 DA B N1     3 
ATOM 745  C C2     . DA B 1 4 ? -0.248 7.090  2.790  1.00 0.40 ? 8 DA B C2     3 
ATOM 746  N N3     . DA B 1 4 ? -0.179 6.331  3.862  1.00 0.37 ? 8 DA B N3     3 
ATOM 747  C C4     . DA B 1 4 ? -1.107 5.362  3.802  1.00 0.27 ? 8 DA B C4     3 
ATOM 748  H "H5'"  . DA B 1 4 ? -1.725 0.720  7.202  1.00 0.33 ? 8 DA B "H5'"  3 
ATOM 749  H "H5''" . DA B 1 4 ? -2.108 1.206  8.719  1.00 0.37 ? 8 DA B "H5''" 3 
ATOM 750  H "H4'"  . DA B 1 4 ? -0.061 1.931  8.015  1.00 0.39 ? 8 DA B "H4'"  3 
ATOM 751  H "H3'"  . DA B 1 4 ? -1.694 3.834  9.056  1.00 0.43 ? 8 DA B "H3'"  3 
ATOM 752  H "HO3'" . DA B 1 4 ? 0.980  4.307  8.165  1.00 0.60 ? 8 DA B "HO3'" 3 
ATOM 753  H "H2'"  . DA B 1 4 ? -2.377 4.897  6.900  1.00 0.31 ? 8 DA B "H2'"  3 
ATOM 754  H "H2''" . DA B 1 4 ? -0.939 5.904  7.182  1.00 0.40 ? 8 DA B "H2''" 3 
ATOM 755  H "H1'"  . DA B 1 4 ? 0.461  4.689  5.849  1.00 0.39 ? 8 DA B "H1'"  3 
ATOM 756  H H8     . DA B 1 4 ? -2.674 2.828  4.921  1.00 0.26 ? 8 DA B H8     3 
ATOM 757  H H61    . DA B 1 4 ? -2.859 6.603  -0.051 1.00 0.32 ? 8 DA B H61    3 
ATOM 758  H H62    . DA B 1 4 ? -3.345 5.064  0.555  1.00 0.24 ? 8 DA B H62    3 
ATOM 759  H H2     . DA B 1 4 ? 0.489  7.892  2.831  1.00 0.48 ? 8 DA B H2     3 
ATOM 760  O "O5'"  . DT A 1 1 ? 8.685  -3.711 -0.516 1.00 0.60 ? 1 DT A "O5'"  4 
ATOM 761  C "C5'"  . DT A 1 1 ? 8.301  -3.588 -1.888 1.00 0.55 ? 1 DT A "C5'"  4 
ATOM 762  C "C4'"  . DT A 1 1 ? 6.872  -3.030 -1.997 1.00 0.42 ? 1 DT A "C4'"  4 
ATOM 763  O "O4'"  . DT A 1 1 ? 5.985  -3.892 -1.257 1.00 0.36 ? 1 DT A "O4'"  4 
ATOM 764  C "C3'"  . DT A 1 1 ? 6.710  -1.634 -1.344 1.00 0.41 ? 1 DT A "C3'"  4 
ATOM 765  O "O3'"  . DT A 1 1 ? 6.318  -0.610 -2.288 1.00 0.47 ? 1 DT A "O3'"  4 
ATOM 766  C "C2'"  . DT A 1 1 ? 5.670  -1.848 -0.223 1.00 0.33 ? 1 DT A "C2'"  4 
ATOM 767  C "C1'"  . DT A 1 1 ? 4.941  -3.109 -0.666 1.00 0.27 ? 1 DT A "C1'"  4 
ATOM 768  N N1     . DT A 1 1 ? 4.382  -3.862 0.485  1.00 0.26 ? 1 DT A N1     4 
ATOM 769  C C2     . DT A 1 1 ? 3.010  -4.059 0.548  1.00 0.22 ? 1 DT A C2     4 
ATOM 770  O O2     . DT A 1 1 ? 2.211  -3.616 -0.266 1.00 0.23 ? 1 DT A O2     4 
ATOM 771  N N3     . DT A 1 1 ? 2.541  -4.783 1.601  1.00 0.23 ? 1 DT A N3     4 
ATOM 772  C C4     . DT A 1 1 ? 3.298  -5.332 2.610  1.00 0.29 ? 1 DT A C4     4 
ATOM 773  O O4     . DT A 1 1 ? 2.750  -5.968 3.505  1.00 0.34 ? 1 DT A O4     4 
ATOM 774  C C5     . DT A 1 1 ? 4.726  -5.085 2.484  1.00 0.34 ? 1 DT A C5     4 
ATOM 775  C C7     . DT A 1 1 ? 5.698  -5.634 3.536  1.00 0.45 ? 1 DT A C7     4 
ATOM 776  C C6     . DT A 1 1 ? 5.211  -4.371 1.445  1.00 0.32 ? 1 DT A C6     4 
ATOM 777  H "H5'"  . DT A 1 1 ? 8.324  -4.578 -2.342 1.00 0.62 ? 1 DT A "H5'"  4 
ATOM 778  H "H5''" . DT A 1 1 ? 9.012  -2.947 -2.411 1.00 0.63 ? 1 DT A "H5''" 4 
ATOM 779  H "H4'"  . DT A 1 1 ? 6.632  -2.982 -3.059 1.00 0.47 ? 1 DT A "H4'"  4 
ATOM 780  H "H3'"  . DT A 1 1 ? 7.649  -1.363 -0.861 1.00 0.49 ? 1 DT A "H3'"  4 
ATOM 781  H "H2'"  . DT A 1 1 ? 6.169  -2.047 0.725  1.00 0.37 ? 1 DT A "H2'"  4 
ATOM 782  H "H2''" . DT A 1 1 ? 4.956  -1.028 -0.150 1.00 0.34 ? 1 DT A "H2''" 4 
ATOM 783  H "H1'"  . DT A 1 1 ? 4.122  -2.866 -1.343 1.00 0.30 ? 1 DT A "H1'"  4 
ATOM 784  H H3     . DT A 1 1 ? 1.541  -4.917 1.605  1.00 0.23 ? 1 DT A H3     4 
ATOM 785  H H71    . DT A 1 1 ? 6.237  -4.814 4.009  1.00 0.53 ? 1 DT A H71    4 
ATOM 786  H H72    . DT A 1 1 ? 5.143  -6.183 4.296  1.00 0.48 ? 1 DT A H72    4 
ATOM 787  H H73    . DT A 1 1 ? 6.411  -6.307 3.060  1.00 0.50 ? 1 DT A H73    4 
ATOM 788  H H6     . DT A 1 1 ? 6.278  -4.174 1.347  1.00 0.37 ? 1 DT A H6     4 
ATOM 789  H "HO5'" . DT A 1 1 ? 7.952  -4.160 -0.088 1.00 0.63 ? 1 DT A "HO5'" 4 
ATOM 790  P P      . DC A 1 2 ? 7.458  0.478  -2.641 1.00 0.99 ? 2 DC A P      4 
ATOM 791  O OP1    . DC A 1 2 ? 8.576  -0.274 -3.242 1.00 1.87 ? 2 DC A OP1    4 
ATOM 792  O OP2    . DC A 1 2 ? 7.715  1.205  -1.382 1.00 1.79 ? 2 DC A OP2    4 
ATOM 793  O "O5'"  . DC A 1 2 ? 6.959  1.572  -3.706 1.00 0.56 ? 2 DC A "O5'"  4 
ATOM 794  C "C5'"  . DC A 1 2 ? 6.152  1.380  -4.877 1.00 0.51 ? 2 DC A "C5'"  4 
ATOM 795  C "C4'"  . DC A 1 2 ? 4.788  2.007  -4.611 1.00 0.35 ? 2 DC A "C4'"  4 
ATOM 796  O "O4'"  . DC A 1 2 ? 4.233  1.367  -3.460 1.00 0.27 ? 2 DC A "O4'"  4 
ATOM 797  C "C3'"  . DC A 1 2 ? 4.833  3.518  -4.212 1.00 0.22 ? 2 DC A "C3'"  4 
ATOM 798  O "O3'"  . DC A 1 2 ? 4.296  4.431  -5.181 1.00 0.31 ? 2 DC A "O3'"  4 
ATOM 799  C "C2'"  . DC A 1 2 ? 4.083  3.644  -2.857 1.00 0.22 ? 2 DC A "C2'"  4 
ATOM 800  C "C1'"  . DC A 1 2 ? 3.350  2.294  -2.844 1.00 0.23 ? 2 DC A "C1'"  4 
ATOM 801  N N1     . DC A 1 2 ? 3.047  1.685  -1.518 1.00 0.19 ? 2 DC A N1     4 
ATOM 802  C C2     . DC A 1 2 ? 1.856  0.983  -1.441 1.00 0.23 ? 2 DC A C2     4 
ATOM 803  O O2     . DC A 1 2 ? 1.084  0.888  -2.385 1.00 0.31 ? 2 DC A O2     4 
ATOM 804  N N3     . DC A 1 2 ? 1.568  0.391  -0.238 1.00 0.21 ? 2 DC A N3     4 
ATOM 805  C C4     . DC A 1 2 ? 2.394  0.480  0.849  1.00 0.17 ? 2 DC A C4     4 
ATOM 806  N N4     . DC A 1 2 ? 2.021  -0.126 1.968  1.00 0.20 ? 2 DC A N4     4 
ATOM 807  C C5     . DC A 1 2 ? 3.615  1.208  0.757  1.00 0.18 ? 2 DC A C5     4 
ATOM 808  C C6     . DC A 1 2 ? 3.898  1.785  -0.435 1.00 0.18 ? 2 DC A C6     4 
ATOM 809  H H3     . DC A 1 2 ? 0.709  -0.140 -0.212 1.00 0.25 ? 2 DC A H3     4 
ATOM 810  H "H5'"  . DC A 1 2 ? 6.024  0.323  -5.111 1.00 0.68 ? 2 DC A "H5'"  4 
ATOM 811  H "H5''" . DC A 1 2 ? 6.631  1.861  -5.730 1.00 0.60 ? 2 DC A "H5''" 4 
ATOM 812  H "H4'"  . DC A 1 2 ? 4.190  1.871  -5.512 1.00 0.48 ? 2 DC A "H4'"  4 
ATOM 813  H "H3'"  . DC A 1 2 ? 5.877  3.788  -4.048 1.00 0.30 ? 2 DC A "H3'"  4 
ATOM 814  H "H2'"  . DC A 1 2 ? 4.746  3.824  -2.009 1.00 0.28 ? 2 DC A "H2'"  4 
ATOM 815  H "H2''" . DC A 1 2 ? 3.406  4.495  -2.814 1.00 0.31 ? 2 DC A "H2''" 4 
ATOM 816  H "H1'"  . DC A 1 2 ? 2.456  2.383  -3.462 1.00 0.32 ? 2 DC A "H1'"  4 
ATOM 817  H H41    . DC A 1 2 ? 1.086  -0.507 2.029  1.00 0.23 ? 2 DC A H41    4 
ATOM 818  H H42    . DC A 1 2 ? 2.653  -0.219 2.748  1.00 0.27 ? 2 DC A H42    4 
ATOM 819  H H5     . DC A 1 2 ? 4.282  1.290  1.616  1.00 0.23 ? 2 DC A H5     4 
ATOM 820  H H6     . DC A 1 2 ? 4.839  2.327  -0.523 1.00 0.22 ? 2 DC A H6     4 
ATOM 821  P P      . DG A 1 3 ? 2.866  4.351  -5.931 1.00 0.44 ? 3 DG A P      4 
ATOM 822  O OP1    . DG A 1 3 ? 2.679  2.966  -6.421 1.00 0.56 ? 3 DG A OP1    4 
ATOM 823  O OP2    . DG A 1 3 ? 2.819  5.470  -6.897 1.00 0.62 ? 3 DG A OP2    4 
ATOM 824  O "O5'"  . DG A 1 3 ? 1.765  4.639  -4.772 1.00 0.33 ? 3 DG A "O5'"  4 
ATOM 825  C "C5'"  . DG A 1 3 ? 0.480  3.995  -4.835 1.00 0.31 ? 3 DG A "C5'"  4 
ATOM 826  C "C4'"  . DG A 1 3 ? -0.405 4.191  -3.569 1.00 0.25 ? 3 DG A "C4'"  4 
ATOM 827  O "O4'"  . DG A 1 3 ? 0.247  3.734  -2.361 1.00 0.22 ? 3 DG A "O4'"  4 
ATOM 828  C "C3'"  . DG A 1 3 ? -0.845 5.633  -3.225 1.00 0.27 ? 3 DG A "C3'"  4 
ATOM 829  O "O3'"  . DG A 1 3 ? -2.247 5.499  -3.057 1.00 0.34 ? 3 DG A "O3'"  4 
ATOM 830  C "C2'"  . DG A 1 3 ? -0.271 5.953  -1.837 1.00 0.23 ? 3 DG A "C2'"  4 
ATOM 831  C "C1'"  . DG A 1 3 ? -0.189 4.545  -1.259 1.00 0.21 ? 3 DG A "C1'"  4 
ATOM 832  N N9     . DG A 1 3 ? 0.746  4.490  -0.121 1.00 0.20 ? 3 DG A N9     4 
ATOM 833  C C8     . DG A 1 3 ? 1.893  5.207  0.099  1.00 0.22 ? 3 DG A C8     4 
ATOM 834  N N7     . DG A 1 3 ? 2.469  4.941  1.241  1.00 0.25 ? 3 DG A N7     4 
ATOM 835  C C5     . DG A 1 3 ? 1.641  3.976  1.814  1.00 0.23 ? 3 DG A C5     4 
ATOM 836  C C6     . DG A 1 3 ? 1.746  3.297  3.062  1.00 0.26 ? 3 DG A C6     4 
ATOM 837  O O6     . DG A 1 3 ? 2.599  3.397  3.938  1.00 0.33 ? 3 DG A O6     4 
ATOM 838  N N1     . DG A 1 3 ? 0.705  2.414  3.241  1.00 0.24 ? 3 DG A N1     4 
ATOM 839  C C2     . DG A 1 3 ? -0.312 2.197  2.347  1.00 0.21 ? 3 DG A C2     4 
ATOM 840  N N2     . DG A 1 3 ? -1.212 1.293  2.697  1.00 0.24 ? 3 DG A N2     4 
ATOM 841  N N3     . DG A 1 3 ? -0.426 2.822  1.176  1.00 0.20 ? 3 DG A N3     4 
ATOM 842  C C4     . DG A 1 3 ? 0.589  3.699  0.983  1.00 0.20 ? 3 DG A C4     4 
ATOM 843  H "H5'"  . DG A 1 3 ? 0.679  2.932  -4.972 1.00 0.33 ? 3 DG A "H5'"  4 
ATOM 844  H "H5''" . DG A 1 3 ? -0.029 4.313  -5.745 1.00 0.34 ? 3 DG A "H5''" 4 
ATOM 845  H "H4'"  . DG A 1 3 ? -1.342 3.670  -3.765 1.00 0.25 ? 3 DG A "H4'"  4 
ATOM 846  H "H3'"  . DG A 1 3 ? -0.581 6.372  -3.982 1.00 0.34 ? 3 DG A "H3'"  4 
ATOM 847  H "H2'"  . DG A 1 3 ? 0.696  6.454  -1.904 1.00 0.24 ? 3 DG A "H2'"  4 
ATOM 848  H "H2''" . DG A 1 3 ? -0.914 6.583  -1.224 1.00 0.28 ? 3 DG A "H2''" 4 
ATOM 849  H "H1'"  . DG A 1 3 ? -1.165 4.274  -0.854 1.00 0.23 ? 3 DG A "H1'"  4 
ATOM 850  H H8     . DG A 1 3 ? 2.279  5.924  -0.624 1.00 0.23 ? 3 DG A H8     4 
ATOM 851  H H1     . DG A 1 3 ? 0.717  1.914  4.112  1.00 0.27 ? 3 DG A H1     4 
ATOM 852  H H21    . DG A 1 3 ? -1.245 0.918  3.632  1.00 0.31 ? 3 DG A H21    4 
ATOM 853  H H22    . DG A 1 3 ? -1.872 0.974  2.014  1.00 0.25 ? 3 DG A H22    4 
ATOM 854  P P      . DA A 1 4 ? -3.290 6.709  -3.097 1.00 0.23 ? 4 DA A P      4 
ATOM 855  O OP1    . DA A 1 4 ? -2.907 7.679  -4.149 1.00 0.33 ? 4 DA A OP1    4 
ATOM 856  O OP2    . DA A 1 4 ? -3.516 7.149  -1.701 1.00 0.35 ? 4 DA A OP2    4 
ATOM 857  O "O5'"  . DA A 1 4 ? -4.537 5.831  -3.607 1.00 0.27 ? 4 DA A "O5'"  4 
ATOM 858  C "C5'"  . DA A 1 4 ? -4.354 4.955  -4.737 1.00 0.29 ? 4 DA A "C5'"  4 
ATOM 859  C "C4'"  . DA A 1 4 ? -5.294 3.770  -4.709 1.00 0.32 ? 4 DA A "C4'"  4 
ATOM 860  O "O4'"  . DA A 1 4 ? -5.031 2.858  -3.640 1.00 0.35 ? 4 DA A "O4'"  4 
ATOM 861  C "C3'"  . DA A 1 4 ? -6.806 4.072  -4.678 1.00 0.35 ? 4 DA A "C3'"  4 
ATOM 862  O "O3'"  . DA A 1 4 ? -7.561 3.174  -5.501 1.00 0.50 ? 4 DA A "O3'"  4 
ATOM 863  C "C2'"  . DA A 1 4 ? -7.155 3.852  -3.183 1.00 0.34 ? 4 DA A "C2'"  4 
ATOM 864  C "C1'"  . DA A 1 4 ? -6.210 2.714  -2.837 1.00 0.32 ? 4 DA A "C1'"  4 
ATOM 865  N N9     . DA A 1 4 ? -5.776 2.888  -1.446 1.00 0.26 ? 4 DA A N9     4 
ATOM 866  C C8     . DA A 1 4 ? -4.782 3.685  -0.968 1.00 0.21 ? 4 DA A C8     4 
ATOM 867  N N7     . DA A 1 4 ? -4.591 3.599  0.323  1.00 0.22 ? 4 DA A N7     4 
ATOM 868  C C5     . DA A 1 4 ? -5.554 2.662  0.718  1.00 0.24 ? 4 DA A C5     4 
ATOM 869  C C6     . DA A 1 4 ? -5.909 2.099  1.957  1.00 0.28 ? 4 DA A C6     4 
ATOM 870  N N6     . DA A 1 4 ? -5.287 2.376  3.102  1.00 0.29 ? 4 DA A N6     4 
ATOM 871  N N1     . DA A 1 4 ? -6.915 1.206  1.959  1.00 0.37 ? 4 DA A N1     4 
ATOM 872  C C2     . DA A 1 4 ? -7.522 0.895  0.814  1.00 0.40 ? 4 DA A C2     4 
ATOM 873  N N3     . DA A 1 4 ? -7.277 1.348  -0.396 1.00 0.36 ? 4 DA A N3     4 
ATOM 874  C C4     . DA A 1 4 ? -6.271 2.237  -0.364 1.00 0.28 ? 4 DA A C4     4 
ATOM 875  H "H5'"  . DA A 1 4 ? -3.355 4.527  -4.802 1.00 0.32 ? 4 DA A "H5'"  4 
ATOM 876  H "H5''" . DA A 1 4 ? -4.354 5.481  -5.693 1.00 0.33 ? 4 DA A "H5''" 4 
ATOM 877  H "H4'"  . DA A 1 4 ? -4.995 3.289  -5.640 1.00 0.36 ? 4 DA A "H4'"  4 
ATOM 878  H "H3'"  . DA A 1 4 ? -6.922 5.100  -5.022 1.00 0.39 ? 4 DA A "H3'"  4 
ATOM 879  H "HO3'" . DA A 1 4 ? -7.375 2.281  -5.203 1.00 0.90 ? 4 DA A "HO3'" 4 
ATOM 880  H "H2'"  . DA A 1 4 ? -6.969 4.726  -2.558 1.00 0.34 ? 4 DA A "H2'"  4 
ATOM 881  H "H2''" . DA A 1 4 ? -8.154 3.470  -2.972 1.00 0.40 ? 4 DA A "H2''" 4 
ATOM 882  H "H1'"  . DA A 1 4 ? -6.673 1.733  -2.946 1.00 0.41 ? 4 DA A "H1'"  4 
ATOM 883  H H8     . DA A 1 4 ? -4.254 4.325  -1.674 1.00 0.25 ? 4 DA A H8     4 
ATOM 884  H H61    . DA A 1 4 ? -5.646 2.076  4.000  1.00 0.38 ? 4 DA A H61    4 
ATOM 885  H H62    . DA A 1 4 ? -4.433 2.891  3.084  1.00 0.23 ? 4 DA A H62    4 
ATOM 886  H H2     . DA A 1 4 ? -8.350 0.186  0.804  1.00 0.49 ? 4 DA A H2     4 
ATOM 887  O "O5'"  . DT B 1 1 ? 2.704  -7.799 -4.741 1.00 0.57 ? 5 DT B "O5'"  4 
ATOM 888  C "C5'"  . DT B 1 1 ? 3.212  -8.040 -3.426 1.00 0.50 ? 5 DT B "C5'"  4 
ATOM 889  C "C4'"  . DT B 1 1 ? 2.880  -6.860 -2.499 1.00 0.38 ? 5 DT B "C4'"  4 
ATOM 890  O "O4'"  . DT B 1 1 ? 3.417  -5.657 -3.080 1.00 0.33 ? 5 DT B "O4'"  4 
ATOM 891  C "C3'"  . DT B 1 1 ? 1.359  -6.597 -2.365 1.00 0.36 ? 5 DT B "C3'"  4 
ATOM 892  O "O3'"  . DT B 1 1 ? 0.874  -6.748 -1.008 1.00 0.42 ? 5 DT B "O3'"  4 
ATOM 893  C "C2'"  . DT B 1 1 ? 1.168  -5.166 -2.920 1.00 0.25 ? 5 DT B "C2'"  4 
ATOM 894  C "C1'"  . DT B 1 1 ? 2.552  -4.554 -2.782 1.00 0.23 ? 5 DT B "C1'"  4 
ATOM 895  N N1     . DT B 1 1 ? 2.786  -3.487 -3.785 1.00 0.21 ? 5 DT B N1     4 
ATOM 896  C C2     . DT B 1 1 ? 3.054  -2.199 -3.338 1.00 0.20 ? 5 DT B C2     4 
ATOM 897  O O2     . DT B 1 1 ? 3.073  -1.867 -2.160 1.00 0.23 ? 5 DT B O2     4 
ATOM 898  N N3     . DT B 1 1 ? 3.297  -1.255 -4.287 1.00 0.21 ? 5 DT B N3     4 
ATOM 899  C C4     . DT B 1 1 ? 3.297  -1.456 -5.649 1.00 0.28 ? 5 DT B C4     4 
ATOM 900  O O4     . DT B 1 1 ? 3.533  -0.517 -6.404 1.00 0.34 ? 5 DT B O4     4 
ATOM 901  C C5     . DT B 1 1 ? 3.004  -2.825 -6.048 1.00 0.32 ? 5 DT B C5     4 
ATOM 902  C C7     . DT B 1 1 ? 2.968  -3.197 -7.537 1.00 0.47 ? 5 DT B C7     4 
ATOM 903  C C6     . DT B 1 1 ? 2.763  -3.776 -5.120 1.00 0.28 ? 5 DT B C6     4 
ATOM 904  H "H5'"  . DT B 1 1 ? 4.296  -8.140 -3.489 1.00 0.58 ? 5 DT B "H5'"  4 
ATOM 905  H "H5''" . DT B 1 1 ? 2.798  -8.971 -3.039 1.00 0.56 ? 5 DT B "H5''" 4 
ATOM 906  H "H4'"  . DT B 1 1 ? 3.313  -7.093 -1.525 1.00 0.44 ? 5 DT B "H4'"  4 
ATOM 907  H "H3'"  . DT B 1 1 ? 0.827  -7.276 -3.031 1.00 0.47 ? 5 DT B "H3'"  4 
ATOM 908  H "H2'"  . DT B 1 1 ? 0.894  -5.200 -3.975 1.00 0.31 ? 5 DT B "H2'"  4 
ATOM 909  H "H2''" . DT B 1 1 ? 0.459  -4.584 -2.329 1.00 0.29 ? 5 DT B "H2''" 4 
ATOM 910  H "H1'"  . DT B 1 1 ? 2.692  -4.126 -1.788 1.00 0.27 ? 5 DT B "H1'"  4 
ATOM 911  H H3     . DT B 1 1 ? 3.504  -0.334 -3.925 1.00 0.21 ? 5 DT B H3     4 
ATOM 912  H H71    . DT B 1 1 ? 1.980  -3.578 -7.800 1.00 0.52 ? 5 DT B H71    4 
ATOM 913  H H72    . DT B 1 1 ? 3.185  -2.323 -8.149 1.00 0.55 ? 5 DT B H72    4 
ATOM 914  H H73    . DT B 1 1 ? 3.714  -3.967 -7.743 1.00 0.54 ? 5 DT B H73    4 
ATOM 915  H H6     . DT B 1 1 ? 2.536  -4.800 -5.413 1.00 0.33 ? 5 DT B H6     4 
ATOM 916  H "HO5'" . DT B 1 1 ? 2.988  -6.911 -4.964 1.00 0.59 ? 5 DT B "HO5'" 4 
ATOM 917  P P      . DC B 1 2 ? -0.389 -7.732 -0.779 1.00 0.73 ? 6 DC B P      4 
ATOM 918  O OP1    . DC B 1 2 ? 0.022  -9.044 -1.313 1.00 1.32 ? 6 DC B OP1    4 
ATOM 919  O OP2    . DC B 1 2 ? -1.551 -7.055 -1.388 1.00 1.38 ? 6 DC B OP2    4 
ATOM 920  O "O5'"  . DC B 1 2 ? -0.736 -7.952 0.786  1.00 0.61 ? 6 DC B "O5'"  4 
ATOM 921  C "C5'"  . DC B 1 2 ? 0.006  -7.603 1.962  1.00 0.53 ? 6 DC B "C5'"  4 
ATOM 922  C "C4'"  . DC B 1 2 ? -0.543 -6.310 2.570  1.00 0.35 ? 6 DC B "C4'"  4 
ATOM 923  O "O4'"  . DC B 1 2 ? -0.398 -5.273 1.601  1.00 0.27 ? 6 DC B "O4'"  4 
ATOM 924  C "C3'"  . DC B 1 2 ? -2.074 -6.328 2.882  1.00 0.25 ? 6 DC B "C3'"  4 
ATOM 925  O "O3'"  . DC B 1 2 ? -2.454 -6.367 4.273  1.00 0.27 ? 6 DC B "O3'"  4 
ATOM 926  C "C2'"  . DC B 1 2 ? -2.668 -5.081 2.172  1.00 0.22 ? 6 DC B "C2'"  4 
ATOM 927  C "C1'"  . DC B 1 2 ? -1.387 -4.289 1.891  1.00 0.22 ? 6 DC B "C1'"  4 
ATOM 928  N N1     . DC B 1 2 ? -1.391 -3.422 0.692  1.00 0.20 ? 6 DC B N1     4 
ATOM 929  C C2     . DC B 1 2 ? -0.820 -2.171 0.827  1.00 0.23 ? 6 DC B C2     4 
ATOM 930  O O2     . DC B 1 2 ? -0.364 -1.790 1.897  1.00 0.29 ? 6 DC B O2     4 
ATOM 931  N N3     . DC B 1 2 ? -0.756 -1.365 -0.254 1.00 0.24 ? 6 DC B N3     4 
ATOM 932  C C4     . DC B 1 2 ? -1.226 -1.757 -1.428 1.00 0.23 ? 6 DC B C4     4 
ATOM 933  N N4     . DC B 1 2 ? -1.102 -0.946 -2.470 1.00 0.28 ? 6 DC B N4     4 
ATOM 934  C C5     . DC B 1 2 ? -1.821 -3.028 -1.592 1.00 0.20 ? 6 DC B C5     4 
ATOM 935  C C6     . DC B 1 2 ? -1.889 -3.837 -0.513 1.00 0.19 ? 6 DC B C6     4 
ATOM 936  H "H5'"  . DC B 1 2 ? 1.065  -7.483 1.736  1.00 0.66 ? 6 DC B "H5'"  4 
ATOM 937  H "H5''" . DC B 1 2 ? -0.098 -8.415 2.683  1.00 0.71 ? 6 DC B "H5''" 4 
ATOM 938  H "H4'"  . DC B 1 2 ? 0.021  -6.117 3.482  1.00 0.46 ? 6 DC B "H4'"  4 
ATOM 939  H "H3'"  . DC B 1 2 ? -2.486 -7.218 2.406  1.00 0.35 ? 6 DC B "H3'"  4 
ATOM 940  H "H2'"  . DC B 1 2 ? -3.246 -5.308 1.274  1.00 0.29 ? 6 DC B "H2'"  4 
ATOM 941  H "H2''" . DC B 1 2 ? -3.376 -4.528 2.789  1.00 0.26 ? 6 DC B "H2''" 4 
ATOM 942  H "H1'"  . DC B 1 2 ? -1.082 -3.710 2.762  1.00 0.30 ? 6 DC B "H1'"  4 
ATOM 943  H H41    . DC B 1 2 ? -0.675 -0.032 -2.336 1.00 0.29 ? 6 DC B H41    4 
ATOM 944  H H42    . DC B 1 2 ? -1.402 -1.215 -3.392 1.00 0.33 ? 6 DC B H42    4 
ATOM 945  H H5     . DC B 1 2 ? -2.178 -3.269 -2.593 1.00 0.24 ? 6 DC B H5     4 
ATOM 946  H H6     . DC B 1 2 ? -2.349 -4.821 -0.605 1.00 0.23 ? 6 DC B H6     4 
ATOM 947  P P      . DG B 1 3 ? -1.923 -5.416 5.471  1.00 0.36 ? 7 DG B P      4 
ATOM 948  O OP1    . DG B 1 3 ? -0.446 -5.360 5.372  1.00 0.51 ? 7 DG B OP1    4 
ATOM 949  O OP2    . DG B 1 3 ? -2.545 -5.872 6.736  1.00 0.53 ? 7 DG B OP2    4 
ATOM 950  O "O5'"  . DG B 1 3 ? -2.520 -3.948 5.119  1.00 0.28 ? 7 DG B "O5'"  4 
ATOM 951  C "C5'"  . DG B 1 3 ? -1.750 -2.774 5.429  1.00 0.26 ? 7 DG B "C5'"  4 
ATOM 952  C "C4'"  . DG B 1 3 ? -2.332 -1.448 4.857  1.00 0.21 ? 7 DG B "C4'"  4 
ATOM 953  O "O4'"  . DG B 1 3 ? -2.499 -1.495 3.423  1.00 0.19 ? 7 DG B "O4'"  4 
ATOM 954  C "C3'"  . DG B 1 3 ? -3.721 -0.998 5.366  1.00 0.24 ? 7 DG B "C3'"  4 
ATOM 955  O "O3'"  . DG B 1 3 ? -3.487 0.345  5.749  1.00 0.29 ? 7 DG B "O3'"  4 
ATOM 956  C "C2'"  . DG B 1 3 ? -4.646 -0.945 4.140  1.00 0.20 ? 7 DG B "C2'"  4 
ATOM 957  C "C1'"  . DG B 1 3 ? -3.618 -0.679 3.048  1.00 0.18 ? 7 DG B "C1'"  4 
ATOM 958  N N9     . DG B 1 3 ? -4.149 -1.032 1.721  1.00 0.19 ? 7 DG B N9     4 
ATOM 959  C C8     . DG B 1 3 ? -5.032 -2.021 1.368  1.00 0.24 ? 7 DG B C8     4 
ATOM 960  N N7     . DG B 1 3 ? -5.329 -2.036 0.097  1.00 0.29 ? 7 DG B N7     4 
ATOM 961  C C5     . DG B 1 3 ? -4.583 -0.982 -0.427 1.00 0.25 ? 7 DG B C5     4 
ATOM 962  C C6     . DG B 1 3 ? -4.489 -0.499 -1.767 1.00 0.28 ? 7 DG B C6     4 
ATOM 963  O O6     . DG B 1 3 ? -5.042 -0.901 -2.783 1.00 0.35 ? 7 DG B O6     4 
ATOM 964  N N1     . DG B 1 3 ? -3.631 0.573  -1.849 1.00 0.26 ? 7 DG B N1     4 
ATOM 965  C C2     . DG B 1 3 ? -2.943 1.122  -0.801 1.00 0.20 ? 7 DG B C2     4 
ATOM 966  N N2     . DG B 1 3 ? -2.155 2.143  -1.095 1.00 0.23 ? 7 DG B N2     4 
ATOM 967  N N3     . DG B 1 3 ? -3.017 0.688  0.458  1.00 0.18 ? 7 DG B N3     4 
ATOM 968  C C4     . DG B 1 3 ? -3.860 -0.369 0.561  1.00 0.19 ? 7 DG B C4     4 
ATOM 969  H "H5'"  . DG B 1 3 ? -0.757 -2.942 5.012  1.00 0.28 ? 7 DG B "H5'"  4 
ATOM 970  H "H5''" . DG B 1 3 ? -1.604 -2.725 6.509  1.00 0.32 ? 7 DG B "H5''" 4 
ATOM 971  H "H4'"  . DG B 1 3 ? -1.660 -0.653 5.181  1.00 0.21 ? 7 DG B "H4'"  4 
ATOM 972  H "H3'"  . DG B 1 3 ? -4.116 -1.610 6.178  1.00 0.30 ? 7 DG B "H3'"  4 
ATOM 973  H "H2'"  . DG B 1 3 ? -5.195 -1.876 4.005  1.00 0.23 ? 7 DG B "H2'"  4 
ATOM 974  H "H2''" . DG B 1 3 ? -5.385 -0.143 4.177  1.00 0.25 ? 7 DG B "H2''" 4 
ATOM 975  H "H1'"  . DG B 1 3 ? -3.411 0.391  3.013  1.00 0.20 ? 7 DG B "H1'"  4 
ATOM 976  H H8     . DG B 1 3 ? -5.437 -2.725 2.094  1.00 0.25 ? 7 DG B H8     4 
ATOM 977  H H1     . DG B 1 3 ? -3.532 0.966  -2.769 1.00 0.29 ? 7 DG B H1     4 
ATOM 978  H H21    . DG B 1 3 ? -2.191 2.597  -1.993 1.00 0.31 ? 7 DG B H21    4 
ATOM 979  H H22    . DG B 1 3 ? -1.506 2.466  -0.405 1.00 0.24 ? 7 DG B H22    4 
ATOM 980  P P      . DA B 1 4 ? -4.431 1.203  6.708  1.00 0.26 ? 8 DA B P      4 
ATOM 981  O OP1    . DA B 1 4 ? -4.933 0.354  7.812  1.00 0.40 ? 8 DA B OP1    4 
ATOM 982  O OP2    . DA B 1 4 ? -5.362 1.971  5.847  1.00 0.34 ? 8 DA B OP2    4 
ATOM 983  O "O5'"  . DA B 1 4 ? -3.271 2.168  7.259  1.00 0.30 ? 8 DA B "O5'"  4 
ATOM 984  C "C5'"  . DA B 1 4 ? -2.042 1.581  7.733  1.00 0.31 ? 8 DA B "C5'"  4 
ATOM 985  C "C4'"  . DA B 1 4 ? -0.861 2.513  7.595  1.00 0.28 ? 8 DA B "C4'"  4 
ATOM 986  O "O4'"  . DA B 1 4 ? -0.502 2.782  6.237  1.00 0.29 ? 8 DA B "O4'"  4 
ATOM 987  C "C3'"  . DA B 1 4 ? -0.952 3.875  8.313  1.00 0.29 ? 8 DA B "C3'"  4 
ATOM 988  O "O3'"  . DA B 1 4 ? 0.289  4.264  8.911  1.00 0.35 ? 8 DA B "O3'"  4 
ATOM 989  C "C2'"  . DA B 1 4 ? -1.314 4.837  7.151  1.00 0.29 ? 8 DA B "C2'"  4 
ATOM 990  C "C1'"  . DA B 1 4 ? -0.543 4.198  6.006  1.00 0.26 ? 8 DA B "C1'"  4 
ATOM 991  N N9     . DA B 1 4 ? -1.319 4.382  4.773  1.00 0.20 ? 8 DA B N9     4 
ATOM 992  C C8     . DA B 1 4 ? -2.361 3.638  4.317  1.00 0.21 ? 8 DA B C8     4 
ATOM 993  N N7     . DA B 1 4 ? -2.832 4.016  3.156  1.00 0.19 ? 8 DA B N7     4 
ATOM 994  C C5     . DA B 1 4 ? -2.018 5.110  2.834  1.00 0.18 ? 8 DA B C5     4 
ATOM 995  C C6     . DA B 1 4 ? -1.965 5.991  1.736  1.00 0.20 ? 8 DA B C6     4 
ATOM 996  N N6     . DA B 1 4 ? -2.762 5.894  0.671  1.00 0.21 ? 8 DA B N6     4 
ATOM 997  N N1     . DA B 1 4 ? -1.028 6.955  1.771  1.00 0.26 ? 8 DA B N1     4 
ATOM 998  C C2     . DA B 1 4 ? -0.206 7.038  2.817  1.00 0.28 ? 8 DA B C2     4 
ATOM 999  N N3     . DA B 1 4 ? -0.158 6.278  3.889  1.00 0.26 ? 8 DA B N3     4 
ATOM 1000 C C4     . DA B 1 4 ? -1.104 5.326  3.827  1.00 0.21 ? 8 DA B C4     4 
ATOM 1001 H "H5'"  . DA B 1 4 ? -1.757 0.674  7.199  1.00 0.30 ? 8 DA B "H5'"  4 
ATOM 1002 H "H5''" . DA B 1 4 ? -2.130 1.145  8.728  1.00 0.34 ? 8 DA B "H5''" 4 
ATOM 1003 H "H4'"  . DA B 1 4 ? -0.084 1.878  8.022  1.00 0.32 ? 8 DA B "H4'"  4 
ATOM 1004 H "H3'"  . DA B 1 4 ? -1.730 3.771  9.071  1.00 0.34 ? 8 DA B "H3'"  4 
ATOM 1005 H "HO3'" . DA B 1 4 ? 0.953  4.277  8.217  1.00 0.86 ? 8 DA B "HO3'" 4 
ATOM 1006 H "H2'"  . DA B 1 4 ? -2.381 4.879  6.934  1.00 0.33 ? 8 DA B "H2'"  4 
ATOM 1007 H "H2''" . DA B 1 4 ? -0.926 5.852  7.225  1.00 0.35 ? 8 DA B "H2''" 4 
ATOM 1008 H "H1'"  . DA B 1 4 ? 0.448  4.629  5.872  1.00 0.33 ? 8 DA B "H1'"  4 
ATOM 1009 H H8     . DA B 1 4 ? -2.724 2.823  4.943  1.00 0.24 ? 8 DA B H8     4 
ATOM 1010 H H61    . DA B 1 4 ? -2.802 6.616  -0.038 1.00 0.29 ? 8 DA B H61    4 
ATOM 1011 H H62    . DA B 1 4 ? -3.330 5.082  0.553  1.00 0.19 ? 8 DA B H62    4 
ATOM 1012 H H2     . DA B 1 4 ? 0.548  7.825  2.864  1.00 0.34 ? 8 DA B H2     4 
ATOM 1013 O "O5'"  . DT A 1 1 ? 9.221  -2.552 -2.910 1.00 0.51 ? 1 DT A "O5'"  5 
ATOM 1014 C "C5'"  . DT A 1 1 ? 8.368  -3.459 -2.190 1.00 0.47 ? 1 DT A "C5'"  5 
ATOM 1015 C "C4'"  . DT A 1 1 ? 6.931  -2.923 -2.071 1.00 0.30 ? 1 DT A "C4'"  5 
ATOM 1016 O "O4'"  . DT A 1 1 ? 6.129  -3.847 -1.303 1.00 0.32 ? 1 DT A "O4'"  5 
ATOM 1017 C "C3'"  . DT A 1 1 ? 6.803  -1.586 -1.285 1.00 0.27 ? 1 DT A "C3'"  5 
ATOM 1018 O "O3'"  . DT A 1 1 ? 6.464  -0.476 -2.141 1.00 0.33 ? 1 DT A "O3'"  5 
ATOM 1019 C "C2'"  . DT A 1 1 ? 5.661  -1.836 -0.263 1.00 0.27 ? 1 DT A "C2'"  5 
ATOM 1020 C "C1'"  . DT A 1 1 ? 5.019  -3.137 -0.728 1.00 0.21 ? 1 DT A "C1'"  5 
ATOM 1021 N N1     . DT A 1 1 ? 4.476  -3.876 0.443  1.00 0.27 ? 1 DT A N1     5 
ATOM 1022 C C2     . DT A 1 1 ? 3.104  -4.075 0.528  1.00 0.22 ? 1 DT A C2     5 
ATOM 1023 O O2     . DT A 1 1 ? 2.295  -3.654 -0.290 1.00 0.24 ? 1 DT A O2     5 
ATOM 1024 N N3     . DT A 1 1 ? 2.648  -4.771 1.605  1.00 0.31 ? 1 DT A N3     5 
ATOM 1025 C C4     . DT A 1 1 ? 3.419  -5.291 2.619  1.00 0.48 ? 1 DT A C4     5 
ATOM 1026 O O4     . DT A 1 1 ? 2.883  -5.900 3.540  1.00 0.58 ? 1 DT A O4     5 
ATOM 1027 C C5     . DT A 1 1 ? 4.842  -5.045 2.470  1.00 0.56 ? 1 DT A C5     5 
ATOM 1028 C C7     . DT A 1 1 ? 5.825  -5.565 3.528  1.00 0.80 ? 1 DT A C7     5 
ATOM 1029 C C6     . DT A 1 1 ? 5.314  -4.361 1.408  1.00 0.44 ? 1 DT A C6     5 
ATOM 1030 H "H5'"  . DT A 1 1 ? 8.803  -3.702 -1.220 1.00 0.60 ? 1 DT A "H5'"  5 
ATOM 1031 H "H5''" . DT A 1 1 ? 8.330  -4.384 -2.762 1.00 0.58 ? 1 DT A "H5''" 5 
ATOM 1032 H "H4'"  . DT A 1 1 ? 6.636  -2.803 -3.113 1.00 0.32 ? 1 DT A "H4'"  5 
ATOM 1033 H "H3'"  . DT A 1 1 ? 7.720  -1.383 -0.734 1.00 0.37 ? 1 DT A "H3'"  5 
ATOM 1034 H "H2'"  . DT A 1 1 ? 6.071  -1.992 0.735  1.00 0.39 ? 1 DT A "H2'"  5 
ATOM 1035 H "H2''" . DT A 1 1 ? 4.909  -1.047 -0.243 1.00 0.32 ? 1 DT A "H2''" 5 
ATOM 1036 H "H1'"  . DT A 1 1 ? 4.180  -2.966 -1.402 1.00 0.21 ? 1 DT A "H1'"  5 
ATOM 1037 H H3     . DT A 1 1 ? 1.645  -4.906 1.628  1.00 0.29 ? 1 DT A H3     5 
ATOM 1038 H H71    . DT A 1 1 ? 6.538  -6.248 3.065  1.00 0.90 ? 1 DT A H71    5 
ATOM 1039 H H72    . DT A 1 1 ? 5.278  -6.096 4.306  1.00 0.87 ? 1 DT A H72    5 
ATOM 1040 H H73    . DT A 1 1 ? 6.363  -4.731 3.975  1.00 0.91 ? 1 DT A H73    5 
ATOM 1041 H H6     . DT A 1 1 ? 6.381  -4.166 1.297  1.00 0.53 ? 1 DT A H6     5 
ATOM 1042 H "HO5'" . DT A 1 1 ? 8.816  -1.682 -2.913 1.00 0.45 ? 1 DT A "HO5'" 5 
ATOM 1043 P P      . DC A 1 2 ? 7.549  0.691  -2.348 1.00 0.48 ? 2 DC A P      5 
ATOM 1044 O OP1    . DC A 1 2 ? 8.768  0.010  -2.823 1.00 0.88 ? 2 DC A OP1    5 
ATOM 1045 O OP2    . DC A 1 2 ? 7.601  1.454  -1.082 1.00 1.01 ? 2 DC A OP2    5 
ATOM 1046 O "O5'"  . DC A 1 2 ? 7.059  1.707  -3.498 1.00 0.47 ? 2 DC A "O5'"  5 
ATOM 1047 C "C5'"  . DC A 1 2 ? 6.367  1.347  -4.699 1.00 0.42 ? 2 DC A "C5'"  5 
ATOM 1048 C "C4'"  . DC A 1 2 ? 4.908  1.814  -4.595 1.00 0.30 ? 2 DC A "C4'"  5 
ATOM 1049 O "O4'"  . DC A 1 2 ? 4.266  1.213  -3.473 1.00 0.25 ? 2 DC A "O4'"  5 
ATOM 1050 C "C3'"  . DC A 1 2 ? 4.622  3.333  -4.437 1.00 0.25 ? 2 DC A "C3'"  5 
ATOM 1051 O "O3'"  . DC A 1 2 ? 3.615  3.636  -5.416 1.00 0.25 ? 2 DC A "O3'"  5 
ATOM 1052 C "C2'"  . DC A 1 2 ? 4.094  3.521  -2.990 1.00 0.22 ? 2 DC A "C2'"  5 
ATOM 1053 C "C1'"  . DC A 1 2 ? 3.374  2.168  -2.904 1.00 0.20 ? 2 DC A "C1'"  5 
ATOM 1054 N N1     . DC A 1 2 ? 3.077  1.611  -1.562 1.00 0.19 ? 2 DC A N1     5 
ATOM 1055 C C2     . DC A 1 2 ? 1.899  0.892  -1.460 1.00 0.20 ? 2 DC A C2     5 
ATOM 1056 O O2     . DC A 1 2 ? 1.126  0.761  -2.400 1.00 0.25 ? 2 DC A O2     5 
ATOM 1057 N N3     . DC A 1 2 ? 1.619  0.334  -0.241 1.00 0.21 ? 2 DC A N3     5 
ATOM 1058 C C4     . DC A 1 2 ? 2.444  0.469  0.843  1.00 0.21 ? 2 DC A C4     5 
ATOM 1059 N N4     . DC A 1 2 ? 2.076  -0.113 1.976  1.00 0.24 ? 2 DC A N4     5 
ATOM 1060 C C5     . DC A 1 2 ? 3.656  1.217  0.725  1.00 0.22 ? 2 DC A C5     5 
ATOM 1061 C C6     . DC A 1 2 ? 3.928  1.763  -0.486 1.00 0.20 ? 2 DC A C6     5 
ATOM 1062 H H3     . DC A 1 2 ? 0.764  -0.207 -0.205 1.00 0.24 ? 2 DC A H3     5 
ATOM 1063 H "H5'"  . DC A 1 2 ? 6.381  0.264  -4.834 1.00 0.47 ? 2 DC A "H5'"  5 
ATOM 1064 H "H5''" . DC A 1 2 ? 6.851  1.776  -5.578 1.00 0.53 ? 2 DC A "H5''" 5 
ATOM 1065 H "H4'"  . DC A 1 2 ? 4.404  1.495  -5.507 1.00 0.37 ? 2 DC A "H4'"  5 
ATOM 1066 H "H3'"  . DC A 1 2 ? 5.517  3.925  -4.629 1.00 0.33 ? 2 DC A "H3'"  5 
ATOM 1067 H "H2'"  . DC A 1 2 ? 4.874  3.717  -2.256 1.00 0.28 ? 2 DC A "H2'"  5 
ATOM 1068 H "H2''" . DC A 1 2 ? 3.411  4.363  -2.861 1.00 0.25 ? 2 DC A "H2''" 5 
ATOM 1069 H "H1'"  . DC A 1 2 ? 2.494  2.211  -3.545 1.00 0.23 ? 2 DC A "H1'"  5 
ATOM 1070 H H41    . DC A 1 2 ? 1.145  -0.502 2.041  1.00 0.25 ? 2 DC A H41    5 
ATOM 1071 H H42    . DC A 1 2 ? 2.709  -0.183 2.757  1.00 0.29 ? 2 DC A H42    5 
ATOM 1072 H H5     . DC A 1 2 ? 4.322  1.337  1.579  1.00 0.27 ? 2 DC A H5     5 
ATOM 1073 H H6     . DC A 1 2 ? 4.851  2.331  -0.609 1.00 0.24 ? 2 DC A H6     5 
ATOM 1074 P P      . DG A 1 3 ? 3.002  5.103  -5.688 1.00 0.21 ? 3 DG A P      5 
ATOM 1075 O OP1    . DG A 1 3 ? 2.541  5.150  -7.096 1.00 0.28 ? 3 DG A OP1    5 
ATOM 1076 O OP2    . DG A 1 3 ? 3.969  6.111  -5.199 1.00 0.29 ? 3 DG A OP2    5 
ATOM 1077 O "O5'"  . DG A 1 3 ? 1.711  5.121  -4.712 1.00 0.21 ? 3 DG A "O5'"  5 
ATOM 1078 C "C5'"  . DG A 1 3 ? 0.575  4.254  -4.895 1.00 0.18 ? 3 DG A "C5'"  5 
ATOM 1079 C "C4'"  . DG A 1 3 ? -0.356 4.248  -3.638 1.00 0.16 ? 3 DG A "C4'"  5 
ATOM 1080 O "O4'"  . DG A 1 3 ? 0.318  3.765  -2.451 1.00 0.16 ? 3 DG A "O4'"  5 
ATOM 1081 C "C3'"  . DG A 1 3 ? -0.891 5.642  -3.215 1.00 0.17 ? 3 DG A "C3'"  5 
ATOM 1082 O "O3'"  . DG A 1 3 ? -2.280 5.446  -2.998 1.00 0.23 ? 3 DG A "O3'"  5 
ATOM 1083 C "C2'"  . DG A 1 3 ? -0.268 5.943  -1.841 1.00 0.15 ? 3 DG A "C2'"  5 
ATOM 1084 C "C1'"  . DG A 1 3 ? -0.146 4.513  -1.315 1.00 0.14 ? 3 DG A "C1'"  5 
ATOM 1085 N N9     . DG A 1 3 ? 0.789  4.455  -0.181 1.00 0.14 ? 3 DG A N9     5 
ATOM 1086 C C8     . DG A 1 3 ? 1.939  5.169  0.036  1.00 0.17 ? 3 DG A C8     5 
ATOM 1087 N N7     . DG A 1 3 ? 2.515  4.909  1.178  1.00 0.20 ? 3 DG A N7     5 
ATOM 1088 C C5     . DG A 1 3 ? 1.684  3.951  1.757  1.00 0.18 ? 3 DG A C5     5 
ATOM 1089 C C6     . DG A 1 3 ? 1.788  3.279  3.006  1.00 0.21 ? 3 DG A C6     5 
ATOM 1090 O O6     . DG A 1 3 ? 2.645  3.381  3.879  1.00 0.27 ? 3 DG A O6     5 
ATOM 1091 N N1     . DG A 1 3 ? 0.745  2.403  3.194  1.00 0.19 ? 3 DG A N1     5 
ATOM 1092 C C2     . DG A 1 3 ? -0.276 2.177  2.307  1.00 0.17 ? 3 DG A C2     5 
ATOM 1093 N N2     . DG A 1 3 ? -1.168 1.274  2.685  1.00 0.18 ? 3 DG A N2     5 
ATOM 1094 N N3     . DG A 1 3 ? -0.392 2.796  1.129  1.00 0.15 ? 3 DG A N3     5 
ATOM 1095 C C4     . DG A 1 3 ? 0.627  3.669  0.928  1.00 0.14 ? 3 DG A C4     5 
ATOM 1096 H "H5'"  . DG A 1 3 ? 0.935  3.249  -5.116 1.00 0.21 ? 3 DG A "H5'"  5 
ATOM 1097 H "H5''" . DG A 1 3 ? 0.046  4.546  -5.802 1.00 0.22 ? 3 DG A "H5''" 5 
ATOM 1098 H "H4'"  . DG A 1 3 ? -1.248 3.663  -3.863 1.00 0.20 ? 3 DG A "H4'"  5 
ATOM 1099 H "H3'"  . DG A 1 3 ? -0.698 6.430  -3.944 1.00 0.21 ? 3 DG A "H3'"  5 
ATOM 1100 H "H2'"  . DG A 1 3 ? 0.690  6.456  -1.907 1.00 0.19 ? 3 DG A "H2'"  5 
ATOM 1101 H "H2''" . DG A 1 3 ? -0.904 6.549  -1.195 1.00 0.20 ? 3 DG A "H2''" 5 
ATOM 1102 H "H1'"  . DG A 1 3 ? -1.108 4.196  -0.913 1.00 0.15 ? 3 DG A "H1'"  5 
ATOM 1103 H H8     . DG A 1 3 ? 2.327  5.877  -0.697 1.00 0.18 ? 3 DG A H8     5 
ATOM 1104 H H1     . DG A 1 3 ? 0.762  1.912  4.070  1.00 0.23 ? 3 DG A H1     5 
ATOM 1105 H H21    . DG A 1 3 ? -1.179 0.928  3.632  1.00 0.27 ? 3 DG A H21    5 
ATOM 1106 H H22    . DG A 1 3 ? -1.838 0.915  2.029  1.00 0.16 ? 3 DG A H22    5 
ATOM 1107 P P      . DA A 1 4 ? -3.350 6.633  -3.065 1.00 0.26 ? 4 DA A P      5 
ATOM 1108 O OP1    . DA A 1 4 ? -2.949 7.614  -4.099 1.00 0.34 ? 4 DA A OP1    5 
ATOM 1109 O OP2    . DA A 1 4 ? -3.622 7.064  -1.674 1.00 0.28 ? 4 DA A OP2    5 
ATOM 1110 O "O5'"  . DA A 1 4 ? -4.572 5.749  -3.614 1.00 0.30 ? 4 DA A "O5'"  5 
ATOM 1111 C "C5'"  . DA A 1 4 ? -4.373 4.894  -4.756 1.00 0.32 ? 4 DA A "C5'"  5 
ATOM 1112 C "C4'"  . DA A 1 4 ? -5.291 3.686  -4.728 1.00 0.30 ? 4 DA A "C4'"  5 
ATOM 1113 O "O4'"  . DA A 1 4 ? -5.009 2.801  -3.640 1.00 0.30 ? 4 DA A "O4'"  5 
ATOM 1114 C "C3'"  . DA A 1 4 ? -6.814 3.942  -4.694 1.00 0.32 ? 4 DA A "C3'"  5 
ATOM 1115 O "O3'"  . DA A 1 4 ? -7.535 2.961  -5.453 1.00 0.42 ? 4 DA A "O3'"  5 
ATOM 1116 C "C2'"  . DA A 1 4 ? -7.146 3.777  -3.186 1.00 0.27 ? 4 DA A "C2'"  5 
ATOM 1117 C "C1'"  . DA A 1 4 ? -6.189 2.645  -2.838 1.00 0.26 ? 4 DA A "C1'"  5 
ATOM 1118 N N9     . DA A 1 4 ? -5.758 2.828  -1.447 1.00 0.22 ? 4 DA A N9     5 
ATOM 1119 C C8     . DA A 1 4 ? -4.754 3.614  -0.980 1.00 0.20 ? 4 DA A C8     5 
ATOM 1120 N N7     . DA A 1 4 ? -4.564 3.546  0.312  1.00 0.16 ? 4 DA A N7     5 
ATOM 1121 C C5     . DA A 1 4 ? -5.539 2.630  0.717  1.00 0.16 ? 4 DA A C5     5 
ATOM 1122 C C6     . DA A 1 4 ? -5.900 2.093  1.964  1.00 0.19 ? 4 DA A C6     5 
ATOM 1123 N N6     . DA A 1 4 ? -5.262 2.391  3.094  1.00 0.18 ? 4 DA A N6     5 
ATOM 1124 N N1     . DA A 1 4 ? -6.921 1.215  1.979  1.00 0.27 ? 4 DA A N1     5 
ATOM 1125 C C2     . DA A 1 4 ? -7.534 0.893  0.840  1.00 0.29 ? 4 DA A C2     5 
ATOM 1126 N N3     . DA A 1 4 ? -7.284 1.326  -0.376 1.00 0.26 ? 4 DA A N3     5 
ATOM 1127 C C4     . DA A 1 4 ? -6.264 2.199  -0.359 1.00 0.20 ? 4 DA A C4     5 
ATOM 1128 H "H5'"  . DA A 1 4 ? -3.362 4.494  -4.843 1.00 0.33 ? 4 DA A "H5'"  5 
ATOM 1129 H "H5''" . DA A 1 4 ? -4.392 5.432  -5.704 1.00 0.37 ? 4 DA A "H5''" 5 
ATOM 1130 H "H4'"  . DA A 1 4 ? -4.979 3.193  -5.648 1.00 0.32 ? 4 DA A "H4'"  5 
ATOM 1131 H "H3'"  . DA A 1 4 ? -6.979 4.943  -5.094 1.00 0.38 ? 4 DA A "H3'"  5 
ATOM 1132 H "HO3'" . DA A 1 4 ? -8.471 3.151  -5.367 1.00 0.51 ? 4 DA A "HO3'" 5 
ATOM 1133 H "H2'"  . DA A 1 4 ? -6.946 4.667  -2.590 1.00 0.27 ? 4 DA A "H2'"  5 
ATOM 1134 H "H2''" . DA A 1 4 ? -8.142 3.408  -2.941 1.00 0.31 ? 4 DA A "H2''" 5 
ATOM 1135 H "H1'"  . DA A 1 4 ? -6.639 1.658  -2.952 1.00 0.31 ? 4 DA A "H1'"  5 
ATOM 1136 H H8     . DA A 1 4 ? -4.213 4.237  -1.691 1.00 0.26 ? 4 DA A H8     5 
ATOM 1137 H H61    . DA A 1 4 ? -5.611 2.118  4.004  1.00 0.26 ? 4 DA A H61    5 
ATOM 1138 H H62    . DA A 1 4 ? -4.398 2.892  3.049  1.00 0.16 ? 4 DA A H62    5 
ATOM 1139 H H2     . DA A 1 4 ? -8.372 0.196  0.837  1.00 0.36 ? 4 DA A H2     5 
ATOM 1140 O "O5'"  . DT B 1 1 ? 2.356  -9.324 -2.693 1.00 0.47 ? 5 DT B "O5'"  5 
ATOM 1141 C "C5'"  . DT B 1 1 ? 2.970  -8.168 -3.284 1.00 0.37 ? 5 DT B "C5'"  5 
ATOM 1142 C "C4'"  . DT B 1 1 ? 2.632  -6.879 -2.515 1.00 0.29 ? 5 DT B "C4'"  5 
ATOM 1143 O "O4'"  . DT B 1 1 ? 3.230  -5.745 -3.179 1.00 0.28 ? 5 DT B "O4'"  5 
ATOM 1144 C "C3'"  . DT B 1 1 ? 1.117  -6.528 -2.480 1.00 0.30 ? 5 DT B "C3'"  5 
ATOM 1145 O "O3'"  . DT B 1 1 ? 0.541  -6.692 -1.170 1.00 0.30 ? 5 DT B "O3'"  5 
ATOM 1146 C "C2'"  . DT B 1 1 ? 1.048  -5.034 -2.898 1.00 0.30 ? 5 DT B "C2'"  5 
ATOM 1147 C "C1'"  . DT B 1 1 ? 2.495  -4.558 -2.833 1.00 0.24 ? 5 DT B "C1'"  5 
ATOM 1148 N N1     . DT B 1 1 ? 2.716  -3.491 -3.843 1.00 0.23 ? 5 DT B N1     5 
ATOM 1149 C C2     . DT B 1 1 ? 3.035  -2.215 -3.403 1.00 0.24 ? 5 DT B C2     5 
ATOM 1150 O O2     . DT B 1 1 ? 3.128  -1.893 -2.225 1.00 0.28 ? 5 DT B O2     5 
ATOM 1151 N N3     . DT B 1 1 ? 3.245  -1.270 -4.361 1.00 0.27 ? 5 DT B N3     5 
ATOM 1152 C C4     . DT B 1 1 ? 3.167  -1.459 -5.721 1.00 0.33 ? 5 DT B C4     5 
ATOM 1153 O O4     . DT B 1 1 ? 3.382  -0.520 -6.482 1.00 0.41 ? 5 DT B O4     5 
ATOM 1154 C C5     . DT B 1 1 ? 2.827  -2.815 -6.112 1.00 0.34 ? 5 DT B C5     5 
ATOM 1155 C C7     . DT B 1 1 ? 2.701  -3.175 -7.597 1.00 0.49 ? 5 DT B C7     5 
ATOM 1156 C C6     . DT B 1 1 ? 2.615  -3.768 -5.179 1.00 0.28 ? 5 DT B C6     5 
ATOM 1157 H "H5'"  . DT B 1 1 ? 2.707  -8.099 -4.341 1.00 0.47 ? 5 DT B "H5'"  5 
ATOM 1158 H "H5''" . DT B 1 1 ? 4.049  -8.311 -3.232 1.00 0.41 ? 5 DT B "H5''" 5 
ATOM 1159 H "H4'"  . DT B 1 1 ? 3.016  -7.090 -1.517 1.00 0.31 ? 5 DT B "H4'"  5 
ATOM 1160 H "H3'"  . DT B 1 1 ? 0.572  -7.118 -3.217 1.00 0.37 ? 5 DT B "H3'"  5 
ATOM 1161 H "H2'"  . DT B 1 1 ? 0.700  -4.941 -3.926 1.00 0.36 ? 5 DT B "H2'"  5 
ATOM 1162 H "H2''" . DT B 1 1 ? 0.442  -4.416 -2.235 1.00 0.32 ? 5 DT B "H2''" 5 
ATOM 1163 H "H1'"  . DT B 1 1 ? 2.746  -4.126 -1.864 1.00 0.24 ? 5 DT B "H1'"  5 
ATOM 1164 H H3     . DT B 1 1 ? 3.487  -0.355 -4.005 1.00 0.28 ? 5 DT B H3     5 
ATOM 1165 H H71    . DT B 1 1 ? 3.415  -3.961 -7.851 1.00 0.55 ? 5 DT B H71    5 
ATOM 1166 H H72    . DT B 1 1 ? 2.908  -2.297 -8.208 1.00 0.58 ? 5 DT B H72    5 
ATOM 1167 H H73    . DT B 1 1 ? 1.690  -3.527 -7.809 1.00 0.57 ? 5 DT B H73    5 
ATOM 1168 H H6     . DT B 1 1 ? 2.350  -4.784 -5.468 1.00 0.33 ? 5 DT B H6     5 
ATOM 1169 H "HO5'" . DT B 1 1 ? 1.661  -9.039 -2.094 1.00 0.42 ? 5 DT B "HO5'" 5 
ATOM 1170 P P      . DC B 1 2 ? -0.371 -7.984 -0.855 1.00 0.24 ? 6 DC B P      5 
ATOM 1171 O OP1    . DC B 1 2 ? 0.535  -9.149 -0.949 1.00 0.37 ? 6 DC B OP1    5 
ATOM 1172 O OP2    . DC B 1 2 ? -1.553 -7.918 -1.742 1.00 0.30 ? 6 DC B OP2    5 
ATOM 1173 O "O5'"  . DC B 1 2 ? -0.895 -7.844 0.664  1.00 0.28 ? 6 DC B "O5'"  5 
ATOM 1174 C "C5'"  . DC B 1 2 ? -0.044 -7.668 1.805  1.00 0.28 ? 6 DC B "C5'"  5 
ATOM 1175 C "C4'"  . DC B 1 2 ? -0.403 -6.357 2.526  1.00 0.24 ? 6 DC B "C4'"  5 
ATOM 1176 O "O4'"  . DC B 1 2 ? -0.265 -5.244 1.641  1.00 0.25 ? 6 DC B "O4'"  5 
ATOM 1177 C "C3'"  . DC B 1 2 ? -1.823 -6.204 3.140  1.00 0.22 ? 6 DC B "C3'"  5 
ATOM 1178 O "O3'"  . DC B 1 2 ? -1.613 -5.791 4.501  1.00 0.27 ? 6 DC B "O3'"  5 
ATOM 1179 C "C2'"  . DC B 1 2 ? -2.530 -5.111 2.296  1.00 0.23 ? 6 DC B "C2'"  5 
ATOM 1180 C "C1'"  . DC B 1 2 ? -1.285 -4.292 1.951  1.00 0.22 ? 6 DC B "C1'"  5 
ATOM 1181 N N1     . DC B 1 2 ? -1.339 -3.441 0.746  1.00 0.18 ? 6 DC B N1     5 
ATOM 1182 C C2     . DC B 1 2 ? -0.763 -2.193 0.844  1.00 0.23 ? 6 DC B C2     5 
ATOM 1183 O O2     . DC B 1 2 ? -0.290 -1.796 1.902  1.00 0.32 ? 6 DC B O2     5 
ATOM 1184 N N3     . DC B 1 2 ? -0.721 -1.405 -0.249 1.00 0.22 ? 6 DC B N3     5 
ATOM 1185 C C4     . DC B 1 2 ? -1.220 -1.810 -1.405 1.00 0.21 ? 6 DC B C4     5 
ATOM 1186 N N4     . DC B 1 2 ? -1.105 -1.016 -2.464 1.00 0.24 ? 6 DC B N4     5 
ATOM 1187 C C5     . DC B 1 2 ? -1.826 -3.082 -1.530 1.00 0.19 ? 6 DC B C5     5 
ATOM 1188 C C6     . DC B 1 2 ? -1.871 -3.874 -0.436 1.00 0.17 ? 6 DC B C6     5 
ATOM 1189 H "H5'"  . DC B 1 2 ? 0.997  -7.616 1.486  1.00 0.34 ? 6 DC B "H5'"  5 
ATOM 1190 H "H5''" . DC B 1 2 ? -0.120 -8.521 2.479  1.00 0.34 ? 6 DC B "H5''" 5 
ATOM 1191 H "H4'"  . DC B 1 2 ? 0.304  -6.238 3.348  1.00 0.32 ? 6 DC B "H4'"  5 
ATOM 1192 H "H3'"  . DC B 1 2 ? -2.358 -7.153 3.118  1.00 0.25 ? 6 DC B "H3'"  5 
ATOM 1193 H "H2'"  . DC B 1 2 ? -3.095 -5.495 1.447  1.00 0.27 ? 6 DC B "H2'"  5 
ATOM 1194 H "H2''" . DC B 1 2 ? -3.266 -4.526 2.849  1.00 0.28 ? 6 DC B "H2''" 5 
ATOM 1195 H "H1'"  . DC B 1 2 ? -0.940 -3.711 2.807  1.00 0.28 ? 6 DC B "H1'"  5 
ATOM 1196 H H41    . DC B 1 2 ? -0.666 -0.104 -2.345 1.00 0.25 ? 6 DC B H41    5 
ATOM 1197 H H42    . DC B 1 2 ? -1.415 -1.298 -3.380 1.00 0.30 ? 6 DC B H42    5 
ATOM 1198 H H5     . DC B 1 2 ? -2.212 -3.330 -2.519 1.00 0.24 ? 6 DC B H5     5 
ATOM 1199 H H6     . DC B 1 2 ? -2.339 -4.858 -0.481 1.00 0.20 ? 6 DC B H6     5 
ATOM 1200 P P      . DG B 1 3 ? -2.767 -5.458 5.585  1.00 0.26 ? 7 DG B P      5 
ATOM 1201 O OP1    . DG B 1 3 ? -2.190 -5.637 6.936  1.00 0.37 ? 7 DG B OP1    5 
ATOM 1202 O OP2    . DG B 1 3 ? -4.000 -6.189 5.211  1.00 0.34 ? 7 DG B OP2    5 
ATOM 1203 O "O5'"  . DG B 1 3 ? -3.019 -3.879 5.328  1.00 0.24 ? 7 DG B "O5'"  5 
ATOM 1204 C "C5'"  . DG B 1 3 ? -2.014 -2.874 5.579  1.00 0.17 ? 7 DG B "C5'"  5 
ATOM 1205 C "C4'"  . DG B 1 3 ? -2.397 -1.504 4.935  1.00 0.13 ? 7 DG B "C4'"  5 
ATOM 1206 O "O4'"  . DG B 1 3 ? -2.527 -1.584 3.495  1.00 0.16 ? 7 DG B "O4'"  5 
ATOM 1207 C "C3'"  . DG B 1 3 ? -3.762 -0.923 5.390  1.00 0.15 ? 7 DG B "C3'"  5 
ATOM 1208 O "O3'"  . DG B 1 3 ? -3.492 0.436  5.693  1.00 0.18 ? 7 DG B "O3'"  5 
ATOM 1209 C "C2'"  . DG B 1 3 ? -4.666 -0.922 4.145  1.00 0.16 ? 7 DG B "C2'"  5 
ATOM 1210 C "C1'"  . DG B 1 3 ? -3.599 -0.728 3.070  1.00 0.15 ? 7 DG B "C1'"  5 
ATOM 1211 N N9     . DG B 1 3 ? -4.121 -1.090 1.743  1.00 0.14 ? 7 DG B N9     5 
ATOM 1212 C C8     . DG B 1 3 ? -5.000 -2.083 1.397  1.00 0.17 ? 7 DG B C8     5 
ATOM 1213 N N7     . DG B 1 3 ? -5.296 -2.106 0.127  1.00 0.17 ? 7 DG B N7     5 
ATOM 1214 C C5     . DG B 1 3 ? -4.555 -1.053 -0.404 1.00 0.14 ? 7 DG B C5     5 
ATOM 1215 C C6     . DG B 1 3 ? -4.463 -0.579 -1.742 1.00 0.15 ? 7 DG B C6     5 
ATOM 1216 O O6     . DG B 1 3 ? -5.017 -0.990 -2.758 1.00 0.20 ? 7 DG B O6     5 
ATOM 1217 N N1     . DG B 1 3 ? -3.612 0.495  -1.837 1.00 0.15 ? 7 DG B N1     5 
ATOM 1218 C C2     . DG B 1 3 ? -2.921 1.058  -0.795 1.00 0.15 ? 7 DG B C2     5 
ATOM 1219 N N2     . DG B 1 3 ? -2.141 2.078  -1.120 1.00 0.18 ? 7 DG B N2     5 
ATOM 1220 N N3     . DG B 1 3 ? -2.993 0.632  0.469  1.00 0.13 ? 7 DG B N3     5 
ATOM 1221 C C4     . DG B 1 3 ? -3.833 -0.429 0.580  1.00 0.13 ? 7 DG B C4     5 
ATOM 1222 H "H5'"  . DG B 1 3 ? -1.058 -3.232 5.194  1.00 0.20 ? 7 DG B "H5'"  5 
ATOM 1223 H "H5''" . DG B 1 3 ? -1.848 -2.798 6.653  1.00 0.22 ? 7 DG B "H5''" 5 
ATOM 1224 H "H4'"  . DG B 1 3 ? -1.660 -0.758 5.231  1.00 0.14 ? 7 DG B "H4'"  5 
ATOM 1225 H "H3'"  . DG B 1 3 ? -4.208 -1.454 6.231  1.00 0.19 ? 7 DG B "H3'"  5 
ATOM 1226 H "H2'"  . DG B 1 3 ? -5.229 -1.848 4.023  1.00 0.17 ? 7 DG B "H2'"  5 
ATOM 1227 H "H2''" . DG B 1 3 ? -5.394 -0.112 4.130  1.00 0.18 ? 7 DG B "H2''" 5 
ATOM 1228 H "H1'"  . DG B 1 3 ? -3.347 0.331  3.003  1.00 0.16 ? 7 DG B "H1'"  5 
ATOM 1229 H H8     . DG B 1 3 ? -5.400 -2.785 2.129  1.00 0.19 ? 7 DG B H8     5 
ATOM 1230 H H1     . DG B 1 3 ? -3.521 0.878  -2.760 1.00 0.18 ? 7 DG B H1     5 
ATOM 1231 H H21    . DG B 1 3 ? -2.208 2.511  -2.027 1.00 0.25 ? 7 DG B H21    5 
ATOM 1232 H H22    . DG B 1 3 ? -1.470 2.430  -0.463 1.00 0.17 ? 7 DG B H22    5 
ATOM 1233 P P      . DA B 1 4 ? -4.385 1.323  6.678  1.00 0.19 ? 8 DA B P      5 
ATOM 1234 O OP1    . DA B 1 4 ? -4.914 0.480  7.774  1.00 0.28 ? 8 DA B OP1    5 
ATOM 1235 O OP2    . DA B 1 4 ? -5.294 2.140  5.840  1.00 0.25 ? 8 DA B OP2    5 
ATOM 1236 O "O5'"  . DA B 1 4 ? -3.191 2.238  7.240  1.00 0.24 ? 8 DA B "O5'"  5 
ATOM 1237 C "C5'"  . DA B 1 4 ? -1.987 1.616  7.725  1.00 0.23 ? 8 DA B "C5'"  5 
ATOM 1238 C "C4'"  . DA B 1 4 ? -0.774 2.512  7.560  1.00 0.24 ? 8 DA B "C4'"  5 
ATOM 1239 O "O4'"  . DA B 1 4 ? -0.452 2.758  6.186  1.00 0.24 ? 8 DA B "O4'"  5 
ATOM 1240 C "C3'"  . DA B 1 4 ? -0.803 3.895  8.251  1.00 0.30 ? 8 DA B "C3'"  5 
ATOM 1241 O "O3'"  . DA B 1 4 ? 0.491  4.270  8.740  1.00 0.38 ? 8 DA B "O3'"  5 
ATOM 1242 C "C2'"  . DA B 1 4 ? -1.212 4.840  7.089  1.00 0.26 ? 8 DA B "C2'"  5 
ATOM 1243 C "C1'"  . DA B 1 4 ? -0.463 4.174  5.942  1.00 0.23 ? 8 DA B "C1'"  5 
ATOM 1244 N N9     . DA B 1 4 ? -1.250 4.364  4.718  1.00 0.20 ? 8 DA B N9     5 
ATOM 1245 C C8     . DA B 1 4 ? -2.293 3.619  4.268  1.00 0.17 ? 8 DA B C8     5 
ATOM 1246 N N7     . DA B 1 4 ? -2.778 3.994  3.115  1.00 0.15 ? 8 DA B N7     5 
ATOM 1247 C C5     . DA B 1 4 ? -1.973 5.090  2.789  1.00 0.17 ? 8 DA B C5     5 
ATOM 1248 C C6     . DA B 1 4 ? -1.937 5.969  1.693  1.00 0.19 ? 8 DA B C6     5 
ATOM 1249 N N6     . DA B 1 4 ? -2.751 5.855  0.645  1.00 0.21 ? 8 DA B N6     5 
ATOM 1250 N N1     . DA B 1 4 ? -1.004 6.939  1.718  1.00 0.25 ? 8 DA B N1     5 
ATOM 1251 C C2     . DA B 1 4 ? -0.167 7.028  2.754  1.00 0.28 ? 8 DA B C2     5 
ATOM 1252 N N3     . DA B 1 4 ? -0.105 6.265  3.824  1.00 0.26 ? 8 DA B N3     5 
ATOM 1253 C C4     . DA B 1 4 ? -1.048 5.310  3.770  1.00 0.21 ? 8 DA B C4     5 
ATOM 1254 H "H5'"  . DA B 1 4 ? -1.733 0.683  7.223  1.00 0.24 ? 8 DA B "H5'"  5 
ATOM 1255 H "H5''" . DA B 1 4 ? -2.090 1.207  8.732  1.00 0.27 ? 8 DA B "H5''" 5 
ATOM 1256 H "H4'"  . DA B 1 4 ? -0.002 1.862  7.972  1.00 0.28 ? 8 DA B "H4'"  5 
ATOM 1257 H "H3'"  . DA B 1 4 ? -1.524 3.828  9.065  1.00 0.35 ? 8 DA B "H3'"  5 
ATOM 1258 H "HO3'" . DA B 1 4 ? 0.419  5.146  9.127  1.00 0.49 ? 8 DA B "HO3'" 5 
ATOM 1259 H "H2'"  . DA B 1 4 ? -2.286 4.871  6.902  1.00 0.28 ? 8 DA B "H2'"  5 
ATOM 1260 H "H2''" . DA B 1 4 ? -0.836 5.861  7.133  1.00 0.32 ? 8 DA B "H2''" 5 
ATOM 1261 H "H1'"  . DA B 1 4 ? 0.538  4.577  5.796  1.00 0.29 ? 8 DA B "H1'"  5 
ATOM 1262 H H8     . DA B 1 4 ? -2.648 2.799  4.894  1.00 0.20 ? 8 DA B H8     5 
ATOM 1263 H H61    . DA B 1 4 ? -2.821 6.571  -0.068 1.00 0.28 ? 8 DA B H61    5 
ATOM 1264 H H62    . DA B 1 4 ? -3.311 5.033  0.550  1.00 0.20 ? 8 DA B H62    5 
ATOM 1265 H H2     . DA B 1 4 ? 0.584  7.816  2.796  1.00 0.34 ? 8 DA B H2     5 
ATOM 1266 O "O5'"  . DT A 1 1 ? 9.117  -2.638 -3.083 1.00 1.11 ? 1 DT A "O5'"  6 
ATOM 1267 C "C5'"  . DT A 1 1 ? 8.213  -3.514 -2.397 1.00 1.00 ? 1 DT A "C5'"  6 
ATOM 1268 C "C4'"  . DT A 1 1 ? 6.824  -2.885 -2.194 1.00 0.65 ? 1 DT A "C4'"  6 
ATOM 1269 O "O4'"  . DT A 1 1 ? 5.996  -3.816 -1.468 1.00 0.60 ? 1 DT A "O4'"  6 
ATOM 1270 C "C3'"  . DT A 1 1 ? 6.805  -1.603 -1.317 1.00 0.54 ? 1 DT A "C3'"  6 
ATOM 1271 O "O3'"  . DT A 1 1 ? 6.467  -0.430 -2.082 1.00 0.38 ? 1 DT A "O3'"  6 
ATOM 1272 C "C2'"  . DT A 1 1 ? 5.710  -1.869 -0.250 1.00 0.47 ? 1 DT A "C2'"  6 
ATOM 1273 C "C1'"  . DT A 1 1 ? 4.970  -3.095 -0.773 1.00 0.31 ? 1 DT A "C1'"  6 
ATOM 1274 N N1     . DT A 1 1 ? 4.438  -3.911 0.347  1.00 0.39 ? 1 DT A N1     6 
ATOM 1275 C C2     . DT A 1 1 ? 3.064  -4.051 0.472  1.00 0.25 ? 1 DT A C2     6 
ATOM 1276 O O2     . DT A 1 1 ? 2.247  -3.513 -0.262 1.00 0.33 ? 1 DT A O2     6 
ATOM 1277 N N3     . DT A 1 1 ? 2.613  -4.830 1.488  1.00 0.34 ? 1 DT A N3     6 
ATOM 1278 C C4     . DT A 1 1 ? 3.383  -5.489 2.407  1.00 0.65 ? 1 DT A C4     6 
ATOM 1279 O O4     . DT A 1 1 ? 2.849  -6.164 3.280  1.00 0.78 ? 1 DT A O4     6 
ATOM 1280 C C5     . DT A 1 1 ? 4.806  -5.295 2.219  1.00 0.85 ? 1 DT A C5     6 
ATOM 1281 C C7     . DT A 1 1 ? 5.789  -5.965 3.162  1.00 1.27 ? 1 DT A C7     6 
ATOM 1282 C C6     . DT A 1 1 ? 5.281  -4.529 1.218  1.00 0.71 ? 1 DT A C6     6 
ATOM 1283 H "H5'"  . DT A 1 1 ? 8.656  -3.849 -1.458 1.00 1.12 ? 1 DT A "H5'"  6 
ATOM 1284 H "H5''" . DT A 1 1 ? 8.085  -4.396 -3.023 1.00 1.15 ? 1 DT A "H5''" 6 
ATOM 1285 H "H4'"  . DT A 1 1 ? 6.499  -2.666 -3.211 1.00 0.63 ? 1 DT A "H4'"  6 
ATOM 1286 H "H3'"  . DT A 1 1 ? 7.765  -1.464 -0.821 1.00 0.79 ? 1 DT A "H3'"  6 
ATOM 1287 H "H2'"  . DT A 1 1 ? 6.158  -2.127 0.710  1.00 0.72 ? 1 DT A "H2'"  6 
ATOM 1288 H "H2''" . DT A 1 1 ? 5.006  -1.043 -0.155 1.00 0.50 ? 1 DT A "H2''" 6 
ATOM 1289 H "H1'"  . DT A 1 1 ? 4.102  -2.840 -1.382 1.00 0.27 ? 1 DT A "H1'"  6 
ATOM 1290 H H3     . DT A 1 1 ? 1.613  -4.925 1.548  1.00 0.29 ? 1 DT A H3     6 
ATOM 1291 H H71    . DT A 1 1 ? 6.438  -6.622 2.583  1.00 1.40 ? 1 DT A H71    6 
ATOM 1292 H H72    . DT A 1 1 ? 6.380  -5.195 3.659  1.00 1.40 ? 1 DT A H72    6 
ATOM 1293 H H73    . DT A 1 1 ? 5.238  -6.546 3.902  1.00 1.34 ? 1 DT A H73    6 
ATOM 1294 H H6     . DT A 1 1 ? 6.353  -4.375 1.088  1.00 0.88 ? 1 DT A H6     6 
ATOM 1295 H "HO5'" . DT A 1 1 ? 8.712  -1.774 -3.186 1.00 0.88 ? 1 DT A "HO5'" 6 
ATOM 1296 P P      . DC A 1 2 ? 7.669  0.535  -2.570 1.00 0.54 ? 2 DC A P      6 
ATOM 1297 O OP1    . DC A 1 2 ? 8.550  -0.310 -3.403 1.00 0.79 ? 2 DC A OP1    6 
ATOM 1298 O OP2    . DC A 1 2 ? 8.221  1.197  -1.369 1.00 0.78 ? 2 DC A OP2    6 
ATOM 1299 O "O5'"  . DC A 1 2 ? 7.053  1.678  -3.513 1.00 0.39 ? 2 DC A "O5'"  6 
ATOM 1300 C "C5'"  . DC A 1 2 ? 6.357  1.381  -4.726 1.00 0.36 ? 2 DC A "C5'"  6 
ATOM 1301 C "C4'"  . DC A 1 2 ? 4.908  1.859  -4.600 1.00 0.25 ? 2 DC A "C4'"  6 
ATOM 1302 O "O4'"  . DC A 1 2 ? 4.278  1.238  -3.479 1.00 0.24 ? 2 DC A "O4'"  6 
ATOM 1303 C "C3'"  . DC A 1 2 ? 4.627  3.375  -4.416 1.00 0.24 ? 2 DC A "C3'"  6 
ATOM 1304 O "O3'"  . DC A 1 2 ? 3.616  3.681  -5.386 1.00 0.30 ? 2 DC A "O3'"  6 
ATOM 1305 C "C2'"  . DC A 1 2 ? 4.095  3.542  -2.968 1.00 0.23 ? 2 DC A "C2'"  6 
ATOM 1306 C "C1'"  . DC A 1 2 ? 3.388  2.181  -2.889 1.00 0.20 ? 2 DC A "C1'"  6 
ATOM 1307 N N1     . DC A 1 2 ? 3.107  1.614  -1.546 1.00 0.19 ? 2 DC A N1     6 
ATOM 1308 C C2     . DC A 1 2 ? 1.933  0.892  -1.444 1.00 0.22 ? 2 DC A C2     6 
ATOM 1309 O O2     . DC A 1 2 ? 1.159  0.774  -2.383 1.00 0.29 ? 2 DC A O2     6 
ATOM 1310 N N3     . DC A 1 2 ? 1.662  0.320  -0.230 1.00 0.24 ? 2 DC A N3     6 
ATOM 1311 C C4     . DC A 1 2 ? 2.492  0.446  0.848  1.00 0.23 ? 2 DC A C4     6 
ATOM 1312 N N4     . DC A 1 2 ? 2.131  -0.153 1.973  1.00 0.25 ? 2 DC A N4     6 
ATOM 1313 C C5     . DC A 1 2 ? 3.701  1.196  0.733  1.00 0.23 ? 2 DC A C5     6 
ATOM 1314 C C6     . DC A 1 2 ? 3.965  1.757  -0.473 1.00 0.20 ? 2 DC A C6     6 
ATOM 1315 H H3     . DC A 1 2 ? 0.813  -0.225 -0.185 1.00 0.27 ? 2 DC A H3     6 
ATOM 1316 H "H5'"  . DC A 1 2 ? 6.354  0.304  -4.894 1.00 0.45 ? 2 DC A "H5'"  6 
ATOM 1317 H "H5''" . DC A 1 2 ? 6.860  1.829  -5.584 1.00 0.44 ? 2 DC A "H5''" 6 
ATOM 1318 H "H4'"  . DC A 1 2 ? 4.401  1.557  -5.518 1.00 0.33 ? 2 DC A "H4'"  6 
ATOM 1319 H "H3'"  . DC A 1 2 ? 5.516  3.974  -4.612 1.00 0.30 ? 2 DC A "H3'"  6 
ATOM 1320 H "H2'"  . DC A 1 2 ? 4.874  3.738  -2.231 1.00 0.28 ? 2 DC A "H2'"  6 
ATOM 1321 H "H2''" . DC A 1 2 ? 3.406  4.375  -2.834 1.00 0.31 ? 2 DC A "H2''" 6 
ATOM 1322 H "H1'"  . DC A 1 2 ? 2.501  2.214  -3.522 1.00 0.24 ? 2 DC A "H1'"  6 
ATOM 1323 H H41    . DC A 1 2 ? 1.194  -0.528 2.039  1.00 0.27 ? 2 DC A H41    6 
ATOM 1324 H H42    . DC A 1 2 ? 2.771  -0.246 2.746  1.00 0.30 ? 2 DC A H42    6 
ATOM 1325 H H5     . DC A 1 2 ? 4.366  1.304  1.590  1.00 0.27 ? 2 DC A H5     6 
ATOM 1326 H H6     . DC A 1 2 ? 4.885  2.329  -0.592 1.00 0.23 ? 2 DC A H6     6 
ATOM 1327 P P      . DG A 1 3 ? 2.998  5.147  -5.643 1.00 0.30 ? 3 DG A P      6 
ATOM 1328 O OP1    . DG A 1 3 ? 2.533  5.204  -7.047 1.00 0.40 ? 3 DG A OP1    6 
ATOM 1329 O OP2    . DG A 1 3 ? 3.956  6.158  -5.141 1.00 0.35 ? 3 DG A OP2    6 
ATOM 1330 O "O5'"  . DG A 1 3 ? 1.710  5.143  -4.665 1.00 0.25 ? 3 DG A "O5'"  6 
ATOM 1331 C "C5'"  . DG A 1 3 ? 0.578  4.275  -4.864 1.00 0.24 ? 3 DG A "C5'"  6 
ATOM 1332 C "C4'"  . DG A 1 3 ? -0.359 4.264  -3.608 1.00 0.22 ? 3 DG A "C4'"  6 
ATOM 1333 O "O4'"  . DG A 1 3 ? 0.318  3.785  -2.419 1.00 0.21 ? 3 DG A "O4'"  6 
ATOM 1334 C "C3'"  . DG A 1 3 ? -0.901 5.655  -3.175 1.00 0.22 ? 3 DG A "C3'"  6 
ATOM 1335 O "O3'"  . DG A 1 3 ? -2.290 5.454  -2.956 1.00 0.25 ? 3 DG A "O3'"  6 
ATOM 1336 C "C2'"  . DG A 1 3 ? -0.281 5.954  -1.796 1.00 0.21 ? 3 DG A "C2'"  6 
ATOM 1337 C "C1'"  . DG A 1 3 ? -0.149 4.525  -1.275 1.00 0.18 ? 3 DG A "C1'"  6 
ATOM 1338 N N9     . DG A 1 3 ? 0.786  4.462  -0.138 1.00 0.18 ? 3 DG A N9     6 
ATOM 1339 C C8     . DG A 1 3 ? 1.937  5.174  0.083  1.00 0.21 ? 3 DG A C8     6 
ATOM 1340 N N7     . DG A 1 3 ? 2.511  4.902  1.222  1.00 0.22 ? 3 DG A N7     6 
ATOM 1341 C C5     . DG A 1 3 ? 1.680  3.939  1.795  1.00 0.19 ? 3 DG A C5     6 
ATOM 1342 C C6     . DG A 1 3 ? 1.786  3.257  3.039  1.00 0.21 ? 3 DG A C6     6 
ATOM 1343 O O6     . DG A 1 3 ? 2.643  3.351  3.911  1.00 0.27 ? 3 DG A O6     6 
ATOM 1344 N N1     . DG A 1 3 ? 0.744  2.379  3.220  1.00 0.18 ? 3 DG A N1     6 
ATOM 1345 C C2     . DG A 1 3 ? -0.279 2.164  2.332  1.00 0.17 ? 3 DG A C2     6 
ATOM 1346 N N2     . DG A 1 3 ? -1.171 1.259  2.702  1.00 0.20 ? 3 DG A N2     6 
ATOM 1347 N N3     . DG A 1 3 ? -0.396 2.792  1.160  1.00 0.16 ? 3 DG A N3     6 
ATOM 1348 C C4     . DG A 1 3 ? 0.623  3.667  0.964  1.00 0.16 ? 3 DG A C4     6 
ATOM 1349 H "H5'"  . DG A 1 3 ? 0.940  3.273  -5.091 1.00 0.25 ? 3 DG A "H5'"  6 
ATOM 1350 H "H5''" . DG A 1 3 ? 0.066  4.578  -5.778 1.00 0.28 ? 3 DG A "H5''" 6 
ATOM 1351 H "H4'"  . DG A 1 3 ? -1.242 3.670  -3.836 1.00 0.22 ? 3 DG A "H4'"  6 
ATOM 1352 H "H3'"  . DG A 1 3 ? -0.707 6.447  -3.898 1.00 0.26 ? 3 DG A "H3'"  6 
ATOM 1353 H "H2'"  . DG A 1 3 ? 0.676  6.471  -1.853 1.00 0.22 ? 3 DG A "H2'"  6 
ATOM 1354 H "H2''" . DG A 1 3 ? -0.922 6.556  -1.150 1.00 0.25 ? 3 DG A "H2''" 6 
ATOM 1355 H "H1'"  . DG A 1 3 ? -1.106 4.193  -0.873 1.00 0.19 ? 3 DG A "H1'"  6 
ATOM 1356 H H8     . DG A 1 3 ? 2.326  5.890  -0.641 1.00 0.23 ? 3 DG A H8     6 
ATOM 1357 H H1     . DG A 1 3 ? 0.764  1.879  4.093  1.00 0.21 ? 3 DG A H1     6 
ATOM 1358 H H21    . DG A 1 3 ? -1.186 0.895  3.641  1.00 0.33 ? 3 DG A H21    6 
ATOM 1359 H H22    . DG A 1 3 ? -1.844 0.919  2.040  1.00 0.20 ? 3 DG A H22    6 
ATOM 1360 P P      . DA A 1 4 ? -3.375 6.628  -3.074 1.00 0.21 ? 4 DA A P      6 
ATOM 1361 O OP1    . DA A 1 4 ? -2.961 7.599  -4.112 1.00 0.32 ? 4 DA A OP1    6 
ATOM 1362 O OP2    . DA A 1 4 ? -3.697 7.077  -1.701 1.00 0.29 ? 4 DA A OP2    6 
ATOM 1363 O "O5'"  . DA A 1 4 ? -4.574 5.726  -3.641 1.00 0.26 ? 4 DA A "O5'"  6 
ATOM 1364 C "C5'"  . DA A 1 4 ? -4.364 4.865  -4.773 1.00 0.25 ? 4 DA A "C5'"  6 
ATOM 1365 C "C4'"  . DA A 1 4 ? -5.288 3.662  -4.731 1.00 0.26 ? 4 DA A "C4'"  6 
ATOM 1366 O "O4'"  . DA A 1 4 ? -5.012 2.795  -3.625 1.00 0.25 ? 4 DA A "O4'"  6 
ATOM 1367 C "C3'"  . DA A 1 4 ? -6.811 3.926  -4.697 1.00 0.30 ? 4 DA A "C3'"  6 
ATOM 1368 O "O3'"  . DA A 1 4 ? -7.529 2.944  -5.453 1.00 0.43 ? 4 DA A "O3'"  6 
ATOM 1369 C "C2'"  . DA A 1 4 ? -7.155 3.767  -3.190 1.00 0.28 ? 4 DA A "C2'"  6 
ATOM 1370 C "C1'"  . DA A 1 4 ? -6.196 2.639  -2.827 1.00 0.24 ? 4 DA A "C1'"  6 
ATOM 1371 N N9     . DA A 1 4 ? -5.772 2.823  -1.433 1.00 0.19 ? 4 DA A N9     6 
ATOM 1372 C C8     . DA A 1 4 ? -4.763 3.598  -0.965 1.00 0.18 ? 4 DA A C8     6 
ATOM 1373 N N7     . DA A 1 4 ? -4.580 3.535  0.327  1.00 0.17 ? 4 DA A N7     6 
ATOM 1374 C C5     . DA A 1 4 ? -5.568 2.634  0.733  1.00 0.17 ? 4 DA A C5     6 
ATOM 1375 C C6     . DA A 1 4 ? -5.942 2.110  1.981  1.00 0.20 ? 4 DA A C6     6 
ATOM 1376 N N6     . DA A 1 4 ? -5.303 2.410  3.109  1.00 0.21 ? 4 DA A N6     6 
ATOM 1377 N N1     . DA A 1 4 ? -6.973 1.247  1.998  1.00 0.27 ? 4 DA A N1     6 
ATOM 1378 C C2     . DA A 1 4 ? -7.585 0.926  0.858  1.00 0.30 ? 4 DA A C2     6 
ATOM 1379 N N3     . DA A 1 4 ? -7.322 1.347  -0.361 1.00 0.27 ? 4 DA A N3     6 
ATOM 1380 C C4     . DA A 1 4 ? -6.293 2.207  -0.345 1.00 0.19 ? 4 DA A C4     6 
ATOM 1381 H "H5'"  . DA A 1 4 ? -3.355 4.462  -4.855 1.00 0.29 ? 4 DA A "H5'"  6 
ATOM 1382 H "H5''" . DA A 1 4 ? -4.384 5.399  -5.723 1.00 0.31 ? 4 DA A "H5''" 6 
ATOM 1383 H "H4'"  . DA A 1 4 ? -4.979 3.152  -5.643 1.00 0.33 ? 4 DA A "H4'"  6 
ATOM 1384 H "H3'"  . DA A 1 4 ? -6.979 4.921  -5.108 1.00 0.36 ? 4 DA A "H3'"  6 
ATOM 1385 H "HO3'" . DA A 1 4 ? -8.463 3.154  -5.389 1.00 0.53 ? 4 DA A "HO3'" 6 
ATOM 1386 H "H2'"  . DA A 1 4 ? -6.967 4.659  -2.591 1.00 0.30 ? 4 DA A "H2'"  6 
ATOM 1387 H "H2''" . DA A 1 4 ? -8.152 3.395  -2.955 1.00 0.35 ? 4 DA A "H2''" 6 
ATOM 1388 H "H1'"  . DA A 1 4 ? -6.638 1.647  -2.928 1.00 0.34 ? 4 DA A "H1'"  6 
ATOM 1389 H H8     . DA A 1 4 ? -4.213 4.209  -1.682 1.00 0.23 ? 4 DA A H8     6 
ATOM 1390 H H61    . DA A 1 4 ? -5.655 2.144  4.019  1.00 0.27 ? 4 DA A H61    6 
ATOM 1391 H H62    . DA A 1 4 ? -4.439 2.910  3.058  1.00 0.21 ? 4 DA A H62    6 
ATOM 1392 H H2     . DA A 1 4 ? -8.434 0.240  0.857  1.00 0.37 ? 4 DA A H2     6 
ATOM 1393 O "O5'"  . DT B 1 1 ? 2.426  -9.292 -2.602 1.00 0.62 ? 5 DT B "O5'"  6 
ATOM 1394 C "C5'"  . DT B 1 1 ? 3.039  -8.116 -3.151 1.00 0.53 ? 5 DT B "C5'"  6 
ATOM 1395 C "C4'"  . DT B 1 1 ? 2.627  -6.837 -2.405 1.00 0.38 ? 5 DT B "C4'"  6 
ATOM 1396 O "O4'"  . DT B 1 1 ? 3.251  -5.705 -3.043 1.00 0.36 ? 5 DT B "O4'"  6 
ATOM 1397 C "C3'"  . DT B 1 1 ? 1.108  -6.507 -2.460 1.00 0.31 ? 5 DT B "C3'"  6 
ATOM 1398 O "O3'"  . DT B 1 1 ? 0.478  -6.627 -1.170 1.00 0.31 ? 5 DT B "O3'"  6 
ATOM 1399 C "C2'"  . DT B 1 1 ? 1.045  -5.031 -2.931 1.00 0.22 ? 5 DT B "C2'"  6 
ATOM 1400 C "C1'"  . DT B 1 1 ? 2.474  -4.527 -2.787 1.00 0.23 ? 5 DT B "C1'"  6 
ATOM 1401 N N1     . DT B 1 1 ? 2.770  -3.486 -3.801 1.00 0.21 ? 5 DT B N1     6 
ATOM 1402 C C2     . DT B 1 1 ? 3.059  -2.201 -3.367 1.00 0.17 ? 5 DT B C2     6 
ATOM 1403 O O2     . DT B 1 1 ? 3.052  -1.853 -2.196 1.00 0.25 ? 5 DT B O2     6 
ATOM 1404 N N3     . DT B 1 1 ? 3.355  -1.280 -4.317 1.00 0.21 ? 5 DT B N3     6 
ATOM 1405 C C4     . DT B 1 1 ? 3.395  -1.493 -5.670 1.00 0.34 ? 5 DT B C4     6 
ATOM 1406 O O4     . DT B 1 1 ? 3.680  -0.572 -6.428 1.00 0.42 ? 5 DT B O4     6 
ATOM 1407 C C5     . DT B 1 1 ? 3.079  -2.856 -6.053 1.00 0.41 ? 5 DT B C5     6 
ATOM 1408 C C7     . DT B 1 1 ? 3.079  -3.247 -7.521 1.00 0.64 ? 5 DT B C7     6 
ATOM 1409 C C6     . DT B 1 1 ? 2.781  -3.790 -5.128 1.00 0.33 ? 5 DT B C6     6 
ATOM 1410 H "H5'"  . DT B 1 1 ? 2.839  -8.054 -4.220 1.00 0.57 ? 5 DT B "H5'"  6 
ATOM 1411 H "H5''" . DT B 1 1 ? 4.118  -8.228 -3.035 1.00 0.62 ? 5 DT B "H5''" 6 
ATOM 1412 H "H4'"  . DT B 1 1 ? 2.945  -7.030 -1.381 1.00 0.41 ? 5 DT B "H4'"  6 
ATOM 1413 H "H3'"  . DT B 1 1 ? 0.604  -7.142 -3.189 1.00 0.42 ? 5 DT B "H3'"  6 
ATOM 1414 H "H2'"  . DT B 1 1 ? 0.760  -4.969 -3.983 1.00 0.33 ? 5 DT B "H2'"  6 
ATOM 1415 H "H2''" . DT B 1 1 ? 0.390  -4.412 -2.315 1.00 0.27 ? 5 DT B "H2''" 6 
ATOM 1416 H "H1'"  . DT B 1 1 ? 2.667  -4.055 -1.823 1.00 0.30 ? 5 DT B "H1'"  6 
ATOM 1417 H H3     . DT B 1 1 ? 3.570  -0.361 -3.956 1.00 0.19 ? 5 DT B H3     6 
ATOM 1418 H H71    . DT B 1 1 ? 3.811  -4.042 -7.669 1.00 0.73 ? 5 DT B H71    6 
ATOM 1419 H H72    . DT B 1 1 ? 2.083  -3.597 -7.790 1.00 0.68 ? 5 DT B H72    6 
ATOM 1420 H H73    . DT B 1 1 ? 3.346  -2.378 -8.124 1.00 0.74 ? 5 DT B H73    6 
ATOM 1421 H H6     . DT B 1 1 ? 2.531  -4.809 -5.422 1.00 0.41 ? 5 DT B H6     6 
ATOM 1422 H "HO5'" . DT B 1 1 ? 1.794  -9.038 -1.925 1.00 0.56 ? 5 DT B "HO5'" 6 
ATOM 1423 P P      . DC B 1 2 ? -0.313 -7.982 -0.797 1.00 0.43 ? 6 DC B P      6 
ATOM 1424 O OP1    . DC B 1 2 ? 0.700  -9.059 -0.838 1.00 0.62 ? 6 DC B OP1    6 
ATOM 1425 O OP2    . DC B 1 2 ? -1.496 -8.063 -1.683 1.00 0.62 ? 6 DC B OP2    6 
ATOM 1426 O "O5'"  . DC B 1 2 ? -0.854 -7.826 0.711  1.00 0.38 ? 6 DC B "O5'"  6 
ATOM 1427 C "C5'"  . DC B 1 2 ? -0.014 -7.645 1.857  1.00 0.37 ? 6 DC B "C5'"  6 
ATOM 1428 C "C4'"  . DC B 1 2 ? -0.391 -6.335 2.574  1.00 0.30 ? 6 DC B "C4'"  6 
ATOM 1429 O "O4'"  . DC B 1 2 ? -0.258 -5.223 1.686  1.00 0.28 ? 6 DC B "O4'"  6 
ATOM 1430 C "C3'"  . DC B 1 2 ? -1.814 -6.189 3.179  1.00 0.25 ? 6 DC B "C3'"  6 
ATOM 1431 O "O3'"  . DC B 1 2 ? -1.611 -5.772 4.541  1.00 0.32 ? 6 DC B "O3'"  6 
ATOM 1432 C "C2'"  . DC B 1 2 ? -2.523 -5.102 2.330  1.00 0.21 ? 6 DC B "C2'"  6 
ATOM 1433 C "C1'"  . DC B 1 2 ? -1.283 -4.271 1.986  1.00 0.22 ? 6 DC B "C1'"  6 
ATOM 1434 N N1     . DC B 1 2 ? -1.330 -3.431 0.771  1.00 0.20 ? 6 DC B N1     6 
ATOM 1435 C C2     . DC B 1 2 ? -0.744 -2.186 0.871  1.00 0.24 ? 6 DC B C2     6 
ATOM 1436 O O2     . DC B 1 2 ? -0.277 -1.784 1.929  1.00 0.30 ? 6 DC B O2     6 
ATOM 1437 N N3     . DC B 1 2 ? -0.688 -1.401 -0.226 1.00 0.24 ? 6 DC B N3     6 
ATOM 1438 C C4     . DC B 1 2 ? -1.179 -1.808 -1.384 1.00 0.19 ? 6 DC B C4     6 
ATOM 1439 N N4     . DC B 1 2 ? -1.049 -1.018 -2.442 1.00 0.20 ? 6 DC B N4     6 
ATOM 1440 C C5     . DC B 1 2 ? -1.795 -3.075 -1.512 1.00 0.19 ? 6 DC B C5     6 
ATOM 1441 C C6     . DC B 1 2 ? -1.858 -3.865 -0.417 1.00 0.19 ? 6 DC B C6     6 
ATOM 1442 H "H5'"  . DC B 1 2 ? 1.029  -7.579 1.547  1.00 0.46 ? 6 DC B "H5'"  6 
ATOM 1443 H "H5''" . DC B 1 2 ? -0.091 -8.511 2.514  1.00 0.43 ? 6 DC B "H5''" 6 
ATOM 1444 H "H4'"  . DC B 1 2 ? 0.308  -6.209 3.402  1.00 0.38 ? 6 DC B "H4'"  6 
ATOM 1445 H "H3'"  . DC B 1 2 ? -2.340 -7.144 3.160  1.00 0.28 ? 6 DC B "H3'"  6 
ATOM 1446 H "H2'"  . DC B 1 2 ? -3.074 -5.484 1.468  1.00 0.24 ? 6 DC B "H2'"  6 
ATOM 1447 H "H2''" . DC B 1 2 ? -3.271 -4.536 2.885  1.00 0.21 ? 6 DC B "H2''" 6 
ATOM 1448 H "H1'"  . DC B 1 2 ? -0.946 -3.674 2.833  1.00 0.27 ? 6 DC B "H1'"  6 
ATOM 1449 H H41    . DC B 1 2 ? -0.618 -0.104 -2.316 1.00 0.21 ? 6 DC B H41    6 
ATOM 1450 H H42    . DC B 1 2 ? -1.343 -1.301 -3.362 1.00 0.27 ? 6 DC B H42    6 
ATOM 1451 H H5     . DC B 1 2 ? -2.169 -3.323 -2.505 1.00 0.24 ? 6 DC B H5     6 
ATOM 1452 H H6     . DC B 1 2 ? -2.345 -4.838 -0.478 1.00 0.22 ? 6 DC B H6     6 
ATOM 1453 P P      . DG B 1 3 ? -2.772 -5.430 5.614  1.00 0.29 ? 7 DG B P      6 
ATOM 1454 O OP1    . DG B 1 3 ? -2.205 -5.597 6.972  1.00 0.41 ? 7 DG B OP1    6 
ATOM 1455 O OP2    . DG B 1 3 ? -4.004 -6.160 5.239  1.00 0.32 ? 7 DG B OP2    6 
ATOM 1456 O "O5'"  . DG B 1 3 ? -3.018 -3.855 5.343  1.00 0.27 ? 7 DG B "O5'"  6 
ATOM 1457 C "C5'"  . DG B 1 3 ? -2.020 -2.850 5.607  1.00 0.25 ? 7 DG B "C5'"  6 
ATOM 1458 C "C4'"  . DG B 1 3 ? -2.408 -1.479 4.958  1.00 0.23 ? 7 DG B "C4'"  6 
ATOM 1459 O "O4'"  . DG B 1 3 ? -2.536 -1.566 3.518  1.00 0.21 ? 7 DG B "O4'"  6 
ATOM 1460 C "C3'"  . DG B 1 3 ? -3.781 -0.903 5.399  1.00 0.25 ? 7 DG B "C3'"  6 
ATOM 1461 O "O3'"  . DG B 1 3 ? -3.522 0.462  5.694  1.00 0.27 ? 7 DG B "O3'"  6 
ATOM 1462 C "C2'"  . DG B 1 3 ? -4.682 -0.910 4.148  1.00 0.20 ? 7 DG B "C2'"  6 
ATOM 1463 C "C1'"  . DG B 1 3 ? -3.609 -0.716 3.078  1.00 0.17 ? 7 DG B "C1'"  6 
ATOM 1464 N N9     . DG B 1 3 ? -4.121 -1.085 1.748  1.00 0.16 ? 7 DG B N9     6 
ATOM 1465 C C8     . DG B 1 3 ? -4.989 -2.086 1.394  1.00 0.19 ? 7 DG B C8     6 
ATOM 1466 N N7     . DG B 1 3 ? -5.268 -2.117 0.119  1.00 0.22 ? 7 DG B N7     6 
ATOM 1467 C C5     . DG B 1 3 ? -4.529 -1.059 -0.408 1.00 0.18 ? 7 DG B C5     6 
ATOM 1468 C C6     . DG B 1 3 ? -4.424 -0.591 -1.746 1.00 0.21 ? 7 DG B C6     6 
ATOM 1469 O O6     . DG B 1 3 ? -4.960 -1.010 -2.767 1.00 0.27 ? 7 DG B O6     6 
ATOM 1470 N N1     . DG B 1 3 ? -3.579 0.490  -1.836 1.00 0.20 ? 7 DG B N1     6 
ATOM 1471 C C2     . DG B 1 3 ? -2.907 1.063  -0.787 1.00 0.17 ? 7 DG B C2     6 
ATOM 1472 N N2     . DG B 1 3 ? -2.131 2.088  -1.104 1.00 0.19 ? 7 DG B N2     6 
ATOM 1473 N N3     . DG B 1 3 ? -2.991 0.640  0.477  1.00 0.16 ? 7 DG B N3     6 
ATOM 1474 C C4     . DG B 1 3 ? -3.824 -0.427 0.585  1.00 0.15 ? 7 DG B C4     6 
ATOM 1475 H "H5'"  . DG B 1 3 ? -1.059 -3.204 5.232  1.00 0.28 ? 7 DG B "H5'"  6 
ATOM 1476 H "H5''" . DG B 1 3 ? -1.867 -2.787 6.683  1.00 0.30 ? 7 DG B "H5''" 6 
ATOM 1477 H "H4'"  . DG B 1 3 ? -1.673 -0.731 5.255  1.00 0.24 ? 7 DG B "H4'"  6 
ATOM 1478 H "H3'"  . DG B 1 3 ? -4.231 -1.433 6.237  1.00 0.29 ? 7 DG B "H3'"  6 
ATOM 1479 H "H2'"  . DG B 1 3 ? -5.242 -1.836 4.020  1.00 0.23 ? 7 DG B "H2'"  6 
ATOM 1480 H "H2''" . DG B 1 3 ? -5.413 -0.102 4.129  1.00 0.23 ? 7 DG B "H2''" 6 
ATOM 1481 H "H1'"  . DG B 1 3 ? -3.358 0.342  3.000  1.00 0.17 ? 7 DG B "H1'"  6 
ATOM 1482 H H8     . DG B 1 3 ? -5.396 -2.788 2.122  1.00 0.20 ? 7 DG B H8     6 
ATOM 1483 H H1     . DG B 1 3 ? -3.478 0.867  -2.760 1.00 0.23 ? 7 DG B H1     6 
ATOM 1484 H H21    . DG B 1 3 ? -2.181 2.518  -2.013 1.00 0.29 ? 7 DG B H21    6 
ATOM 1485 H H22    . DG B 1 3 ? -1.477 2.446  -0.433 1.00 0.21 ? 7 DG B H22    6 
ATOM 1486 P P      . DA B 1 4 ? -4.417 1.334  6.690  1.00 0.27 ? 8 DA B P      6 
ATOM 1487 O OP1    . DA B 1 4 ? -4.934 0.474  7.777  1.00 0.37 ? 8 DA B OP1    6 
ATOM 1488 O OP2    . DA B 1 4 ? -5.333 2.157  5.867  1.00 0.32 ? 8 DA B OP2    6 
ATOM 1489 O "O5'"  . DA B 1 4 ? -3.233 2.255  7.259  1.00 0.34 ? 8 DA B "O5'"  6 
ATOM 1490 C "C5'"  . DA B 1 4 ? -2.020 1.657  7.752  1.00 0.35 ? 8 DA B "C5'"  6 
ATOM 1491 C "C4'"  . DA B 1 4 ? -0.838 2.594  7.589  1.00 0.38 ? 8 DA B "C4'"  6 
ATOM 1492 O "O4'"  . DA B 1 4 ? -0.521 2.849  6.215  1.00 0.36 ? 8 DA B "O4'"  6 
ATOM 1493 C "C3'"  . DA B 1 4 ? -0.916 3.979  8.273  1.00 0.45 ? 8 DA B "C3'"  6 
ATOM 1494 O "O3'"  . DA B 1 4 ? 0.360  4.387  8.777  1.00 0.58 ? 8 DA B "O3'"  6 
ATOM 1495 C "C2'"  . DA B 1 4 ? -1.336 4.915  7.106  1.00 0.42 ? 8 DA B "C2'"  6 
ATOM 1496 C "C1'"  . DA B 1 4 ? -0.565 4.263  5.964  1.00 0.37 ? 8 DA B "C1'"  6 
ATOM 1497 N N9     . DA B 1 4 ? -1.335 4.431  4.727  1.00 0.30 ? 8 DA B N9     6 
ATOM 1498 C C8     . DA B 1 4 ? -2.342 3.653  4.260  1.00 0.23 ? 8 DA B C8     6 
ATOM 1499 N N7     . DA B 1 4 ? -2.823 4.015  3.099  1.00 0.19 ? 8 DA B N7     6 
ATOM 1500 C C5     . DA B 1 4 ? -2.051 5.141  2.791  1.00 0.24 ? 8 DA B C5     6 
ATOM 1501 C C6     . DA B 1 4 ? -2.028 6.024  1.698  1.00 0.27 ? 8 DA B C6     6 
ATOM 1502 N N6     . DA B 1 4 ? -2.824 5.884  0.642  1.00 0.24 ? 8 DA B N6     6 
ATOM 1503 N N1     . DA B 1 4 ? -1.132 7.026  1.739  1.00 0.38 ? 8 DA B N1     6 
ATOM 1504 C C2     . DA B 1 4 ? -0.317 7.139  2.788  1.00 0.45 ? 8 DA B C2     6 
ATOM 1505 N N3     . DA B 1 4 ? -0.243 6.376  3.857  1.00 0.44 ? 8 DA B N3     6 
ATOM 1506 C C4     . DA B 1 4 ? -1.150 5.388  3.787  1.00 0.32 ? 8 DA B C4     6 
ATOM 1507 H "H5'"  . DA B 1 4 ? -1.736 0.730  7.252  1.00 0.33 ? 8 DA B "H5'"  6 
ATOM 1508 H "H5''" . DA B 1 4 ? -2.124 1.254  8.759  1.00 0.40 ? 8 DA B "H5''" 6 
ATOM 1509 H "H4'"  . DA B 1 4 ? -0.043 1.972  8.000  1.00 0.41 ? 8 DA B "H4'"  6 
ATOM 1510 H "H3'"  . DA B 1 4 ? -1.639 3.899  9.085  1.00 0.49 ? 8 DA B "H3'"  6 
ATOM 1511 H "HO3'" . DA B 1 4 ? 0.251  5.251  9.181  1.00 0.67 ? 8 DA B "HO3'" 6 
ATOM 1512 H "H2'"  . DA B 1 4 ? -2.407 4.930  6.905  1.00 0.42 ? 8 DA B "H2'"  6 
ATOM 1513 H "H2''" . DA B 1 4 ? -0.978 5.944  7.156  1.00 0.48 ? 8 DA B "H2''" 6 
ATOM 1514 H "H1'"  . DA B 1 4 ? 0.429  4.688  5.817  1.00 0.44 ? 8 DA B "H1'"  6 
ATOM 1515 H H8     . DA B 1 4 ? -2.673 2.822  4.884  1.00 0.24 ? 8 DA B H8     6 
ATOM 1516 H H61    . DA B 1 4 ? -2.905 6.592  -0.076 1.00 0.29 ? 8 DA B H61    6 
ATOM 1517 H H62    . DA B 1 4 ? -3.359 5.045  0.547  1.00 0.19 ? 8 DA B H62    6 
ATOM 1518 H H2     . DA B 1 4 ? 0.404  7.955  2.844  1.00 0.57 ? 8 DA B H2     6 
# 
